data_6V7F
#
_entry.id   6V7F
#
_cell.length_a   53.510
_cell.length_b   285.560
_cell.length_c   67.160
_cell.angle_alpha   90.000
_cell.angle_beta   90.040
_cell.angle_gamma   90.000
#
_symmetry.space_group_name_H-M   'P 1 21 1'
#
loop_
_entity.id
_entity.type
_entity.pdbx_description
1 polymer Arginase-1
2 non-polymer 'MANGANESE (II) ION'
3 non-polymer {3-[(5R,7S,8S)-8-azaniumyl-8-carboxy-2-azaspiro[4.4]nonan-2-ium-7-yl]propyl}(trihydroxy)borate(1-)
4 water water
#
_entity_poly.entity_id   1
_entity_poly.type   'polypeptide(L)'
_entity_poly.pdbx_seq_one_letter_code
;MSAKSRTIGIIGAPFSKGQPRGGVEEGPTVLRKAGLLEKLKEQECDVKDYGDLPFADIPNDSPFQIVKNPRSVGKASEQL
AGKVAEVKKNGRISLVLGGDHSLAIGSISGHARVHPDLGVIWVDAHTDINTPLTTTSGNLHGQPVSFLLKELKGKIPDVP
GFSWVTPCISAKDIVYIGLRDVDPGEHYILKTLGIKYFSMTEVDRLGIGKVMEETLSYLLGRKKRPIHLSFDVDGLDPSF
TPATGTPVVGGLTYREGLYITEEIYKTGLLSGLDIMEVNPSLGKTPEEVTRTVNTAVAITLACFGLAREGNHKPIDYLNP
PK
;
_entity_poly.pdbx_strand_id   A,B,C,D,E,F
#
loop_
_chem_comp.id
_chem_comp.type
_chem_comp.name
_chem_comp.formula
MN non-polymer 'MANGANESE (II) ION' 'Mn 2'
QRJ non-polymer {3-[(5R,7S,8S)-8-azaniumyl-8-carboxy-2-azaspiro[4.4]nonan-2-ium-7-yl]propyl}(trihydroxy)borate(1-) 'C12 H26 B N2 O5 1'
#
# COMPACT_ATOMS: atom_id res chain seq x y z
N SER A 2 31.46 -7.56 41.15
CA SER A 2 30.51 -6.64 40.59
C SER A 2 29.53 -7.33 39.65
N ALA A 3 28.36 -6.69 39.44
CA ALA A 3 27.34 -7.22 38.54
C ALA A 3 27.84 -7.18 37.10
N LYS A 4 27.31 -8.04 36.21
CA LYS A 4 27.68 -8.07 34.79
C LYS A 4 27.58 -6.66 34.16
N SER A 5 26.50 -5.91 34.46
CA SER A 5 26.28 -4.53 34.01
C SER A 5 27.31 -3.52 34.60
N ARG A 6 28.08 -3.95 35.61
CA ARG A 6 29.11 -3.13 36.24
C ARG A 6 30.55 -3.73 36.16
N THR A 7 30.79 -4.65 35.18
CA THR A 7 32.11 -5.27 34.97
C THR A 7 32.57 -4.78 33.61
N ILE A 8 33.62 -3.96 33.62
CA ILE A 8 34.10 -3.26 32.43
C ILE A 8 35.56 -3.59 32.06
N GLY A 9 35.79 -3.67 30.76
CA GLY A 9 37.09 -3.80 30.12
C GLY A 9 37.33 -2.53 29.35
N ILE A 10 38.24 -1.66 29.86
CA ILE A 10 38.56 -0.37 29.24
C ILE A 10 39.64 -0.50 28.18
N ILE A 11 39.34 0.02 26.98
CA ILE A 11 40.26 0.05 25.84
C ILE A 11 40.43 1.50 25.38
N GLY A 12 41.68 1.94 25.37
CA GLY A 12 42.07 3.25 24.86
C GLY A 12 42.34 3.16 23.37
N ALA A 13 41.65 4.01 22.58
CA ALA A 13 41.85 4.00 21.12
C ALA A 13 42.31 5.39 20.61
N PRO A 14 43.59 5.77 20.85
CA PRO A 14 44.07 7.09 20.40
C PRO A 14 44.29 7.17 18.90
N PHE A 15 43.20 7.31 18.12
CA PHE A 15 43.23 7.34 16.66
C PHE A 15 42.46 8.51 16.06
N SER A 16 43.05 9.20 15.07
CA SER A 16 42.47 10.38 14.43
C SER A 16 42.35 10.34 12.90
N LYS A 17 43.06 9.43 12.22
CA LYS A 17 43.12 9.39 10.76
C LYS A 17 41.79 9.01 10.03
N GLY A 18 40.69 8.80 10.78
CA GLY A 18 39.37 8.61 10.20
C GLY A 18 38.80 9.98 9.77
N GLN A 19 39.42 11.08 10.25
CA GLN A 19 39.05 12.46 9.91
C GLN A 19 40.28 13.44 9.81
N PRO A 20 40.12 14.68 9.28
CA PRO A 20 41.30 15.55 9.11
C PRO A 20 41.70 16.45 10.28
N ARG A 21 40.85 16.57 11.32
CA ARG A 21 41.15 17.43 12.47
C ARG A 21 41.96 16.74 13.57
N GLY A 22 43.15 17.27 13.84
CA GLY A 22 44.04 16.76 14.88
C GLY A 22 43.54 17.03 16.29
N GLY A 23 43.86 16.13 17.20
CA GLY A 23 43.51 16.24 18.63
C GLY A 23 42.59 15.18 19.20
N VAL A 24 41.79 14.52 18.34
CA VAL A 24 40.80 13.50 18.74
C VAL A 24 41.51 12.23 19.29
N GLU A 25 42.79 12.05 18.94
CA GLU A 25 43.64 10.97 19.44
C GLU A 25 43.98 11.20 20.95
N GLU A 26 43.79 12.41 21.46
CA GLU A 26 44.02 12.78 22.86
C GLU A 26 42.80 12.52 23.75
N GLY A 27 41.69 12.10 23.14
CA GLY A 27 40.44 11.72 23.80
C GLY A 27 40.64 10.72 24.92
N PRO A 28 41.31 9.55 24.69
CA PRO A 28 41.55 8.62 25.83
C PRO A 28 42.32 9.25 26.99
N THR A 29 43.34 10.10 26.68
CA THR A 29 44.18 10.81 27.64
C THR A 29 43.39 11.80 28.51
N VAL A 30 42.51 12.61 27.90
CA VAL A 30 41.72 13.61 28.64
C VAL A 30 40.58 12.99 29.47
N LEU A 31 39.98 11.88 28.97
CA LEU A 31 38.92 11.15 29.66
C LEU A 31 39.44 10.45 30.92
N ARG A 32 40.69 9.92 30.86
CA ARG A 32 41.40 9.23 31.95
C ARG A 32 41.83 10.25 33.00
N LYS A 33 42.44 11.40 32.57
CA LYS A 33 42.92 12.47 33.43
C LYS A 33 41.76 13.03 34.26
N ALA A 34 40.54 13.02 33.67
CA ALA A 34 39.31 13.46 34.33
C ALA A 34 38.86 12.49 35.43
N GLY A 35 39.56 11.36 35.57
CA GLY A 35 39.34 10.36 36.60
C GLY A 35 38.24 9.36 36.34
N LEU A 36 38.00 9.01 35.06
CA LEU A 36 36.96 8.06 34.64
C LEU A 36 37.04 6.69 35.32
N LEU A 37 38.24 6.08 35.34
CA LEU A 37 38.48 4.76 35.94
C LEU A 37 38.20 4.75 37.44
N GLU A 38 38.65 5.80 38.15
CA GLU A 38 38.48 6.00 39.58
C GLU A 38 37.00 6.20 39.92
N LYS A 39 36.28 7.06 39.14
CA LYS A 39 34.86 7.35 39.35
C LYS A 39 33.99 6.12 39.11
N LEU A 40 34.38 5.26 38.15
CA LEU A 40 33.66 4.02 37.87
C LEU A 40 33.85 3.02 39.03
N LYS A 41 35.07 2.92 39.60
CA LYS A 41 35.36 2.04 40.75
C LYS A 41 34.64 2.51 42.01
N GLU A 42 34.36 3.84 42.09
CA GLU A 42 33.61 4.48 43.18
C GLU A 42 32.12 4.12 43.13
N GLN A 43 31.60 3.72 41.96
CA GLN A 43 30.19 3.32 41.84
C GLN A 43 30.04 1.79 41.71
N GLU A 44 30.90 1.07 42.49
CA GLU A 44 30.97 -0.38 42.64
C GLU A 44 31.17 -1.14 41.30
N CYS A 45 32.00 -0.59 40.40
CA CYS A 45 32.34 -1.25 39.12
C CYS A 45 33.63 -2.05 39.24
N ASP A 46 33.70 -3.21 38.55
CA ASP A 46 34.93 -4.03 38.47
C ASP A 46 35.56 -3.53 37.21
N VAL A 47 36.60 -2.69 37.35
CA VAL A 47 37.27 -2.08 36.21
C VAL A 47 38.63 -2.74 35.95
N LYS A 48 38.84 -3.21 34.70
CA LYS A 48 40.10 -3.73 34.21
C LYS A 48 40.48 -2.85 33.02
N ASP A 49 41.69 -2.28 33.07
CA ASP A 49 42.25 -1.42 32.04
C ASP A 49 43.19 -2.20 31.12
N TYR A 50 42.80 -2.35 29.85
CA TYR A 50 43.60 -3.06 28.84
C TYR A 50 44.57 -2.11 28.13
N GLY A 51 44.66 -0.88 28.63
CA GLY A 51 45.55 0.18 28.16
C GLY A 51 45.11 0.87 26.88
N ASP A 52 46.02 1.68 26.32
CA ASP A 52 45.84 2.41 25.06
C ASP A 52 46.51 1.64 23.94
N LEU A 53 45.73 1.35 22.88
CA LEU A 53 46.26 0.62 21.73
C LEU A 53 47.30 1.45 21.00
N PRO A 54 48.46 0.87 20.63
CA PRO A 54 49.45 1.66 19.88
C PRO A 54 49.09 1.65 18.40
N PHE A 55 48.92 2.84 17.82
CA PHE A 55 48.56 2.89 16.41
C PHE A 55 49.74 3.31 15.54
N ALA A 56 50.53 2.29 15.12
CA ALA A 56 51.72 2.41 14.28
C ALA A 56 51.47 3.17 13.00
N ASP A 57 52.41 4.05 12.64
CA ASP A 57 52.34 4.86 11.42
C ASP A 57 52.44 4.01 10.16
N ILE A 58 51.63 4.37 9.15
CA ILE A 58 51.61 3.77 7.82
C ILE A 58 51.95 4.95 6.90
N PRO A 59 53.27 5.13 6.60
CA PRO A 59 53.70 6.32 5.82
C PRO A 59 53.17 6.43 4.40
N ASN A 60 53.15 5.35 3.60
CA ASN A 60 52.65 5.42 2.23
C ASN A 60 51.20 4.94 2.15
N ASP A 61 50.31 5.62 2.87
CA ASP A 61 48.89 5.25 2.89
C ASP A 61 48.06 6.10 1.93
N SER A 62 48.33 5.90 0.62
CA SER A 62 47.70 6.56 -0.53
C SER A 62 46.17 6.44 -0.47
N PRO A 63 45.40 7.45 -0.93
CA PRO A 63 43.93 7.36 -0.79
C PRO A 63 43.28 6.39 -1.77
N PHE A 64 42.18 5.74 -1.34
CA PHE A 64 41.40 4.88 -2.22
C PHE A 64 40.37 5.86 -2.80
N GLN A 65 40.59 6.31 -4.06
CA GLN A 65 39.77 7.32 -4.73
C GLN A 65 39.86 8.65 -3.93
N ILE A 66 38.81 9.05 -3.20
CA ILE A 66 38.80 10.27 -2.37
C ILE A 66 38.96 9.91 -0.86
N VAL A 67 38.79 8.61 -0.53
CA VAL A 67 38.84 8.03 0.82
C VAL A 67 40.26 8.14 1.38
N LYS A 68 40.44 9.01 2.39
CA LYS A 68 41.73 9.33 3.03
C LYS A 68 42.14 8.31 4.09
N ASN A 69 43.45 8.01 4.11
CA ASN A 69 44.12 7.08 5.03
C ASN A 69 43.39 5.72 5.15
N PRO A 70 43.14 4.95 4.04
CA PRO A 70 42.39 3.70 4.18
C PRO A 70 43.06 2.59 4.99
N ARG A 71 44.37 2.36 4.79
CA ARG A 71 45.13 1.32 5.49
C ARG A 71 45.26 1.63 6.96
N SER A 72 45.48 2.91 7.32
CA SER A 72 45.60 3.38 8.72
C SER A 72 44.30 3.13 9.50
N VAL A 73 43.16 3.55 8.91
CA VAL A 73 41.81 3.36 9.49
C VAL A 73 41.48 1.86 9.54
N GLY A 74 41.82 1.14 8.48
CA GLY A 74 41.59 -0.28 8.36
C GLY A 74 42.33 -1.09 9.42
N LYS A 75 43.65 -0.81 9.62
CA LYS A 75 44.50 -1.50 10.61
C LYS A 75 44.15 -1.17 12.05
N ALA A 76 43.81 0.11 12.33
CA ALA A 76 43.43 0.53 13.67
C ALA A 76 42.17 -0.24 14.12
N SER A 77 41.18 -0.37 13.21
CA SER A 77 39.94 -1.08 13.49
C SER A 77 40.23 -2.55 13.68
N GLU A 78 41.06 -3.15 12.78
CA GLU A 78 41.44 -4.56 12.86
C GLU A 78 42.03 -4.88 14.24
N GLN A 79 42.91 -4.00 14.76
CA GLN A 79 43.53 -4.09 16.10
C GLN A 79 42.46 -3.98 17.19
N LEU A 80 41.53 -3.02 17.04
CA LEU A 80 40.45 -2.79 18.00
C LEU A 80 39.50 -3.98 18.08
N ALA A 81 39.18 -4.58 16.91
CA ALA A 81 38.33 -5.77 16.82
C ALA A 81 38.90 -6.93 17.64
N GLY A 82 40.21 -7.19 17.50
CA GLY A 82 40.92 -8.21 18.26
C GLY A 82 40.87 -7.97 19.76
N LYS A 83 41.10 -6.71 20.17
CA LYS A 83 41.08 -6.29 21.58
C LYS A 83 39.67 -6.33 22.21
N VAL A 84 38.63 -5.89 21.45
CA VAL A 84 37.23 -5.89 21.91
C VAL A 84 36.77 -7.33 22.16
N ALA A 85 37.11 -8.25 21.23
CA ALA A 85 36.79 -9.68 21.29
C ALA A 85 37.43 -10.32 22.52
N GLU A 86 38.69 -9.93 22.82
CA GLU A 86 39.45 -10.41 23.97
C GLU A 86 38.75 -9.98 25.26
N VAL A 87 38.31 -8.70 25.32
CA VAL A 87 37.60 -8.11 26.47
C VAL A 87 36.25 -8.83 26.66
N LYS A 88 35.53 -9.07 25.55
CA LYS A 88 34.23 -9.75 25.56
C LYS A 88 34.31 -11.20 26.04
N LYS A 89 35.39 -11.92 25.67
CA LYS A 89 35.63 -13.31 26.07
C LYS A 89 35.91 -13.42 27.58
N ASN A 90 36.45 -12.34 28.18
CA ASN A 90 36.76 -12.21 29.60
C ASN A 90 35.53 -11.80 30.46
N GLY A 91 34.35 -11.87 29.86
CA GLY A 91 33.08 -11.54 30.51
C GLY A 91 32.96 -10.09 30.94
N ARG A 92 33.44 -9.19 30.10
CA ARG A 92 33.44 -7.76 30.43
C ARG A 92 32.80 -6.93 29.35
N ILE A 93 32.22 -5.81 29.77
CA ILE A 93 31.62 -4.85 28.85
C ILE A 93 32.80 -4.05 28.29
N SER A 94 32.98 -4.05 26.96
CA SER A 94 34.06 -3.30 26.33
C SER A 94 33.74 -1.80 26.32
N LEU A 95 34.65 -0.98 26.87
CA LEU A 95 34.53 0.48 26.94
C LEU A 95 35.64 1.10 26.11
N VAL A 96 35.30 1.43 24.86
CA VAL A 96 36.21 2.03 23.90
C VAL A 96 36.22 3.54 24.06
N LEU A 97 37.41 4.09 24.39
CA LEU A 97 37.62 5.52 24.51
C LEU A 97 38.27 6.00 23.23
N GLY A 98 37.52 6.77 22.45
CA GLY A 98 37.99 7.31 21.19
C GLY A 98 38.62 8.69 21.34
N GLY A 99 39.17 9.24 20.26
CA GLY A 99 39.21 8.61 18.94
C GLY A 99 38.01 8.90 18.08
N ASP A 100 38.20 8.90 16.75
CA ASP A 100 37.12 9.17 15.80
C ASP A 100 36.22 7.96 15.63
N HIS A 101 35.02 8.16 15.04
CA HIS A 101 34.01 7.13 14.89
C HIS A 101 34.32 5.98 13.91
N SER A 102 35.40 6.09 13.11
CA SER A 102 35.75 4.98 12.20
C SER A 102 36.14 3.72 13.00
N LEU A 103 36.54 3.91 14.27
CA LEU A 103 36.92 2.83 15.19
C LEU A 103 35.71 1.90 15.53
N ALA A 104 34.47 2.35 15.23
CA ALA A 104 33.23 1.59 15.39
C ALA A 104 33.21 0.33 14.51
N ILE A 105 33.91 0.37 13.35
CA ILE A 105 34.08 -0.79 12.47
C ILE A 105 34.72 -1.92 13.31
N GLY A 106 35.81 -1.60 14.01
CA GLY A 106 36.52 -2.53 14.87
C GLY A 106 35.79 -2.88 16.15
N SER A 107 35.20 -1.87 16.81
CA SER A 107 34.45 -2.08 18.06
C SER A 107 33.25 -3.02 17.89
N ILE A 108 32.37 -2.76 16.90
CA ILE A 108 31.18 -3.59 16.64
C ILE A 108 31.59 -4.97 16.09
N SER A 109 32.57 -5.03 15.15
CA SER A 109 33.06 -6.30 14.58
C SER A 109 33.59 -7.21 15.70
N GLY A 110 34.49 -6.68 16.55
CA GLY A 110 35.07 -7.40 17.68
C GLY A 110 34.04 -7.93 18.65
N HIS A 111 32.99 -7.12 18.90
CA HIS A 111 31.88 -7.44 19.79
C HIS A 111 31.00 -8.56 19.19
N ALA A 112 30.67 -8.45 17.89
CA ALA A 112 29.86 -9.44 17.17
C ALA A 112 30.51 -10.83 17.03
N ARG A 113 31.84 -10.91 17.13
CA ARG A 113 32.59 -12.18 17.08
C ARG A 113 32.22 -13.06 18.29
N VAL A 114 31.97 -12.42 19.44
CA VAL A 114 31.61 -13.08 20.70
C VAL A 114 30.06 -13.09 20.89
N HIS A 115 29.39 -12.01 20.46
CA HIS A 115 27.93 -11.88 20.57
C HIS A 115 27.33 -11.50 19.20
N PRO A 116 27.07 -12.49 18.31
CA PRO A 116 26.56 -12.16 16.96
C PRO A 116 25.14 -11.59 16.91
N ASP A 117 24.35 -11.86 17.94
CA ASP A 117 22.95 -11.44 18.12
C ASP A 117 22.81 -10.02 18.72
N LEU A 118 23.92 -9.26 18.81
CA LEU A 118 23.88 -7.93 19.41
C LEU A 118 23.04 -6.91 18.60
N GLY A 119 22.52 -5.91 19.31
CA GLY A 119 21.75 -4.82 18.75
C GLY A 119 22.53 -3.53 18.92
N VAL A 120 22.49 -2.64 17.93
CA VAL A 120 23.24 -1.37 18.00
C VAL A 120 22.34 -0.16 18.26
N ILE A 121 22.69 0.66 19.25
CA ILE A 121 22.08 1.97 19.50
C ILE A 121 23.18 2.96 19.13
N TRP A 122 22.92 3.80 18.11
CA TRP A 122 23.89 4.74 17.58
C TRP A 122 23.43 6.16 17.89
N VAL A 123 23.99 6.76 18.96
CA VAL A 123 23.69 8.14 19.36
C VAL A 123 24.69 9.03 18.62
N ASP A 124 24.17 9.97 17.79
CA ASP A 124 24.98 10.81 16.93
C ASP A 124 24.12 11.83 16.20
N ALA A 125 24.76 12.92 15.74
CA ALA A 125 24.12 13.92 14.90
C ALA A 125 24.17 13.38 13.44
N HIS A 126 25.10 12.44 13.17
CA HIS A 126 25.31 11.88 11.82
C HIS A 126 25.04 10.39 11.73
N THR A 127 24.64 9.91 10.53
CA THR A 127 24.35 8.50 10.29
C THR A 127 25.60 7.65 10.15
N ASP A 128 26.70 8.23 9.59
CA ASP A 128 28.01 7.58 9.37
C ASP A 128 27.83 6.29 8.51
N ILE A 129 26.84 6.32 7.64
CA ILE A 129 26.47 5.19 6.80
C ILE A 129 26.91 5.39 5.33
N ASN A 130 27.65 6.49 5.03
CA ASN A 130 28.16 6.71 3.68
C ASN A 130 29.07 5.55 3.31
N THR A 131 29.07 5.15 2.04
CA THR A 131 29.95 4.07 1.60
C THR A 131 31.20 4.75 1.01
N PRO A 132 32.33 4.03 0.74
CA PRO A 132 33.48 4.71 0.08
C PRO A 132 33.12 5.41 -1.25
N LEU A 133 31.99 5.02 -1.89
CA LEU A 133 31.57 5.58 -3.16
C LEU A 133 30.51 6.71 -3.02
N THR A 134 29.74 6.75 -1.92
CA THR A 134 28.74 7.82 -1.70
C THR A 134 29.38 9.03 -1.00
N THR A 135 30.44 8.81 -0.20
CA THR A 135 31.16 9.87 0.52
C THR A 135 31.65 10.99 -0.40
N THR A 136 31.50 12.25 0.06
CA THR A 136 31.96 13.42 -0.68
C THR A 136 33.20 14.03 -0.02
N SER A 137 33.38 13.78 1.29
CA SER A 137 34.49 14.29 2.08
C SER A 137 35.68 13.34 2.02
N GLY A 138 35.40 12.03 1.91
CA GLY A 138 36.40 10.97 1.88
C GLY A 138 36.92 10.61 3.27
N ASN A 139 36.25 11.13 4.33
CA ASN A 139 36.64 10.90 5.72
C ASN A 139 35.97 9.65 6.25
N LEU A 140 36.80 8.64 6.61
CA LEU A 140 36.31 7.33 7.04
C LEU A 140 35.46 7.35 8.32
N HIS A 141 35.62 8.38 9.22
CA HIS A 141 34.76 8.45 10.41
C HIS A 141 33.26 8.59 10.06
N GLY A 142 32.95 9.02 8.82
CA GLY A 142 31.58 9.14 8.31
C GLY A 142 31.12 8.00 7.41
N GLN A 143 31.75 6.83 7.54
CA GLN A 143 31.44 5.61 6.79
C GLN A 143 31.44 4.31 7.62
N PRO A 144 31.57 4.30 8.99
CA PRO A 144 31.69 3.02 9.69
C PRO A 144 30.53 2.05 9.53
N VAL A 145 29.28 2.56 9.57
CA VAL A 145 28.09 1.71 9.49
C VAL A 145 27.96 0.97 8.13
N SER A 146 28.41 1.60 7.03
CA SER A 146 28.35 0.99 5.71
C SER A 146 29.14 -0.32 5.65
N PHE A 147 30.34 -0.35 6.30
CA PHE A 147 31.21 -1.54 6.35
C PHE A 147 30.63 -2.66 7.22
N LEU A 148 29.76 -2.31 8.18
CA LEU A 148 29.15 -3.23 9.13
C LEU A 148 27.84 -3.89 8.68
N LEU A 149 27.04 -3.20 7.82
CA LEU A 149 25.74 -3.70 7.37
C LEU A 149 25.79 -4.85 6.36
N LYS A 150 25.02 -5.92 6.62
CA LYS A 150 24.92 -7.10 5.75
C LYS A 150 24.24 -6.77 4.42
N GLU A 151 23.25 -5.86 4.45
CA GLU A 151 22.50 -5.41 3.27
C GLU A 151 23.34 -4.61 2.28
N LEU A 152 24.49 -4.03 2.76
CA LEU A 152 25.39 -3.24 1.91
C LEU A 152 26.56 -4.07 1.35
N LYS A 153 26.50 -5.42 1.51
CA LYS A 153 27.48 -6.35 0.94
C LYS A 153 27.28 -6.32 -0.57
N GLY A 154 28.34 -5.99 -1.29
CA GLY A 154 28.34 -5.80 -2.73
C GLY A 154 28.36 -4.33 -3.10
N LYS A 155 28.07 -3.44 -2.12
CA LYS A 155 28.06 -1.99 -2.32
C LYS A 155 29.33 -1.35 -1.77
N ILE A 156 30.11 -2.14 -1.06
CA ILE A 156 31.37 -1.66 -0.53
C ILE A 156 32.46 -2.20 -1.46
N PRO A 157 33.25 -1.32 -2.10
CA PRO A 157 34.32 -1.80 -2.97
C PRO A 157 35.52 -2.31 -2.14
N ASP A 158 36.48 -2.96 -2.81
CA ASP A 158 37.68 -3.48 -2.16
C ASP A 158 38.59 -2.32 -1.74
N VAL A 159 38.42 -1.86 -0.48
CA VAL A 159 39.20 -0.75 0.07
C VAL A 159 40.44 -1.30 0.79
N PRO A 160 41.68 -0.82 0.43
CA PRO A 160 42.88 -1.29 1.14
C PRO A 160 42.80 -1.14 2.65
N GLY A 161 43.12 -2.23 3.35
CA GLY A 161 43.11 -2.31 4.81
C GLY A 161 41.80 -2.81 5.39
N PHE A 162 40.80 -3.10 4.55
CA PHE A 162 39.48 -3.56 5.00
C PHE A 162 39.07 -4.96 4.52
N SER A 163 40.02 -5.78 4.00
CA SER A 163 39.71 -7.14 3.53
C SER A 163 39.33 -8.10 4.68
N TRP A 164 39.75 -7.78 5.92
CA TRP A 164 39.44 -8.55 7.14
C TRP A 164 37.95 -8.39 7.55
N VAL A 165 37.31 -7.28 7.12
CA VAL A 165 35.93 -6.89 7.44
C VAL A 165 34.90 -7.85 6.86
N THR A 166 33.97 -8.27 7.71
CA THR A 166 32.83 -9.11 7.34
C THR A 166 31.60 -8.39 7.91
N PRO A 167 30.59 -8.05 7.07
CA PRO A 167 29.37 -7.41 7.62
C PRO A 167 28.76 -8.30 8.70
N CYS A 168 28.59 -7.74 9.91
CA CYS A 168 28.11 -8.50 11.05
C CYS A 168 26.73 -8.08 11.56
N ILE A 169 26.22 -6.91 11.14
CA ILE A 169 24.91 -6.44 11.59
C ILE A 169 23.94 -6.25 10.42
N SER A 170 22.66 -6.58 10.65
CA SER A 170 21.62 -6.39 9.65
C SER A 170 20.93 -5.05 9.91
N ALA A 171 20.37 -4.43 8.86
CA ALA A 171 19.69 -3.13 8.89
C ALA A 171 18.63 -3.02 9.99
N LYS A 172 17.97 -4.15 10.34
CA LYS A 172 16.93 -4.27 11.37
C LYS A 172 17.50 -4.28 12.81
N ASP A 173 18.83 -4.41 12.95
CA ASP A 173 19.48 -4.50 14.27
C ASP A 173 20.12 -3.21 14.78
N ILE A 174 19.88 -2.09 14.09
CA ILE A 174 20.44 -0.79 14.47
C ILE A 174 19.34 0.27 14.65
N VAL A 175 19.50 1.13 15.68
CA VAL A 175 18.62 2.26 15.94
C VAL A 175 19.47 3.52 16.10
N TYR A 176 19.16 4.55 15.31
CA TYR A 176 19.82 5.85 15.38
C TYR A 176 19.04 6.78 16.30
N ILE A 177 19.78 7.59 17.10
CA ILE A 177 19.22 8.61 17.99
C ILE A 177 20.02 9.93 17.85
N GLY A 178 19.32 11.03 17.58
CA GLY A 178 19.89 12.37 17.53
C GLY A 178 20.21 12.99 16.18
N LEU A 179 19.85 12.30 15.06
CA LEU A 179 20.16 12.72 13.69
C LEU A 179 19.63 14.11 13.31
N ARG A 180 20.50 14.93 12.66
CA ARG A 180 20.20 16.32 12.25
C ARG A 180 21.07 16.85 11.10
N ASP A 181 22.03 16.02 10.62
CA ASP A 181 22.92 16.33 9.50
C ASP A 181 23.31 15.05 8.74
N VAL A 182 22.41 14.65 7.83
CA VAL A 182 22.50 13.42 7.04
C VAL A 182 22.66 13.78 5.54
N ASP A 183 23.66 13.16 4.87
CA ASP A 183 23.95 13.37 3.44
C ASP A 183 22.87 12.75 2.55
N PRO A 184 22.61 13.28 1.32
CA PRO A 184 21.59 12.66 0.44
C PRO A 184 21.73 11.14 0.27
N GLY A 185 22.96 10.67 -0.01
CA GLY A 185 23.27 9.26 -0.16
C GLY A 185 22.91 8.43 1.06
N GLU A 186 23.21 8.97 2.26
CA GLU A 186 22.92 8.36 3.54
C GLU A 186 21.41 8.27 3.79
N HIS A 187 20.66 9.36 3.47
CA HIS A 187 19.20 9.39 3.61
C HIS A 187 18.57 8.33 2.70
N TYR A 188 19.10 8.18 1.46
CA TYR A 188 18.66 7.16 0.51
C TYR A 188 18.83 5.76 1.13
N ILE A 189 20.05 5.45 1.68
CA ILE A 189 20.40 4.17 2.34
C ILE A 189 19.42 3.86 3.47
N LEU A 190 19.21 4.81 4.40
CA LEU A 190 18.26 4.66 5.52
C LEU A 190 16.86 4.26 5.04
N LYS A 191 16.33 4.98 4.02
CA LYS A 191 14.98 4.76 3.53
C LYS A 191 14.83 3.45 2.75
N THR A 192 15.78 3.12 1.84
CA THR A 192 15.75 1.91 1.02
C THR A 192 15.97 0.63 1.84
N LEU A 193 16.77 0.71 2.92
CA LEU A 193 17.04 -0.44 3.79
C LEU A 193 16.03 -0.53 4.93
N GLY A 194 15.29 0.53 5.15
CA GLY A 194 14.27 0.62 6.19
C GLY A 194 14.82 0.53 7.60
N ILE A 195 15.89 1.29 7.86
CA ILE A 195 16.56 1.36 9.17
C ILE A 195 15.70 2.21 10.11
N LYS A 196 15.55 1.76 11.38
CA LYS A 196 14.84 2.49 12.43
C LYS A 196 15.70 3.67 12.88
N TYR A 197 15.10 4.88 12.93
CA TYR A 197 15.80 6.09 13.35
C TYR A 197 14.90 7.07 14.07
N PHE A 198 15.49 7.80 15.00
CA PHE A 198 14.86 8.84 15.75
C PHE A 198 15.74 10.06 15.55
N SER A 199 15.42 10.84 14.50
CA SER A 199 16.16 12.06 14.21
C SER A 199 15.68 13.13 15.22
N MET A 200 16.33 14.32 15.29
CA MET A 200 15.90 15.37 16.22
C MET A 200 14.42 15.72 16.09
N THR A 201 13.87 15.54 14.86
CA THR A 201 12.45 15.72 14.54
C THR A 201 11.61 14.75 15.37
N GLU A 202 11.99 13.45 15.39
CA GLU A 202 11.31 12.40 16.16
C GLU A 202 11.42 12.66 17.67
N VAL A 203 12.63 13.04 18.15
CA VAL A 203 12.88 13.37 19.56
C VAL A 203 11.95 14.53 19.98
N ASP A 204 11.78 15.56 19.11
CA ASP A 204 10.89 16.70 19.37
C ASP A 204 9.43 16.27 19.40
N ARG A 205 9.02 15.43 18.43
CA ARG A 205 7.65 14.93 18.30
C ARG A 205 7.22 14.06 19.50
N LEU A 206 8.02 13.03 19.81
CA LEU A 206 7.71 12.01 20.82
C LEU A 206 8.14 12.31 22.25
N GLY A 207 9.31 12.92 22.40
CA GLY A 207 9.94 13.12 23.70
C GLY A 207 10.90 11.98 23.90
N ILE A 208 11.97 12.18 24.67
CA ILE A 208 13.02 11.16 24.87
C ILE A 208 12.50 9.89 25.63
N GLY A 209 11.41 10.04 26.39
CA GLY A 209 10.79 8.94 27.12
C GLY A 209 10.23 7.92 26.14
N LYS A 210 9.43 8.40 25.17
CA LYS A 210 8.81 7.60 24.10
C LYS A 210 9.89 7.06 23.17
N VAL A 211 10.91 7.89 22.85
CA VAL A 211 12.05 7.51 21.99
C VAL A 211 12.74 6.27 22.56
N MET A 212 13.07 6.29 23.86
CA MET A 212 13.73 5.18 24.54
C MET A 212 12.87 3.93 24.67
N GLU A 213 11.58 4.13 25.02
CA GLU A 213 10.58 3.07 25.14
C GLU A 213 10.48 2.30 23.82
N GLU A 214 10.41 3.04 22.69
CA GLU A 214 10.33 2.49 21.33
C GLU A 214 11.64 1.85 20.88
N THR A 215 12.80 2.49 21.17
CA THR A 215 14.16 1.99 20.85
C THR A 215 14.41 0.62 21.50
N LEU A 216 14.16 0.51 22.82
CA LEU A 216 14.38 -0.73 23.58
C LEU A 216 13.38 -1.86 23.21
N SER A 217 12.11 -1.51 22.90
N SER A 217 12.10 -1.52 22.91
CA SER A 217 11.09 -2.49 22.48
CA SER A 217 11.12 -2.53 22.50
C SER A 217 11.38 -3.03 21.07
C SER A 217 11.38 -3.03 21.06
N TYR A 218 11.91 -2.17 20.18
CA TYR A 218 12.24 -2.50 18.78
C TYR A 218 13.36 -3.54 18.75
N LEU A 219 14.32 -3.41 19.70
CA LEU A 219 15.51 -4.24 19.82
C LEU A 219 15.34 -5.49 20.66
N LEU A 220 14.73 -5.39 21.85
CA LEU A 220 14.58 -6.54 22.75
C LEU A 220 13.20 -7.22 22.78
N GLY A 221 12.20 -6.62 22.14
CA GLY A 221 10.81 -7.10 22.10
C GLY A 221 10.59 -8.60 21.94
N ARG A 222 11.38 -9.25 21.06
CA ARG A 222 11.29 -10.69 20.85
C ARG A 222 11.85 -11.48 22.05
N LYS A 223 12.96 -10.97 22.61
CA LYS A 223 13.69 -11.58 23.72
C LYS A 223 14.91 -10.73 24.01
N LYS A 224 15.47 -10.92 25.18
CA LYS A 224 16.67 -10.21 25.59
C LYS A 224 17.85 -10.60 24.73
N ARG A 225 18.67 -9.62 24.38
CA ARG A 225 19.86 -9.76 23.54
C ARG A 225 20.87 -8.65 23.92
N PRO A 226 22.18 -8.82 23.58
CA PRO A 226 23.18 -7.79 23.93
C PRO A 226 22.96 -6.41 23.30
N ILE A 227 23.31 -5.32 24.03
CA ILE A 227 23.21 -3.96 23.48
C ILE A 227 24.60 -3.34 23.29
N HIS A 228 24.86 -2.79 22.09
CA HIS A 228 26.09 -2.05 21.80
C HIS A 228 25.68 -0.61 21.60
N LEU A 229 26.15 0.25 22.50
CA LEU A 229 25.88 1.67 22.40
C LEU A 229 27.10 2.39 21.81
N SER A 230 26.91 3.00 20.65
CA SER A 230 27.98 3.75 20.01
C SER A 230 27.62 5.22 20.18
N PHE A 231 28.27 5.85 21.15
CA PHE A 231 27.99 7.23 21.52
C PHE A 231 28.99 8.20 20.94
N ASP A 232 28.51 9.02 20.01
CA ASP A 232 29.28 10.10 19.42
C ASP A 232 28.82 11.34 20.16
N VAL A 233 29.78 12.03 20.84
CA VAL A 233 29.50 13.22 21.67
C VAL A 233 28.84 14.38 20.87
N ASP A 234 28.94 14.39 19.52
CA ASP A 234 28.29 15.44 18.74
C ASP A 234 26.77 15.16 18.61
N GLY A 235 26.32 13.99 19.10
CA GLY A 235 24.90 13.66 19.18
C GLY A 235 24.23 14.64 20.12
N LEU A 236 24.98 15.01 21.19
CA LEU A 236 24.56 16.02 22.15
C LEU A 236 24.82 17.41 21.54
N ASP A 237 24.09 18.43 22.02
CA ASP A 237 24.20 19.81 21.54
C ASP A 237 25.57 20.42 21.84
N PRO A 238 26.15 21.25 20.93
CA PRO A 238 27.48 21.87 21.21
C PRO A 238 27.53 22.81 22.42
N SER A 239 26.42 23.02 23.13
CA SER A 239 26.41 23.82 24.35
C SER A 239 26.87 22.94 25.54
N PHE A 240 26.91 21.60 25.34
CA PHE A 240 27.37 20.61 26.33
C PHE A 240 28.67 19.93 25.90
N THR A 241 28.82 19.65 24.59
CA THR A 241 30.02 19.00 24.02
C THR A 241 30.63 19.85 22.86
N PRO A 242 31.10 21.11 23.10
CA PRO A 242 31.66 21.91 21.98
C PRO A 242 32.97 21.39 21.37
N ALA A 243 33.85 20.80 22.20
CA ALA A 243 35.14 20.27 21.78
C ALA A 243 35.00 18.96 21.00
N THR A 244 34.51 19.07 19.76
CA THR A 244 34.26 17.97 18.82
C THR A 244 34.40 18.47 17.38
N GLY A 245 34.78 17.57 16.48
CA GLY A 245 35.07 17.84 15.07
C GLY A 245 33.94 18.34 14.20
N THR A 246 32.76 17.69 14.26
CA THR A 246 31.60 18.07 13.44
C THR A 246 30.39 18.46 14.33
N PRO A 247 30.45 19.63 15.04
CA PRO A 247 29.31 20.01 15.88
C PRO A 247 28.12 20.51 15.05
N VAL A 248 26.90 20.17 15.49
CA VAL A 248 25.64 20.60 14.83
C VAL A 248 24.72 21.13 15.93
N VAL A 249 24.19 22.35 15.74
CA VAL A 249 23.25 23.01 16.68
C VAL A 249 21.92 22.23 16.74
N GLY A 250 21.13 22.47 17.78
CA GLY A 250 19.85 21.83 18.01
C GLY A 250 19.97 20.36 18.39
N GLY A 251 20.94 20.04 19.21
CA GLY A 251 21.19 18.67 19.61
C GLY A 251 20.50 18.18 20.85
N LEU A 252 20.77 16.93 21.21
CA LEU A 252 20.24 16.30 22.41
C LEU A 252 20.79 17.05 23.60
N THR A 253 19.94 17.30 24.60
CA THR A 253 20.35 18.02 25.81
C THR A 253 21.19 17.08 26.70
N TYR A 254 21.80 17.65 27.75
CA TYR A 254 22.60 16.95 28.76
C TYR A 254 21.70 15.89 29.41
N ARG A 255 20.45 16.30 29.70
CA ARG A 255 19.38 15.50 30.30
C ARG A 255 18.96 14.34 29.40
N GLU A 256 18.71 14.59 28.11
CA GLU A 256 18.33 13.57 27.13
C GLU A 256 19.44 12.52 26.99
N GLY A 257 20.70 12.98 26.94
CA GLY A 257 21.87 12.12 26.88
C GLY A 257 21.96 11.19 28.08
N LEU A 258 21.73 11.74 29.28
CA LEU A 258 21.72 10.99 30.53
C LEU A 258 20.52 10.08 30.61
N TYR A 259 19.37 10.49 30.05
CA TYR A 259 18.17 9.67 30.05
C TYR A 259 18.32 8.41 29.18
N ILE A 260 18.93 8.55 27.97
CA ILE A 260 19.19 7.44 27.04
C ILE A 260 20.05 6.37 27.76
N THR A 261 21.19 6.80 28.32
CA THR A 261 22.17 5.96 29.01
C THR A 261 21.62 5.32 30.29
N GLU A 262 20.81 6.06 31.08
CA GLU A 262 20.14 5.56 32.29
C GLU A 262 19.19 4.41 31.93
N GLU A 263 18.43 4.57 30.82
CA GLU A 263 17.49 3.54 30.33
C GLU A 263 18.19 2.27 29.85
N ILE A 264 19.32 2.44 29.12
CA ILE A 264 20.13 1.32 28.63
C ILE A 264 20.74 0.57 29.83
N TYR A 265 21.21 1.30 30.89
CA TYR A 265 21.76 0.67 32.08
C TYR A 265 20.72 -0.24 32.73
N LYS A 266 19.50 0.29 32.94
CA LYS A 266 18.36 -0.38 33.56
C LYS A 266 18.01 -1.74 32.94
N THR A 267 18.26 -1.94 31.61
CA THR A 267 18.01 -3.22 30.93
C THR A 267 19.00 -4.33 31.43
N GLY A 268 20.16 -3.90 31.90
CA GLY A 268 21.24 -4.77 32.35
C GLY A 268 21.87 -5.52 31.19
N LEU A 269 21.61 -5.05 29.95
CA LEU A 269 22.04 -5.70 28.72
C LEU A 269 23.13 -4.95 27.94
N LEU A 270 23.72 -3.87 28.54
CA LEU A 270 24.84 -3.16 27.90
C LEU A 270 26.03 -4.12 27.87
N SER A 271 26.57 -4.34 26.67
CA SER A 271 27.62 -5.30 26.41
C SER A 271 28.85 -4.64 25.73
N GLY A 272 28.61 -3.50 25.07
CA GLY A 272 29.64 -2.74 24.40
C GLY A 272 29.34 -1.26 24.38
N LEU A 273 30.37 -0.43 24.62
CA LEU A 273 30.23 1.02 24.65
C LEU A 273 31.38 1.75 23.96
N ASP A 274 31.04 2.77 23.16
CA ASP A 274 31.98 3.65 22.45
C ASP A 274 31.70 5.07 22.85
N ILE A 275 32.73 5.79 23.36
CA ILE A 275 32.64 7.22 23.71
C ILE A 275 33.56 7.87 22.71
N MET A 276 32.98 8.37 21.61
CA MET A 276 33.75 8.88 20.48
C MET A 276 33.63 10.37 20.21
N GLU A 277 34.62 10.85 19.42
CA GLU A 277 34.78 12.17 18.85
C GLU A 277 35.05 13.29 19.87
N VAL A 278 35.58 12.93 21.06
CA VAL A 278 36.01 13.97 22.03
C VAL A 278 37.35 14.50 21.52
N ASN A 279 37.39 15.77 21.11
CA ASN A 279 38.61 16.41 20.62
C ASN A 279 39.00 17.61 21.50
N PRO A 280 39.97 17.42 22.42
CA PRO A 280 40.40 18.51 23.32
C PRO A 280 41.14 19.68 22.66
N SER A 281 41.49 19.58 21.36
CA SER A 281 42.15 20.69 20.64
C SER A 281 41.11 21.64 20.02
N LEU A 282 39.82 21.29 20.10
CA LEU A 282 38.75 22.07 19.47
C LEU A 282 37.88 22.87 20.46
N GLY A 283 38.42 23.11 21.64
CA GLY A 283 37.75 23.94 22.65
C GLY A 283 38.20 25.36 22.46
N LYS A 284 37.24 26.28 22.18
CA LYS A 284 37.51 27.71 21.97
C LYS A 284 38.17 28.37 23.20
N THR A 285 37.96 27.75 24.38
CA THR A 285 38.49 28.16 25.68
C THR A 285 38.85 26.87 26.43
N PRO A 286 39.76 26.88 27.45
CA PRO A 286 40.03 25.66 28.22
C PRO A 286 38.75 25.08 28.87
N GLU A 287 37.79 25.96 29.22
CA GLU A 287 36.50 25.58 29.81
C GLU A 287 35.63 24.75 28.86
N GLU A 288 35.64 25.08 27.55
CA GLU A 288 34.87 24.33 26.53
C GLU A 288 35.35 22.86 26.42
N VAL A 289 36.65 22.63 26.64
CA VAL A 289 37.29 21.31 26.68
C VAL A 289 36.82 20.57 27.93
N THR A 290 36.95 21.21 29.13
CA THR A 290 36.55 20.66 30.41
C THR A 290 35.06 20.31 30.43
N ARG A 291 34.22 21.16 29.80
CA ARG A 291 32.77 20.98 29.72
C ARG A 291 32.44 19.72 28.90
N THR A 292 33.13 19.51 27.76
CA THR A 292 32.95 18.36 26.87
C THR A 292 33.36 17.04 27.56
N VAL A 293 34.53 17.05 28.23
CA VAL A 293 35.11 15.90 28.94
C VAL A 293 34.19 15.50 30.08
N ASN A 294 33.74 16.48 30.89
CA ASN A 294 32.83 16.25 32.00
C ASN A 294 31.51 15.66 31.53
N THR A 295 30.95 16.18 30.42
CA THR A 295 29.71 15.65 29.83
C THR A 295 29.92 14.20 29.40
N ALA A 296 31.03 13.92 28.68
CA ALA A 296 31.37 12.57 28.21
C ALA A 296 31.57 11.59 29.37
N VAL A 297 32.20 12.06 30.48
CA VAL A 297 32.41 11.28 31.70
C VAL A 297 31.05 10.97 32.36
N ALA A 298 30.14 11.97 32.41
CA ALA A 298 28.80 11.83 33.00
C ALA A 298 27.96 10.81 32.24
N ILE A 299 28.02 10.83 30.89
CA ILE A 299 27.34 9.90 29.98
C ILE A 299 27.78 8.47 30.31
N THR A 300 29.12 8.27 30.43
CA THR A 300 29.80 7.00 30.73
C THR A 300 29.40 6.44 32.09
N LEU A 301 29.36 7.29 33.13
CA LEU A 301 28.96 6.89 34.49
C LEU A 301 27.51 6.39 34.53
N ALA A 302 26.59 7.06 33.80
CA ALA A 302 25.19 6.69 33.67
C ALA A 302 25.02 5.34 33.00
N CYS A 303 25.93 5.00 32.04
CA CYS A 303 25.95 3.71 31.34
C CYS A 303 26.22 2.56 32.31
N PHE A 304 26.93 2.86 33.42
CA PHE A 304 27.30 1.86 34.41
C PHE A 304 26.67 2.06 35.81
N GLY A 305 25.44 2.61 35.84
CA GLY A 305 24.65 2.71 37.06
C GLY A 305 24.35 4.02 37.75
N LEU A 306 25.17 5.06 37.54
CA LEU A 306 24.97 6.35 38.17
C LEU A 306 23.63 6.93 37.74
N ALA A 307 22.70 7.04 38.71
CA ALA A 307 21.35 7.53 38.49
C ALA A 307 21.14 8.88 39.15
N ARG A 308 20.44 9.80 38.44
CA ARG A 308 20.14 11.13 38.95
C ARG A 308 19.26 11.12 40.21
N GLU A 309 18.33 10.13 40.32
CA GLU A 309 17.46 9.96 41.50
C GLU A 309 18.27 9.60 42.78
N GLY A 310 19.49 9.10 42.56
CA GLY A 310 20.41 8.67 43.60
C GLY A 310 20.74 7.20 43.51
N ASN A 311 21.73 6.78 44.29
CA ASN A 311 22.21 5.40 44.38
C ASN A 311 22.57 5.10 45.83
N HIS A 312 22.42 3.84 46.25
CA HIS A 312 22.80 3.39 47.59
C HIS A 312 23.26 1.93 47.60
N LYS A 313 24.20 1.61 48.51
CA LYS A 313 24.76 0.26 48.68
C LYS A 313 23.72 -0.63 49.40
N PRO A 314 23.71 -1.98 49.22
CA PRO A 314 22.72 -2.81 49.91
C PRO A 314 23.02 -3.03 51.41
N ILE A 315 22.93 -1.93 52.19
CA ILE A 315 23.13 -1.83 53.64
C ILE A 315 22.04 -0.90 54.22
N ASP A 316 21.80 -0.99 55.54
CA ASP A 316 20.81 -0.15 56.22
C ASP A 316 21.50 1.14 56.66
N TYR A 317 21.18 2.24 55.97
CA TYR A 317 21.73 3.57 56.24
C TYR A 317 21.17 4.23 57.50
N LEU A 318 19.96 3.83 57.93
CA LEU A 318 19.31 4.37 59.13
C LEU A 318 19.75 3.66 60.42
N ASN A 319 20.47 2.53 60.29
CA ASN A 319 20.98 1.75 61.41
C ASN A 319 22.34 1.14 61.04
N SER B 2 9.90 23.39 -10.28
CA SER B 2 9.97 22.81 -8.93
C SER B 2 8.55 22.60 -8.40
N ALA B 3 8.39 21.81 -7.33
CA ALA B 3 7.08 21.54 -6.75
C ALA B 3 6.51 22.81 -6.15
N LYS B 4 5.18 22.88 -6.01
CA LYS B 4 4.44 24.02 -5.47
C LYS B 4 4.99 24.49 -4.14
N SER B 5 5.21 23.54 -3.20
CA SER B 5 5.75 23.81 -1.86
C SER B 5 7.20 24.34 -1.85
N ARG B 6 7.89 24.33 -3.01
CA ARG B 6 9.25 24.85 -3.10
C ARG B 6 9.42 25.92 -4.20
N THR B 7 8.30 26.52 -4.62
CA THR B 7 8.29 27.62 -5.61
C THR B 7 8.11 28.89 -4.78
N ILE B 8 9.02 29.87 -4.94
CA ILE B 8 9.10 31.03 -4.04
C ILE B 8 9.29 32.38 -4.73
N GLY B 9 8.54 33.36 -4.24
CA GLY B 9 8.60 34.75 -4.64
C GLY B 9 9.04 35.56 -3.43
N ILE B 10 10.32 36.00 -3.46
CA ILE B 10 10.93 36.75 -2.37
C ILE B 10 10.64 38.25 -2.49
N ILE B 11 10.09 38.82 -1.40
CA ILE B 11 9.78 40.25 -1.30
C ILE B 11 10.55 40.80 -0.09
N GLY B 12 11.43 41.76 -0.33
CA GLY B 12 12.12 42.44 0.75
C GLY B 12 11.27 43.62 1.17
N ALA B 13 10.96 43.73 2.46
CA ALA B 13 10.14 44.79 3.04
C ALA B 13 10.95 45.58 4.07
N PRO B 14 11.87 46.48 3.60
CA PRO B 14 12.73 47.24 4.53
C PRO B 14 11.98 48.37 5.21
N PHE B 15 11.20 48.00 6.22
CA PHE B 15 10.35 48.92 6.94
C PHE B 15 10.52 48.82 8.44
N SER B 16 10.56 49.97 9.13
CA SER B 16 10.78 50.03 10.58
C SER B 16 9.78 50.86 11.36
N LYS B 17 9.04 51.79 10.69
CA LYS B 17 8.17 52.74 11.37
C LYS B 17 6.96 52.14 12.11
N GLY B 18 6.85 50.83 12.20
CA GLY B 18 5.82 50.19 13.02
C GLY B 18 6.26 50.22 14.48
N GLN B 19 7.57 50.27 14.71
CA GLN B 19 8.17 50.29 16.04
C GLN B 19 9.25 51.41 16.20
N PRO B 20 9.72 51.73 17.43
CA PRO B 20 10.67 52.87 17.56
C PRO B 20 12.15 52.58 17.36
N ARG B 21 12.57 51.30 17.36
CA ARG B 21 13.98 50.93 17.26
C ARG B 21 14.48 50.84 15.82
N GLY B 22 15.49 51.65 15.49
CA GLY B 22 16.12 51.67 14.17
C GLY B 22 16.96 50.43 13.92
N GLY B 23 16.98 49.98 12.66
CA GLY B 23 17.76 48.82 12.24
C GLY B 23 17.00 47.66 11.65
N VAL B 24 15.69 47.49 12.02
CA VAL B 24 14.85 46.37 11.53
C VAL B 24 14.66 46.42 10.00
N GLU B 25 14.78 47.62 9.40
CA GLU B 25 14.69 47.84 7.96
C GLU B 25 15.88 47.20 7.21
N GLU B 26 16.96 46.86 7.94
CA GLU B 26 18.16 46.19 7.41
C GLU B 26 18.02 44.66 7.38
N GLY B 27 16.90 44.15 7.91
CA GLY B 27 16.55 42.74 7.94
C GLY B 27 16.61 42.08 6.56
N PRO B 28 15.95 42.63 5.50
CA PRO B 28 16.07 42.01 4.16
C PRO B 28 17.54 41.92 3.68
N THR B 29 18.35 42.97 3.93
CA THR B 29 19.76 43.09 3.57
C THR B 29 20.64 42.02 4.23
N VAL B 30 20.47 41.80 5.55
CA VAL B 30 21.28 40.84 6.30
C VAL B 30 20.89 39.39 6.01
N LEU B 31 19.59 39.13 5.74
CA LEU B 31 19.08 37.80 5.41
C LEU B 31 19.58 37.33 4.03
N ARG B 32 19.69 38.28 3.07
CA ARG B 32 20.18 38.05 1.72
C ARG B 32 21.68 37.80 1.72
N LYS B 33 22.43 38.67 2.46
CA LYS B 33 23.90 38.60 2.59
C LYS B 33 24.32 37.27 3.19
N ALA B 34 23.46 36.69 4.05
CA ALA B 34 23.65 35.39 4.67
C ALA B 34 23.49 34.22 3.67
N GLY B 35 23.08 34.55 2.44
CA GLY B 35 22.95 33.60 1.35
C GLY B 35 21.66 32.81 1.30
N LEU B 36 20.54 33.42 1.77
CA LEU B 36 19.21 32.78 1.80
C LEU B 36 18.74 32.26 0.43
N LEU B 37 18.84 33.10 -0.60
CA LEU B 37 18.41 32.77 -1.97
C LEU B 37 19.19 31.59 -2.54
N GLU B 38 20.51 31.59 -2.33
CA GLU B 38 21.44 30.55 -2.77
C GLU B 38 21.16 29.23 -2.08
N LYS B 39 20.98 29.26 -0.72
CA LYS B 39 20.69 28.08 0.10
C LYS B 39 19.35 27.45 -0.25
N LEU B 40 18.35 28.28 -0.62
CA LEU B 40 17.04 27.80 -1.05
C LEU B 40 17.13 27.09 -2.41
N LYS B 41 17.92 27.65 -3.36
CA LYS B 41 18.14 27.07 -4.69
C LYS B 41 18.91 25.75 -4.59
N GLU B 42 19.73 25.59 -3.53
CA GLU B 42 20.50 24.38 -3.22
C GLU B 42 19.58 23.25 -2.75
N GLN B 43 18.38 23.59 -2.24
CA GLN B 43 17.40 22.60 -1.80
C GLN B 43 16.23 22.51 -2.81
N GLU B 44 16.59 22.50 -4.11
CA GLU B 44 15.70 22.32 -5.27
C GLU B 44 14.53 23.32 -5.38
N CYS B 45 14.69 24.55 -4.86
CA CYS B 45 13.65 25.58 -4.91
C CYS B 45 13.72 26.42 -6.17
N ASP B 46 12.55 26.85 -6.66
CA ASP B 46 12.40 27.76 -7.78
C ASP B 46 12.23 29.13 -7.11
N VAL B 47 13.33 29.87 -7.00
CA VAL B 47 13.36 31.18 -6.35
C VAL B 47 13.39 32.32 -7.38
N LYS B 48 12.50 33.31 -7.18
CA LYS B 48 12.39 34.54 -7.96
C LYS B 48 12.40 35.67 -6.94
N ASP B 49 13.29 36.64 -7.14
CA ASP B 49 13.46 37.78 -6.25
C ASP B 49 12.78 39.00 -6.84
N TYR B 50 11.73 39.47 -6.15
CA TYR B 50 10.95 40.64 -6.57
C TYR B 50 11.56 41.95 -6.04
N GLY B 51 12.73 41.82 -5.41
CA GLY B 51 13.53 42.90 -4.85
C GLY B 51 13.00 43.48 -3.55
N ASP B 52 13.53 44.66 -3.19
CA ASP B 52 13.13 45.38 -2.00
C ASP B 52 12.17 46.50 -2.35
N LEU B 53 11.01 46.53 -1.67
CA LEU B 53 10.02 47.57 -1.87
C LEU B 53 10.60 48.93 -1.42
N PRO B 54 10.46 49.99 -2.24
CA PRO B 54 11.06 51.28 -1.89
C PRO B 54 10.56 51.99 -0.64
N PHE B 55 9.23 51.99 -0.30
CA PHE B 55 8.66 52.69 0.87
C PHE B 55 9.10 54.17 0.97
N ALA B 56 8.70 55.00 -0.02
CA ALA B 56 9.01 56.44 -0.08
C ALA B 56 8.54 57.14 1.17
N ASP B 57 9.36 58.11 1.61
CA ASP B 57 9.15 58.86 2.85
C ASP B 57 7.83 59.62 2.90
N ILE B 58 7.21 59.62 4.09
CA ILE B 58 5.99 60.39 4.39
C ILE B 58 6.43 61.31 5.53
N PRO B 59 6.95 62.53 5.21
CA PRO B 59 7.47 63.41 6.28
C PRO B 59 6.38 63.93 7.23
N ASN B 60 5.18 64.19 6.69
CA ASN B 60 4.05 64.63 7.48
C ASN B 60 3.18 63.42 7.87
N ASP B 61 3.52 62.85 9.03
CA ASP B 61 2.83 61.67 9.56
C ASP B 61 2.70 61.76 11.08
N SER B 62 1.82 62.70 11.50
CA SER B 62 1.44 62.99 12.88
C SER B 62 0.76 61.75 13.48
N PRO B 63 0.87 61.51 14.80
CA PRO B 63 0.24 60.31 15.37
C PRO B 63 -1.29 60.36 15.47
N PHE B 64 -1.94 59.19 15.30
CA PHE B 64 -3.39 59.04 15.50
C PHE B 64 -3.48 58.70 16.98
N GLN B 65 -3.85 59.69 17.83
CA GLN B 65 -3.91 59.57 19.29
C GLN B 65 -2.48 59.25 19.80
N ILE B 66 -2.19 58.00 20.23
CA ILE B 66 -0.83 57.60 20.67
C ILE B 66 -0.12 56.74 19.61
N VAL B 67 -0.89 56.28 18.59
CA VAL B 67 -0.45 55.42 17.49
C VAL B 67 0.54 56.17 16.59
N LYS B 68 1.83 55.76 16.61
CA LYS B 68 2.95 56.38 15.88
C LYS B 68 3.05 55.98 14.43
N ASN B 69 3.39 56.94 13.56
CA ASN B 69 3.56 56.82 12.10
C ASN B 69 2.39 56.04 11.43
N PRO B 70 1.10 56.47 11.56
CA PRO B 70 0.01 55.69 10.96
C PRO B 70 0.00 55.60 9.44
N ARG B 71 0.26 56.71 8.73
CA ARG B 71 0.26 56.78 7.26
C ARG B 71 1.39 55.97 6.65
N SER B 72 2.59 56.02 7.28
CA SER B 72 3.78 55.28 6.86
C SER B 72 3.54 53.77 6.96
N VAL B 73 3.03 53.31 8.11
CA VAL B 73 2.70 51.89 8.37
C VAL B 73 1.56 51.45 7.44
N GLY B 74 0.56 52.34 7.27
CA GLY B 74 -0.59 52.12 6.42
C GLY B 74 -0.23 51.92 4.96
N LYS B 75 0.61 52.83 4.40
CA LYS B 75 1.04 52.79 3.01
C LYS B 75 1.99 51.65 2.70
N ALA B 76 2.94 51.35 3.63
CA ALA B 76 3.88 50.25 3.45
C ALA B 76 3.11 48.93 3.32
N SER B 77 2.11 48.73 4.20
CA SER B 77 1.24 47.56 4.20
C SER B 77 0.36 47.48 2.96
N GLU B 78 -0.14 48.64 2.47
CA GLU B 78 -0.95 48.71 1.25
C GLU B 78 -0.11 48.30 0.01
N GLN B 79 1.15 48.72 -0.07
CA GLN B 79 2.04 48.36 -1.18
C GLN B 79 2.50 46.90 -1.08
N LEU B 80 2.71 46.42 0.17
CA LEU B 80 3.08 45.00 0.40
C LEU B 80 1.93 44.11 -0.04
N ALA B 81 0.67 44.49 0.28
CA ALA B 81 -0.52 43.77 -0.16
C ALA B 81 -0.49 43.57 -1.67
N GLY B 82 -0.31 44.67 -2.43
CA GLY B 82 -0.23 44.67 -3.90
C GLY B 82 0.85 43.75 -4.43
N LYS B 83 2.05 43.78 -3.82
CA LYS B 83 3.20 42.95 -4.18
C LYS B 83 2.99 41.46 -3.83
N VAL B 84 2.41 41.17 -2.65
CA VAL B 84 2.12 39.79 -2.19
C VAL B 84 1.10 39.15 -3.15
N ALA B 85 0.02 39.92 -3.51
CA ALA B 85 -1.04 39.51 -4.44
C ALA B 85 -0.45 39.18 -5.83
N GLU B 86 0.52 40.01 -6.30
CA GLU B 86 1.23 39.82 -7.57
C GLU B 86 2.03 38.51 -7.53
N VAL B 87 2.74 38.25 -6.41
CA VAL B 87 3.53 37.03 -6.20
C VAL B 87 2.61 35.82 -6.18
N LYS B 88 1.48 35.92 -5.45
CA LYS B 88 0.46 34.86 -5.33
C LYS B 88 -0.20 34.51 -6.68
N LYS B 89 -0.45 35.50 -7.54
CA LYS B 89 -1.04 35.31 -8.87
C LYS B 89 -0.09 34.57 -9.82
N ASN B 90 1.23 34.72 -9.58
CA ASN B 90 2.32 34.07 -10.33
C ASN B 90 2.58 32.61 -9.87
N GLY B 91 1.70 32.08 -9.02
CA GLY B 91 1.75 30.72 -8.47
C GLY B 91 2.98 30.47 -7.62
N ARG B 92 3.32 31.45 -6.77
CA ARG B 92 4.50 31.39 -5.91
C ARG B 92 4.16 31.64 -4.46
N ILE B 93 4.87 30.98 -3.53
CA ILE B 93 4.73 31.20 -2.10
C ILE B 93 5.42 32.53 -1.83
N SER B 94 4.69 33.50 -1.29
CA SER B 94 5.26 34.81 -0.98
C SER B 94 6.12 34.72 0.27
N LEU B 95 7.40 35.14 0.14
CA LEU B 95 8.38 35.13 1.24
C LEU B 95 8.76 36.56 1.56
N VAL B 96 8.07 37.12 2.57
CA VAL B 96 8.27 38.48 3.02
C VAL B 96 9.40 38.54 4.03
N LEU B 97 10.44 39.30 3.69
CA LEU B 97 11.59 39.52 4.56
C LEU B 97 11.39 40.88 5.20
N GLY B 98 11.14 40.87 6.49
CA GLY B 98 10.95 42.08 7.28
C GLY B 98 12.24 42.58 7.87
N GLY B 99 12.20 43.74 8.54
CA GLY B 99 10.99 44.53 8.72
C GLY B 99 10.19 44.18 9.98
N ASP B 100 9.49 45.19 10.53
CA ASP B 100 8.68 45.00 11.71
C ASP B 100 7.36 44.30 11.38
N HIS B 101 6.75 43.63 12.36
CA HIS B 101 5.56 42.80 12.20
C HIS B 101 4.28 43.54 11.78
N SER B 102 4.26 44.90 11.74
CA SER B 102 3.07 45.65 11.27
C SER B 102 2.81 45.35 9.79
N LEU B 103 3.87 44.91 9.08
CA LEU B 103 3.82 44.55 7.66
C LEU B 103 2.90 43.34 7.41
N ALA B 104 2.54 42.57 8.48
CA ALA B 104 1.62 41.42 8.43
C ALA B 104 0.22 41.84 7.98
N ILE B 105 -0.19 43.10 8.27
CA ILE B 105 -1.45 43.69 7.80
C ILE B 105 -1.49 43.54 6.28
N GLY B 106 -0.43 44.03 5.62
CA GLY B 106 -0.27 43.98 4.18
C GLY B 106 -0.04 42.59 3.61
N SER B 107 0.86 41.81 4.24
CA SER B 107 1.18 40.44 3.82
C SER B 107 -0.06 39.52 3.81
N ILE B 108 -0.81 39.46 4.93
CA ILE B 108 -2.01 38.60 5.02
C ILE B 108 -3.15 39.14 4.12
N SER B 109 -3.38 40.47 4.12
CA SER B 109 -4.39 41.09 3.25
C SER B 109 -4.17 40.74 1.78
N GLY B 110 -2.94 40.96 1.29
CA GLY B 110 -2.56 40.67 -0.08
C GLY B 110 -2.71 39.21 -0.47
N HIS B 111 -2.33 38.32 0.46
CA HIS B 111 -2.43 36.86 0.31
C HIS B 111 -3.91 36.43 0.23
N ALA B 112 -4.77 37.00 1.12
CA ALA B 112 -6.21 36.71 1.15
C ALA B 112 -6.98 37.20 -0.10
N ARG B 113 -6.42 38.16 -0.86
CA ARG B 113 -7.01 38.66 -2.11
C ARG B 113 -7.01 37.57 -3.18
N VAL B 114 -5.99 36.70 -3.16
CA VAL B 114 -5.81 35.59 -4.10
C VAL B 114 -6.35 34.28 -3.47
N HIS B 115 -6.14 34.10 -2.15
CA HIS B 115 -6.60 32.91 -1.41
C HIS B 115 -7.42 33.32 -0.17
N PRO B 116 -8.74 33.60 -0.33
CA PRO B 116 -9.54 34.06 0.82
C PRO B 116 -9.78 33.04 1.94
N ASP B 117 -9.64 31.75 1.62
CA ASP B 117 -9.82 30.61 2.49
C ASP B 117 -8.63 30.30 3.40
N LEU B 118 -7.48 31.02 3.25
CA LEU B 118 -6.24 30.85 4.03
C LEU B 118 -6.43 30.84 5.56
N GLY B 119 -5.51 30.13 6.22
CA GLY B 119 -5.42 29.99 7.67
C GLY B 119 -4.09 30.57 8.11
N VAL B 120 -4.06 31.20 9.29
CA VAL B 120 -2.86 31.84 9.80
C VAL B 120 -2.25 31.08 10.99
N ILE B 121 -0.93 30.83 10.92
CA ILE B 121 -0.14 30.29 12.02
C ILE B 121 0.78 31.47 12.39
N TRP B 122 0.63 31.98 13.63
CA TRP B 122 1.34 33.14 14.15
C TRP B 122 2.36 32.74 15.21
N VAL B 123 3.64 32.65 14.81
CA VAL B 123 4.72 32.29 15.72
C VAL B 123 5.31 33.57 16.32
N ASP B 124 5.14 33.75 17.65
CA ASP B 124 5.52 35.01 18.30
C ASP B 124 5.41 34.90 19.80
N ALA B 125 6.16 35.76 20.50
CA ALA B 125 6.07 35.83 21.95
C ALA B 125 4.83 36.66 22.29
N HIS B 126 4.46 37.56 21.36
CA HIS B 126 3.35 38.52 21.43
C HIS B 126 2.15 38.17 20.56
N THR B 127 0.95 38.55 21.03
CA THR B 127 -0.28 38.32 20.28
C THR B 127 -0.44 39.32 19.11
N ASP B 128 0.13 40.52 19.22
CA ASP B 128 0.02 41.61 18.23
C ASP B 128 -1.45 41.89 17.84
N ILE B 129 -2.37 41.73 18.81
CA ILE B 129 -3.80 41.86 18.62
C ILE B 129 -4.38 43.14 19.29
N ASN B 130 -3.51 44.03 19.83
CA ASN B 130 -3.96 45.28 20.40
C ASN B 130 -4.63 46.09 19.30
N THR B 131 -5.69 46.80 19.64
CA THR B 131 -6.37 47.65 18.67
C THR B 131 -5.73 49.04 18.81
N PRO B 132 -5.94 50.02 17.87
CA PRO B 132 -5.40 51.37 18.10
C PRO B 132 -5.86 52.04 19.41
N LEU B 133 -6.93 51.51 20.04
CA LEU B 133 -7.49 52.03 21.30
C LEU B 133 -7.06 51.24 22.55
N THR B 134 -6.68 49.96 22.41
CA THR B 134 -6.22 49.16 23.56
C THR B 134 -4.70 49.31 23.77
N THR B 135 -3.94 49.62 22.69
CA THR B 135 -2.50 49.82 22.74
C THR B 135 -2.09 50.89 23.78
N THR B 136 -1.01 50.63 24.52
CA THR B 136 -0.49 51.58 25.52
C THR B 136 0.82 52.18 25.01
N SER B 137 1.53 51.44 24.12
CA SER B 137 2.80 51.82 23.51
C SER B 137 2.60 52.72 22.28
N GLY B 138 1.52 52.48 21.54
CA GLY B 138 1.21 53.21 20.31
C GLY B 138 1.98 52.71 19.09
N ASN B 139 2.77 51.60 19.24
CA ASN B 139 3.56 51.00 18.17
C ASN B 139 2.73 49.96 17.40
N LEU B 140 2.45 50.25 16.12
CA LEU B 140 1.60 49.46 15.24
C LEU B 140 2.07 48.02 14.99
N HIS B 141 3.33 47.67 15.33
CA HIS B 141 3.84 46.30 15.17
C HIS B 141 3.20 45.31 16.19
N GLY B 142 2.54 45.85 17.21
CA GLY B 142 1.80 45.10 18.21
C GLY B 142 0.29 45.15 17.99
N GLN B 143 -0.16 45.63 16.81
CA GLN B 143 -1.57 45.77 16.43
C GLN B 143 -2.00 45.05 15.11
N PRO B 144 -1.10 44.38 14.32
CA PRO B 144 -1.54 43.82 13.03
C PRO B 144 -2.77 42.92 13.03
N VAL B 145 -2.87 41.95 13.98
CA VAL B 145 -3.99 40.99 14.05
C VAL B 145 -5.33 41.70 14.21
N SER B 146 -5.36 42.78 15.02
CA SER B 146 -6.58 43.57 15.24
C SER B 146 -7.18 44.13 13.95
N PHE B 147 -6.34 44.62 13.00
CA PHE B 147 -6.81 45.14 11.71
C PHE B 147 -7.28 44.05 10.75
N LEU B 148 -6.83 42.80 10.98
CA LEU B 148 -7.16 41.66 10.11
C LEU B 148 -8.40 40.87 10.50
N LEU B 149 -8.76 40.84 11.80
CA LEU B 149 -9.89 40.05 12.31
C LEU B 149 -11.26 40.64 11.99
N LYS B 150 -12.17 39.78 11.48
CA LYS B 150 -13.55 40.13 11.13
C LYS B 150 -14.39 40.47 12.38
N GLU B 151 -14.12 39.77 13.49
CA GLU B 151 -14.81 39.94 14.77
C GLU B 151 -14.48 41.28 15.44
N LEU B 152 -13.36 41.93 15.07
CA LEU B 152 -12.93 43.21 15.64
C LEU B 152 -13.37 44.42 14.80
N LYS B 153 -14.25 44.19 13.80
CA LYS B 153 -14.85 45.22 12.96
C LYS B 153 -15.85 45.96 13.85
N GLY B 154 -15.70 47.27 13.93
CA GLY B 154 -16.52 48.12 14.80
C GLY B 154 -15.74 48.56 16.02
N LYS B 155 -14.58 47.93 16.24
CA LYS B 155 -13.66 48.22 17.36
C LYS B 155 -12.37 48.85 16.85
N ILE B 156 -12.18 48.91 15.53
CA ILE B 156 -11.01 49.53 14.92
C ILE B 156 -11.44 50.92 14.45
N PRO B 157 -10.84 52.01 14.99
CA PRO B 157 -11.27 53.35 14.54
C PRO B 157 -10.67 53.73 13.19
N ASP B 158 -11.15 54.85 12.60
CA ASP B 158 -10.61 55.31 11.31
C ASP B 158 -9.20 55.87 11.49
N VAL B 159 -8.20 55.03 11.30
CA VAL B 159 -6.78 55.38 11.42
C VAL B 159 -6.23 55.85 10.05
N PRO B 160 -5.62 57.06 9.98
CA PRO B 160 -5.05 57.54 8.70
C PRO B 160 -4.07 56.55 8.07
N GLY B 161 -4.30 56.25 6.79
CA GLY B 161 -3.50 55.30 6.01
C GLY B 161 -4.03 53.88 6.01
N PHE B 162 -5.14 53.60 6.72
CA PHE B 162 -5.71 52.26 6.81
C PHE B 162 -7.15 52.12 6.24
N SER B 163 -7.63 53.08 5.44
CA SER B 163 -8.99 53.00 4.87
C SER B 163 -9.14 51.87 3.82
N TRP B 164 -8.03 51.43 3.22
CA TRP B 164 -7.96 50.33 2.24
C TRP B 164 -8.18 48.96 2.91
N VAL B 165 -7.92 48.87 4.24
CA VAL B 165 -8.02 47.65 5.05
C VAL B 165 -9.47 47.14 5.19
N THR B 166 -9.67 45.87 4.91
CA THR B 166 -10.92 45.14 5.08
C THR B 166 -10.55 43.88 5.85
N PRO B 167 -11.20 43.61 7.02
CA PRO B 167 -10.87 42.40 7.77
C PRO B 167 -11.07 41.17 6.89
N CYS B 168 -10.01 40.36 6.75
CA CYS B 168 -10.03 39.20 5.85
C CYS B 168 -10.02 37.84 6.55
N ILE B 169 -9.69 37.82 7.86
CA ILE B 169 -9.60 36.57 8.61
C ILE B 169 -10.55 36.56 9.81
N SER B 170 -11.15 35.40 10.07
CA SER B 170 -12.03 35.22 11.23
C SER B 170 -11.21 34.64 12.38
N ALA B 171 -11.65 34.91 13.62
CA ALA B 171 -10.99 34.47 14.86
C ALA B 171 -10.66 32.98 14.89
N LYS B 172 -11.48 32.16 14.21
CA LYS B 172 -11.39 30.71 14.09
C LYS B 172 -10.32 30.22 13.10
N ASP B 173 -9.74 31.12 12.28
CA ASP B 173 -8.76 30.70 11.28
C ASP B 173 -7.31 31.09 11.62
N ILE B 174 -7.06 31.49 12.88
CA ILE B 174 -5.72 31.86 13.36
C ILE B 174 -5.30 30.99 14.56
N VAL B 175 -4.03 30.59 14.60
CA VAL B 175 -3.44 29.84 15.71
C VAL B 175 -2.13 30.50 16.12
N TYR B 176 -1.99 30.81 17.40
CA TYR B 176 -0.79 31.39 18.00
C TYR B 176 0.05 30.28 18.62
N ILE B 177 1.37 30.41 18.52
CA ILE B 177 2.35 29.49 19.08
C ILE B 177 3.53 30.32 19.61
N GLY B 178 3.87 30.10 20.87
CA GLY B 178 5.03 30.73 21.50
C GLY B 178 4.74 31.87 22.43
N LEU B 179 3.45 32.13 22.73
CA LEU B 179 3.04 33.25 23.56
C LEU B 179 3.61 33.23 24.99
N ARG B 180 4.07 34.39 25.47
CA ARG B 180 4.61 34.56 26.83
C ARG B 180 4.59 36.02 27.31
N ASP B 181 4.20 36.95 26.40
CA ASP B 181 4.10 38.38 26.73
C ASP B 181 2.86 38.97 26.07
N VAL B 182 1.73 38.99 26.83
CA VAL B 182 0.43 39.45 26.34
C VAL B 182 -0.11 40.56 27.24
N ASP B 183 -0.56 41.69 26.65
CA ASP B 183 -1.13 42.84 27.37
C ASP B 183 -2.53 42.52 27.90
N PRO B 184 -3.00 43.14 29.02
CA PRO B 184 -4.36 42.83 29.52
C PRO B 184 -5.48 42.88 28.48
N GLY B 185 -5.50 43.96 27.68
CA GLY B 185 -6.45 44.16 26.59
C GLY B 185 -6.42 43.05 25.57
N GLU B 186 -5.20 42.60 25.21
CA GLU B 186 -4.96 41.51 24.26
C GLU B 186 -5.48 40.19 24.82
N HIS B 187 -5.20 39.90 26.11
CA HIS B 187 -5.67 38.68 26.77
C HIS B 187 -7.18 38.63 26.77
N TYR B 188 -7.85 39.79 27.02
CA TYR B 188 -9.30 39.92 26.98
C TYR B 188 -9.82 39.53 25.58
N ILE B 189 -9.23 40.12 24.50
CA ILE B 189 -9.58 39.85 23.09
C ILE B 189 -9.46 38.36 22.76
N LEU B 190 -8.30 37.77 23.10
CA LEU B 190 -7.92 36.36 22.94
C LEU B 190 -8.94 35.38 23.60
N LYS B 191 -9.49 35.73 24.77
CA LYS B 191 -10.47 34.92 25.50
C LYS B 191 -11.91 35.12 25.05
N THR B 192 -12.33 36.38 24.81
CA THR B 192 -13.71 36.74 24.38
C THR B 192 -14.00 36.25 22.97
N LEU B 193 -13.00 36.27 22.08
CA LEU B 193 -13.17 35.82 20.70
C LEU B 193 -12.97 34.31 20.55
N GLY B 194 -12.36 33.70 21.58
CA GLY B 194 -12.08 32.27 21.61
C GLY B 194 -11.08 31.85 20.54
N ILE B 195 -9.99 32.62 20.41
CA ILE B 195 -8.91 32.34 19.45
C ILE B 195 -8.10 31.16 19.98
N LYS B 196 -7.72 30.24 19.10
CA LYS B 196 -6.90 29.09 19.47
C LYS B 196 -5.46 29.57 19.67
N TYR B 197 -4.87 29.20 20.80
CA TYR B 197 -3.51 29.60 21.15
C TYR B 197 -2.78 28.53 21.93
N PHE B 198 -1.48 28.49 21.70
CA PHE B 198 -0.59 27.60 22.41
C PHE B 198 0.50 28.52 22.96
N SER B 199 0.30 29.04 24.18
CA SER B 199 1.32 29.89 24.81
C SER B 199 2.51 28.99 25.16
N MET B 200 3.52 29.50 25.91
CA MET B 200 4.63 28.66 26.35
C MET B 200 4.13 27.62 27.33
N THR B 201 3.09 27.96 28.14
CA THR B 201 2.45 27.06 29.11
C THR B 201 1.94 25.80 28.41
N GLU B 202 1.21 25.97 27.28
CA GLU B 202 0.67 24.88 26.46
C GLU B 202 1.79 24.05 25.83
N VAL B 203 2.84 24.72 25.29
CA VAL B 203 4.00 24.06 24.70
C VAL B 203 4.69 23.17 25.77
N ASP B 204 4.79 23.66 27.03
CA ASP B 204 5.37 22.93 28.15
C ASP B 204 4.53 21.72 28.53
N ARG B 205 3.20 21.92 28.63
CA ARG B 205 2.22 20.91 28.99
C ARG B 205 2.17 19.76 27.98
N LEU B 206 1.96 20.10 26.70
CA LEU B 206 1.73 19.13 25.63
C LEU B 206 2.95 18.58 24.92
N GLY B 207 3.95 19.43 24.71
CA GLY B 207 5.11 19.11 23.91
C GLY B 207 4.83 19.65 22.52
N ILE B 208 5.86 20.05 21.77
CA ILE B 208 5.70 20.63 20.43
C ILE B 208 5.07 19.63 19.40
N GLY B 209 5.18 18.32 19.65
CA GLY B 209 4.58 17.30 18.80
C GLY B 209 3.07 17.39 18.81
N LYS B 210 2.48 17.41 20.02
CA LYS B 210 1.04 17.53 20.28
C LYS B 210 0.56 18.91 19.85
N VAL B 211 1.36 19.98 20.10
CA VAL B 211 1.06 21.36 19.71
C VAL B 211 0.84 21.45 18.20
N MET B 212 1.75 20.87 17.41
CA MET B 212 1.67 20.89 15.95
C MET B 212 0.52 20.04 15.42
N GLU B 213 0.34 18.84 15.98
CA GLU B 213 -0.73 17.89 15.64
C GLU B 213 -2.10 18.58 15.83
N GLU B 214 -2.27 19.31 16.95
CA GLU B 214 -3.50 20.04 17.27
C GLU B 214 -3.67 21.29 16.40
N THR B 215 -2.57 22.07 16.14
CA THR B 215 -2.57 23.27 15.31
C THR B 215 -3.05 22.94 13.87
N LEU B 216 -2.42 21.92 13.24
CA LEU B 216 -2.75 21.49 11.89
C LEU B 216 -4.15 20.85 11.76
N SER B 217 -4.62 20.10 12.77
N SER B 217 -4.62 20.10 12.77
CA SER B 217 -5.96 19.49 12.77
CA SER B 217 -5.97 19.50 12.73
C SER B 217 -7.05 20.56 12.96
C SER B 217 -7.07 20.56 12.96
N TYR B 218 -6.77 21.58 13.79
CA TYR B 218 -7.69 22.68 14.08
C TYR B 218 -7.97 23.51 12.81
N LEU B 219 -6.92 23.76 12.00
CA LEU B 219 -7.02 24.56 10.80
C LEU B 219 -7.29 23.80 9.52
N LEU B 220 -6.90 22.51 9.43
CA LEU B 220 -7.05 21.74 8.19
C LEU B 220 -8.07 20.60 8.26
N GLY B 221 -8.50 20.22 9.46
CA GLY B 221 -9.44 19.13 9.71
C GLY B 221 -10.69 19.10 8.86
N ARG B 222 -11.34 20.27 8.65
CA ARG B 222 -12.55 20.39 7.85
C ARG B 222 -12.25 20.30 6.36
N LYS B 223 -11.24 21.07 5.91
CA LYS B 223 -10.82 21.16 4.51
C LYS B 223 -9.41 21.70 4.42
N LYS B 224 -8.61 21.18 3.45
CA LYS B 224 -7.27 21.65 3.16
C LYS B 224 -7.43 23.04 2.54
N ARG B 225 -6.57 23.97 2.95
CA ARG B 225 -6.61 25.37 2.52
C ARG B 225 -5.22 25.95 2.71
N PRO B 226 -4.87 27.06 2.00
CA PRO B 226 -3.52 27.63 2.16
C PRO B 226 -3.16 27.98 3.59
N ILE B 227 -1.88 27.82 3.94
CA ILE B 227 -1.35 28.18 5.25
C ILE B 227 -0.48 29.41 5.10
N HIS B 228 -0.72 30.43 5.93
CA HIS B 228 0.09 31.62 6.02
C HIS B 228 0.80 31.57 7.36
N LEU B 229 2.13 31.44 7.32
CA LEU B 229 2.93 31.42 8.52
C LEU B 229 3.56 32.80 8.72
N SER B 230 3.20 33.46 9.83
CA SER B 230 3.77 34.76 10.14
C SER B 230 4.72 34.52 11.30
N PHE B 231 6.02 34.41 10.98
CA PHE B 231 7.07 34.10 11.95
C PHE B 231 7.81 35.32 12.46
N ASP B 232 7.60 35.64 13.74
CA ASP B 232 8.31 36.71 14.40
C ASP B 232 9.45 36.00 15.14
N VAL B 233 10.70 36.38 14.84
CA VAL B 233 11.91 35.74 15.40
C VAL B 233 11.99 35.83 16.91
N ASP B 234 11.35 36.87 17.51
CA ASP B 234 11.31 37.02 18.97
C ASP B 234 10.50 35.88 19.62
N GLY B 235 9.75 35.13 18.81
CA GLY B 235 9.00 33.96 19.27
C GLY B 235 9.92 32.89 19.81
N LEU B 236 11.15 32.82 19.26
CA LEU B 236 12.17 31.91 19.74
C LEU B 236 12.86 32.57 20.90
N ASP B 237 13.51 31.75 21.74
CA ASP B 237 14.24 32.25 22.89
C ASP B 237 15.39 33.18 22.47
N PRO B 238 15.68 34.28 23.25
CA PRO B 238 16.77 35.19 22.87
C PRO B 238 18.18 34.57 22.90
N SER B 239 18.31 33.29 23.25
CA SER B 239 19.59 32.59 23.20
C SER B 239 19.86 32.14 21.74
N PHE B 240 18.82 32.16 20.87
CA PHE B 240 18.91 31.81 19.46
C PHE B 240 18.71 33.03 18.55
N THR B 241 17.78 33.93 18.92
CA THR B 241 17.48 35.16 18.16
C THR B 241 17.60 36.44 19.04
N PRO B 242 18.80 36.77 19.59
CA PRO B 242 18.91 37.97 20.45
C PRO B 242 18.70 39.31 19.74
N ALA B 243 19.16 39.43 18.48
CA ALA B 243 19.05 40.65 17.68
C ALA B 243 17.61 40.90 17.20
N THR B 244 16.75 41.29 18.15
CA THR B 244 15.33 41.59 17.94
C THR B 244 14.85 42.65 18.95
N GLY B 245 13.85 43.43 18.55
CA GLY B 245 13.31 44.55 19.31
C GLY B 245 12.68 44.27 20.67
N THR B 246 11.80 43.24 20.73
CA THR B 246 11.10 42.90 21.98
C THR B 246 11.42 41.44 22.42
N PRO B 247 12.67 41.15 22.86
CA PRO B 247 12.97 39.77 23.29
C PRO B 247 12.38 39.43 24.65
N VAL B 248 11.95 38.18 24.83
CA VAL B 248 11.39 37.68 26.10
C VAL B 248 12.02 36.32 26.35
N VAL B 249 12.57 36.13 27.56
CA VAL B 249 13.16 34.87 28.02
C VAL B 249 12.12 33.73 28.07
N GLY B 250 12.60 32.49 28.11
CA GLY B 250 11.79 31.28 28.18
C GLY B 250 11.05 30.98 26.89
N GLY B 251 11.68 31.23 25.77
CA GLY B 251 11.06 31.03 24.46
C GLY B 251 11.19 29.67 23.84
N LEU B 252 10.64 29.55 22.62
CA LEU B 252 10.72 28.33 21.83
C LEU B 252 12.18 28.06 21.51
N THR B 253 12.60 26.80 21.61
CA THR B 253 13.98 26.40 21.32
C THR B 253 14.22 26.39 19.81
N TYR B 254 15.49 26.26 19.40
CA TYR B 254 15.92 26.16 18.00
C TYR B 254 15.22 24.93 17.38
N ARG B 255 15.16 23.84 18.14
CA ARG B 255 14.53 22.56 17.79
C ARG B 255 13.03 22.69 17.60
N GLU B 256 12.32 23.36 18.54
CA GLU B 256 10.88 23.59 18.46
C GLU B 256 10.54 24.44 17.24
N GLY B 257 11.33 25.49 16.98
CA GLY B 257 11.19 26.36 15.81
C GLY B 257 11.30 25.59 14.52
N LEU B 258 12.31 24.68 14.43
CA LEU B 258 12.54 23.80 13.29
C LEU B 258 11.44 22.75 13.19
N TYR B 259 10.93 22.25 14.33
CA TYR B 259 9.84 21.27 14.32
C TYR B 259 8.53 21.84 13.78
N ILE B 260 8.17 23.08 14.19
CA ILE B 260 6.95 23.79 13.73
C ILE B 260 6.98 23.93 12.20
N THR B 261 8.08 24.46 11.68
CA THR B 261 8.32 24.74 10.25
C THR B 261 8.40 23.44 9.42
N GLU B 262 9.04 22.38 9.96
CA GLU B 262 9.13 21.07 9.31
C GLU B 262 7.74 20.48 9.12
N GLU B 263 6.88 20.60 10.14
CA GLU B 263 5.51 20.09 10.10
C GLU B 263 4.63 20.84 9.11
N ILE B 264 4.77 22.19 9.05
CA ILE B 264 4.05 23.03 8.09
C ILE B 264 4.47 22.67 6.66
N TYR B 265 5.79 22.42 6.42
CA TYR B 265 6.29 22.05 5.09
C TYR B 265 5.61 20.76 4.62
N LYS B 266 5.62 19.73 5.48
CA LYS B 266 5.04 18.40 5.26
C LYS B 266 3.58 18.41 4.79
N THR B 267 2.77 19.44 5.17
CA THR B 267 1.37 19.56 4.73
C THR B 267 1.28 19.89 3.22
N GLY B 268 2.35 20.49 2.69
CA GLY B 268 2.43 20.93 1.30
C GLY B 268 1.51 22.10 1.01
N LEU B 269 1.02 22.74 2.09
CA LEU B 269 0.02 23.81 2.00
C LEU B 269 0.55 25.19 2.38
N LEU B 270 1.90 25.36 2.58
CA LEU B 270 2.47 26.68 2.86
C LEU B 270 2.29 27.54 1.58
N SER B 271 1.66 28.69 1.74
CA SER B 271 1.29 29.59 0.65
C SER B 271 1.85 31.01 0.87
N GLY B 272 2.12 31.35 2.13
CA GLY B 272 2.66 32.65 2.51
C GLY B 272 3.53 32.56 3.75
N LEU B 273 4.66 33.28 3.73
CA LEU B 273 5.61 33.28 4.83
C LEU B 273 6.18 34.66 5.13
N ASP B 274 6.23 35.02 6.44
CA ASP B 274 6.79 36.27 6.96
C ASP B 274 7.91 35.93 7.93
N ILE B 275 9.13 36.46 7.70
CA ILE B 275 10.29 36.32 8.59
C ILE B 275 10.50 37.73 9.09
N MET B 276 9.96 38.01 10.28
CA MET B 276 9.92 39.37 10.84
C MET B 276 10.73 39.60 12.10
N GLU B 277 11.02 40.89 12.32
CA GLU B 277 11.63 41.51 13.49
C GLU B 277 13.14 41.19 13.68
N VAL B 278 13.81 40.79 12.57
CA VAL B 278 15.26 40.62 12.61
C VAL B 278 15.80 42.06 12.57
N ASN B 279 16.42 42.49 13.67
CA ASN B 279 17.03 43.81 13.76
C ASN B 279 18.56 43.69 14.02
N PRO B 280 19.39 43.78 12.94
CA PRO B 280 20.85 43.64 13.09
C PRO B 280 21.57 44.74 13.89
N SER B 281 20.87 45.83 14.26
CA SER B 281 21.44 46.90 15.08
C SER B 281 21.26 46.57 16.58
N LEU B 282 20.40 45.58 16.89
CA LEU B 282 20.05 45.20 18.27
C LEU B 282 20.84 44.01 18.83
N GLY B 283 21.94 43.68 18.20
CA GLY B 283 22.83 42.67 18.75
C GLY B 283 23.68 43.33 19.83
N LYS B 284 24.23 42.55 20.76
CA LYS B 284 25.14 43.06 21.79
C LYS B 284 26.58 42.89 21.31
N THR B 285 26.80 41.90 20.41
CA THR B 285 28.09 41.55 19.81
C THR B 285 27.85 41.26 18.33
N PRO B 286 28.87 41.32 17.41
CA PRO B 286 28.62 40.94 16.01
C PRO B 286 28.10 39.50 15.87
N GLU B 287 28.49 38.61 16.81
CA GLU B 287 28.08 37.21 16.86
C GLU B 287 26.58 37.04 17.14
N GLU B 288 26.00 37.86 18.04
CA GLU B 288 24.57 37.80 18.34
C GLU B 288 23.74 38.06 17.07
N VAL B 289 24.19 39.04 16.23
CA VAL B 289 23.58 39.39 14.96
C VAL B 289 23.65 38.17 14.02
N THR B 290 24.87 37.58 13.85
CA THR B 290 25.09 36.41 13.00
C THR B 290 24.27 35.21 13.48
N ARG B 291 24.15 35.03 14.80
CA ARG B 291 23.37 33.95 15.43
C ARG B 291 21.88 34.07 15.09
N THR B 292 21.32 35.31 15.16
CA THR B 292 19.91 35.61 14.85
C THR B 292 19.59 35.37 13.39
N VAL B 293 20.45 35.87 12.49
CA VAL B 293 20.33 35.76 11.03
C VAL B 293 20.38 34.28 10.63
N ASN B 294 21.37 33.53 11.16
CA ASN B 294 21.52 32.09 10.91
C ASN B 294 20.30 31.31 11.36
N THR B 295 19.76 31.61 12.56
CA THR B 295 18.56 30.96 13.07
C THR B 295 17.38 31.25 12.16
N ALA B 296 17.19 32.55 11.75
CA ALA B 296 16.10 32.98 10.85
C ALA B 296 16.21 32.28 9.48
N VAL B 297 17.45 32.12 8.97
CA VAL B 297 17.73 31.44 7.69
C VAL B 297 17.37 29.95 7.82
N ALA B 298 17.73 29.31 8.97
CA ALA B 298 17.44 27.90 9.24
C ALA B 298 15.95 27.62 9.29
N ILE B 299 15.17 28.51 9.95
CA ILE B 299 13.72 28.45 10.07
C ILE B 299 13.10 28.46 8.66
N THR B 300 13.58 29.40 7.80
CA THR B 300 13.17 29.60 6.41
C THR B 300 13.43 28.38 5.54
N LEU B 301 14.63 27.76 5.67
CA LEU B 301 14.98 26.57 4.88
C LEU B 301 14.07 25.39 5.20
N ALA B 302 13.71 25.21 6.49
CA ALA B 302 12.80 24.17 6.98
C ALA B 302 11.38 24.37 6.42
N CYS B 303 10.97 25.65 6.20
CA CYS B 303 9.66 26.00 5.63
C CYS B 303 9.56 25.50 4.19
N PHE B 304 10.71 25.36 3.50
CA PHE B 304 10.77 24.95 2.09
C PHE B 304 11.44 23.60 1.84
N GLY B 305 11.34 22.69 2.81
CA GLY B 305 11.80 21.32 2.62
C GLY B 305 12.97 20.75 3.37
N LEU B 306 13.89 21.59 3.85
CA LEU B 306 15.07 21.11 4.55
C LEU B 306 14.66 20.37 5.82
N ALA B 307 14.92 19.06 5.85
CA ALA B 307 14.57 18.20 6.98
C ALA B 307 15.79 17.70 7.71
N ARG B 308 15.73 17.66 9.06
CA ARG B 308 16.84 17.19 9.90
C ARG B 308 17.21 15.73 9.64
N GLU B 309 16.20 14.87 9.33
CA GLU B 309 16.44 13.45 9.03
C GLU B 309 17.25 13.25 7.73
N GLY B 310 17.25 14.28 6.89
CA GLY B 310 17.94 14.28 5.61
C GLY B 310 16.97 14.49 4.47
N ASN B 311 17.53 14.70 3.28
CA ASN B 311 16.84 14.91 2.02
C ASN B 311 17.65 14.22 0.93
N HIS B 312 16.98 13.68 -0.09
CA HIS B 312 17.61 13.07 -1.25
C HIS B 312 16.75 13.20 -2.51
N LYS B 313 17.42 13.32 -3.67
CA LYS B 313 16.80 13.47 -4.98
C LYS B 313 16.27 12.08 -5.43
N PRO B 314 15.22 11.99 -6.28
CA PRO B 314 14.72 10.67 -6.71
C PRO B 314 15.62 9.98 -7.77
N ILE B 315 16.83 9.59 -7.33
CA ILE B 315 17.88 8.90 -8.11
C ILE B 315 18.52 7.82 -7.23
N ASP B 316 19.21 6.86 -7.86
CA ASP B 316 19.92 5.77 -7.19
C ASP B 316 21.32 6.26 -6.79
N TYR B 317 21.51 6.53 -5.50
CA TYR B 317 22.77 7.00 -4.91
C TYR B 317 23.84 5.92 -4.81
N LEU B 318 23.44 4.62 -4.79
CA LEU B 318 24.37 3.50 -4.73
C LEU B 318 24.89 3.06 -6.12
N ASN B 319 24.31 3.60 -7.18
CA ASN B 319 24.70 3.34 -8.58
C ASN B 319 24.51 4.63 -9.41
N PRO B 320 25.45 5.62 -9.26
CA PRO B 320 25.27 6.90 -9.99
C PRO B 320 25.66 6.80 -11.47
N SER C 2 -0.58 7.46 -43.04
CA SER C 2 -1.62 6.52 -42.67
C SER C 2 -2.50 7.11 -41.55
N ALA C 3 -3.62 6.43 -41.23
CA ALA C 3 -4.55 6.84 -40.17
C ALA C 3 -3.85 6.79 -38.82
N LYS C 4 -4.27 7.66 -37.87
CA LYS C 4 -3.72 7.72 -36.50
C LYS C 4 -3.75 6.32 -35.86
N SER C 5 -4.88 5.61 -35.99
CA SER C 5 -5.10 4.25 -35.48
C SER C 5 -4.20 3.19 -36.13
N ARG C 6 -3.54 3.55 -37.25
CA ARG C 6 -2.61 2.66 -37.96
C ARG C 6 -1.19 3.24 -38.03
N THR C 7 -0.88 4.25 -37.19
CA THR C 7 0.45 4.85 -37.13
C THR C 7 1.12 4.32 -35.88
N ILE C 8 2.16 3.49 -36.07
CA ILE C 8 2.85 2.75 -35.01
C ILE C 8 4.33 3.11 -34.79
N GLY C 9 4.73 3.05 -33.53
CA GLY C 9 6.10 3.23 -33.06
C GLY C 9 6.48 1.98 -32.29
N ILE C 10 7.25 1.07 -32.94
CA ILE C 10 7.62 -0.23 -32.37
C ILE C 10 8.85 -0.12 -31.45
N ILE C 11 8.70 -0.63 -30.22
CA ILE C 11 9.75 -0.70 -29.22
C ILE C 11 9.93 -2.16 -28.80
N GLY C 12 11.13 -2.69 -28.98
CA GLY C 12 11.47 -4.00 -28.47
C GLY C 12 11.92 -3.82 -27.04
N ALA C 13 11.48 -4.71 -26.16
CA ALA C 13 11.87 -4.67 -24.75
C ALA C 13 12.35 -6.08 -24.28
N PRO C 14 13.58 -6.50 -24.68
CA PRO C 14 14.07 -7.85 -24.31
C PRO C 14 14.49 -7.94 -22.83
N PHE C 15 13.51 -8.04 -21.93
CA PHE C 15 13.73 -8.09 -20.49
C PHE C 15 13.01 -9.27 -19.80
N SER C 16 13.73 -9.97 -18.89
CA SER C 16 13.22 -11.14 -18.20
C SER C 16 13.29 -11.10 -16.66
N LYS C 17 14.14 -10.23 -16.10
CA LYS C 17 14.40 -10.18 -14.65
C LYS C 17 13.17 -9.77 -13.77
N GLY C 18 12.00 -9.62 -14.38
CA GLY C 18 10.76 -9.36 -13.66
C GLY C 18 10.15 -10.66 -13.14
N GLN C 19 10.64 -11.81 -13.68
CA GLN C 19 10.25 -13.17 -13.31
C GLN C 19 11.46 -14.16 -13.34
N PRO C 20 11.35 -15.41 -12.80
CA PRO C 20 12.54 -16.28 -12.75
C PRO C 20 12.81 -17.18 -13.95
N ARG C 21 11.87 -17.31 -14.88
CA ARG C 21 12.01 -18.18 -16.05
C ARG C 21 12.72 -17.50 -17.25
N GLY C 22 13.83 -18.09 -17.68
CA GLY C 22 14.59 -17.58 -18.81
C GLY C 22 13.91 -17.82 -20.14
N GLY C 23 14.13 -16.91 -21.08
CA GLY C 23 13.58 -17.01 -22.43
C GLY C 23 12.60 -15.92 -22.85
N VAL C 24 11.96 -15.24 -21.87
CA VAL C 24 10.94 -14.23 -22.15
C VAL C 24 11.56 -12.97 -22.82
N GLU C 25 12.90 -12.80 -22.69
CA GLU C 25 13.69 -11.72 -23.32
C GLU C 25 13.82 -11.95 -24.83
N GLU C 26 13.54 -13.18 -25.30
CA GLU C 26 13.58 -13.56 -26.72
C GLU C 26 12.26 -13.26 -27.44
N GLY C 27 11.26 -12.81 -26.69
CA GLY C 27 9.95 -12.40 -27.19
C GLY C 27 10.01 -11.39 -28.33
N PRO C 28 10.75 -10.24 -28.21
CA PRO C 28 10.85 -9.32 -29.35
C PRO C 28 11.45 -9.98 -30.60
N THR C 29 12.47 -10.85 -30.43
CA THR C 29 13.17 -11.58 -31.49
C THR C 29 12.24 -12.54 -32.25
N VAL C 30 11.43 -13.35 -31.53
CA VAL C 30 10.53 -14.32 -32.15
C VAL C 30 9.31 -13.65 -32.82
N LEU C 31 8.80 -12.54 -32.24
CA LEU C 31 7.67 -11.79 -32.80
C LEU C 31 8.07 -11.09 -34.12
N ARG C 32 9.32 -10.59 -34.21
CA ARG C 32 9.89 -9.93 -35.39
C ARG C 32 10.16 -10.95 -36.50
N LYS C 33 10.78 -12.12 -36.13
CA LYS C 33 11.12 -13.21 -37.05
C LYS C 33 9.86 -13.74 -37.72
N ALA C 34 8.72 -13.69 -36.99
CA ALA C 34 7.41 -14.11 -37.48
C ALA C 34 6.83 -13.14 -38.52
N GLY C 35 7.53 -12.02 -38.75
CA GLY C 35 7.18 -11.00 -39.74
C GLY C 35 6.15 -9.99 -39.32
N LEU C 36 6.10 -9.63 -38.02
CA LEU C 36 5.15 -8.66 -37.47
C LEU C 36 5.17 -7.29 -38.16
N LEU C 37 6.36 -6.72 -38.34
CA LEU C 37 6.56 -5.40 -38.97
C LEU C 37 6.06 -5.38 -40.42
N GLU C 38 6.39 -6.45 -41.17
CA GLU C 38 6.01 -6.64 -42.57
C GLU C 38 4.49 -6.80 -42.71
N LYS C 39 3.86 -7.65 -41.85
CA LYS C 39 2.42 -7.88 -41.84
C LYS C 39 1.62 -6.63 -41.49
N LEU C 40 2.19 -5.77 -40.61
CA LEU C 40 1.54 -4.51 -40.24
C LEU C 40 1.59 -3.52 -41.42
N LYS C 41 2.71 -3.45 -42.14
CA LYS C 41 2.89 -2.57 -43.31
C LYS C 41 1.98 -3.02 -44.46
N GLU C 42 1.67 -4.34 -44.52
CA GLU C 42 0.78 -4.94 -45.51
C GLU C 42 -0.69 -4.52 -45.27
N GLN C 43 -1.04 -4.13 -44.05
CA GLN C 43 -2.40 -3.71 -43.72
C GLN C 43 -2.49 -2.18 -43.53
N GLU C 44 -1.72 -1.45 -44.38
CA GLU C 44 -1.66 0.00 -44.52
C GLU C 44 -1.23 0.77 -43.25
N CYS C 45 -0.29 0.20 -42.48
CA CYS C 45 0.24 0.84 -41.27
C CYS C 45 1.52 1.62 -41.59
N ASP C 46 1.67 2.81 -40.97
CA ASP C 46 2.83 3.70 -41.07
C ASP C 46 3.71 3.24 -39.89
N VAL C 47 4.66 2.32 -40.15
CA VAL C 47 5.49 1.70 -39.13
C VAL C 47 6.92 2.27 -39.02
N LYS C 48 7.27 2.70 -37.81
CA LYS C 48 8.61 3.17 -37.47
C LYS C 48 9.11 2.27 -36.34
N ASP C 49 10.30 1.68 -36.54
CA ASP C 49 10.94 0.78 -35.59
C ASP C 49 12.02 1.52 -34.81
N TYR C 50 11.80 1.67 -33.50
CA TYR C 50 12.73 2.35 -32.59
C TYR C 50 13.79 1.38 -32.02
N GLY C 51 13.79 0.15 -32.54
CA GLY C 51 14.69 -0.95 -32.19
C GLY C 51 14.39 -1.65 -30.88
N ASP C 52 15.29 -2.55 -30.45
CA ASP C 52 15.15 -3.27 -29.18
C ASP C 52 16.02 -2.53 -28.18
N LEU C 53 15.50 -2.18 -27.00
CA LEU C 53 16.24 -1.44 -25.97
C LEU C 53 17.38 -2.28 -25.37
N PRO C 54 18.58 -1.66 -25.18
CA PRO C 54 19.69 -2.39 -24.53
C PRO C 54 19.52 -2.29 -23.01
N PHE C 55 19.32 -3.43 -22.38
CA PHE C 55 19.13 -3.49 -20.94
C PHE C 55 20.41 -4.00 -20.28
N ALA C 56 21.31 -3.05 -19.94
CA ALA C 56 22.61 -3.32 -19.33
C ALA C 56 22.49 -4.03 -18.00
N ASP C 57 23.40 -4.99 -17.77
CA ASP C 57 23.51 -5.78 -16.55
C ASP C 57 23.82 -4.92 -15.34
N ILE C 58 23.17 -5.25 -14.21
CA ILE C 58 23.34 -4.61 -12.91
C ILE C 58 23.85 -5.78 -12.01
N PRO C 59 25.20 -5.93 -11.92
CA PRO C 59 25.76 -7.05 -11.15
C PRO C 59 25.48 -7.06 -9.65
N ASN C 60 25.50 -5.89 -8.97
CA ASN C 60 25.23 -5.82 -7.52
C ASN C 60 23.75 -5.49 -7.26
N ASP C 61 22.83 -6.41 -7.65
CA ASP C 61 21.39 -6.18 -7.51
C ASP C 61 20.73 -7.05 -6.43
N SER C 62 20.97 -6.68 -5.15
N SER C 62 20.97 -6.68 -5.15
CA SER C 62 20.45 -7.36 -3.97
CA SER C 62 20.45 -7.35 -3.97
C SER C 62 18.91 -7.26 -3.91
C SER C 62 18.91 -7.26 -3.91
N PRO C 63 18.19 -8.30 -3.41
CA PRO C 63 16.73 -8.20 -3.35
C PRO C 63 16.24 -7.23 -2.27
N PHE C 64 15.13 -6.53 -2.55
CA PHE C 64 14.49 -5.65 -1.58
C PHE C 64 13.53 -6.59 -0.87
N GLN C 65 13.89 -7.04 0.36
CA GLN C 65 13.14 -8.04 1.15
C GLN C 65 13.09 -9.36 0.34
N ILE C 66 11.94 -9.75 -0.25
CA ILE C 66 11.84 -10.96 -1.07
C ILE C 66 11.76 -10.61 -2.58
N VAL C 67 11.58 -9.32 -2.90
CA VAL C 67 11.46 -8.74 -4.24
C VAL C 67 12.79 -8.88 -4.99
N LYS C 68 12.80 -9.75 -6.02
CA LYS C 68 13.99 -10.08 -6.82
C LYS C 68 14.30 -9.08 -7.93
N ASN C 69 15.60 -8.81 -8.12
CA ASN C 69 16.18 -7.88 -9.11
C ASN C 69 15.46 -6.50 -9.14
N PRO C 70 15.36 -5.75 -8.01
CA PRO C 70 14.63 -4.46 -8.05
C PRO C 70 15.23 -3.38 -8.95
N ARG C 71 16.57 -3.18 -8.90
CA ARG C 71 17.25 -2.15 -9.69
C ARG C 71 17.18 -2.45 -11.19
N SER C 72 17.33 -3.73 -11.57
CA SER C 72 17.26 -4.20 -12.97
C SER C 72 15.86 -3.93 -13.56
N VAL C 73 14.80 -4.33 -12.83
CA VAL C 73 13.40 -4.11 -13.21
C VAL C 73 13.08 -2.61 -13.23
N GLY C 74 13.58 -1.89 -12.22
CA GLY C 74 13.41 -0.45 -12.09
C GLY C 74 14.01 0.33 -13.24
N LYS C 75 15.27 0.01 -13.62
CA LYS C 75 16.00 0.69 -14.70
C LYS C 75 15.45 0.38 -16.08
N ALA C 76 15.04 -0.88 -16.32
CA ALA C 76 14.47 -1.30 -17.60
C ALA C 76 13.19 -0.52 -17.88
N SER C 77 12.27 -0.42 -16.87
CA SER C 77 11.04 0.34 -16.96
C SER C 77 11.31 1.85 -17.12
N GLU C 78 12.33 2.40 -16.40
CA GLU C 78 12.71 3.82 -16.51
C GLU C 78 13.13 4.15 -17.97
N GLN C 79 13.91 3.24 -18.60
CA GLN C 79 14.35 3.36 -19.99
C GLN C 79 13.16 3.25 -20.93
N LEU C 80 12.25 2.29 -20.67
CA LEU C 80 11.06 2.08 -21.49
C LEU C 80 10.13 3.29 -21.44
N ALA C 81 9.97 3.92 -20.23
CA ALA C 81 9.16 5.12 -20.06
C ALA C 81 9.64 6.22 -21.00
N GLY C 82 10.94 6.50 -20.97
CA GLY C 82 11.58 7.50 -21.81
C GLY C 82 11.34 7.27 -23.29
N LYS C 83 11.49 6.00 -23.72
CA LYS C 83 11.29 5.58 -25.11
C LYS C 83 9.82 5.65 -25.55
N VAL C 84 8.87 5.23 -24.69
CA VAL C 84 7.43 5.26 -24.96
C VAL C 84 6.98 6.72 -25.13
N ALA C 85 7.45 7.63 -24.24
CA ALA C 85 7.16 9.06 -24.26
C ALA C 85 7.66 9.69 -25.57
N GLU C 86 8.86 9.30 -26.03
CA GLU C 86 9.47 9.75 -27.28
C GLU C 86 8.59 9.35 -28.46
N VAL C 87 8.12 8.08 -28.45
CA VAL C 87 7.23 7.52 -29.49
C VAL C 87 5.91 8.27 -29.50
N LYS C 88 5.33 8.50 -28.31
CA LYS C 88 4.06 9.23 -28.13
C LYS C 88 4.12 10.69 -28.61
N LYS C 89 5.27 11.39 -28.40
CA LYS C 89 5.49 12.77 -28.83
C LYS C 89 5.54 12.88 -30.35
N ASN C 90 5.95 11.78 -31.03
CA ASN C 90 6.04 11.65 -32.49
C ASN C 90 4.69 11.28 -33.15
N GLY C 91 3.60 11.32 -32.36
CA GLY C 91 2.25 11.02 -32.82
C GLY C 91 2.07 9.59 -33.32
N ARG C 92 2.68 8.62 -32.62
CA ARG C 92 2.60 7.21 -32.99
C ARG C 92 2.04 6.41 -31.83
N ILE C 93 1.37 5.29 -32.11
CA ILE C 93 0.89 4.37 -31.08
C ILE C 93 2.14 3.56 -30.68
N SER C 94 2.51 3.58 -29.39
CA SER C 94 3.66 2.82 -28.93
C SER C 94 3.31 1.33 -28.83
N LEU C 95 4.10 0.48 -29.52
CA LEU C 95 3.93 -0.97 -29.56
C LEU C 95 5.12 -1.64 -28.90
N VAL C 96 4.94 -1.98 -27.62
CA VAL C 96 5.96 -2.60 -26.79
C VAL C 96 5.91 -4.11 -26.96
N LEU C 97 7.04 -4.69 -27.41
CA LEU C 97 7.21 -6.12 -27.57
C LEU C 97 8.02 -6.61 -26.38
N GLY C 98 7.35 -7.37 -25.50
CA GLY C 98 7.99 -7.91 -24.31
C GLY C 98 8.54 -9.31 -24.53
N GLY C 99 9.21 -9.88 -23.54
CA GLY C 99 9.44 -9.26 -22.25
C GLY C 99 8.35 -9.54 -21.23
N ASP C 100 8.72 -9.56 -19.94
CA ASP C 100 7.74 -9.82 -18.89
C ASP C 100 6.94 -8.56 -18.61
N HIS C 101 5.79 -8.71 -17.95
CA HIS C 101 4.84 -7.64 -17.67
C HIS C 101 5.29 -6.54 -16.70
N SER C 102 6.43 -6.70 -15.99
CA SER C 102 6.95 -5.63 -15.13
C SER C 102 7.28 -4.36 -15.96
N LEU C 103 7.52 -4.56 -17.27
CA LEU C 103 7.79 -3.49 -18.22
C LEU C 103 6.58 -2.54 -18.41
N ALA C 104 5.37 -2.95 -17.96
CA ALA C 104 4.15 -2.14 -17.97
C ALA C 104 4.30 -0.88 -17.10
N ILE C 105 5.14 -0.93 -16.05
CA ILE C 105 5.45 0.21 -15.18
C ILE C 105 5.97 1.33 -16.09
N GLY C 106 6.96 0.99 -16.93
CA GLY C 106 7.57 1.92 -17.87
C GLY C 106 6.69 2.29 -19.04
N SER C 107 6.00 1.30 -19.61
CA SER C 107 5.10 1.54 -20.76
C SER C 107 3.95 2.51 -20.44
N ILE C 108 3.20 2.26 -19.34
CA ILE C 108 2.08 3.13 -18.95
C ILE C 108 2.59 4.50 -18.45
N SER C 109 3.68 4.53 -17.66
CA SER C 109 4.27 5.77 -17.14
C SER C 109 4.64 6.71 -18.29
N GLY C 110 5.41 6.20 -19.24
CA GLY C 110 5.85 6.95 -20.42
C GLY C 110 4.70 7.49 -21.21
N HIS C 111 3.66 6.65 -21.41
CA HIS C 111 2.46 6.99 -22.15
C HIS C 111 1.67 8.11 -21.45
N ALA C 112 1.51 8.02 -20.11
CA ALA C 112 0.81 9.02 -19.31
C ALA C 112 1.50 10.39 -19.24
N ARG C 113 2.82 10.45 -19.51
CA ARG C 113 3.59 11.71 -19.54
C ARG C 113 3.11 12.59 -20.70
N VAL C 114 2.70 11.96 -21.81
CA VAL C 114 2.20 12.63 -23.02
C VAL C 114 0.66 12.67 -23.03
N HIS C 115 0.01 11.60 -22.51
CA HIS C 115 -1.46 11.51 -22.43
C HIS C 115 -1.90 11.15 -21.00
N PRO C 116 -2.01 12.16 -20.10
CA PRO C 116 -2.36 11.86 -18.69
C PRO C 116 -3.78 11.34 -18.44
N ASP C 117 -4.67 11.62 -19.38
CA ASP C 117 -6.09 11.25 -19.38
C ASP C 117 -6.36 9.79 -19.88
N LEU C 118 -5.29 9.02 -20.25
CA LEU C 118 -5.40 7.65 -20.76
C LEU C 118 -6.16 6.67 -19.80
N GLY C 119 -6.76 5.66 -20.41
CA GLY C 119 -7.48 4.58 -19.73
C GLY C 119 -6.75 3.28 -20.03
N VAL C 120 -6.69 2.37 -19.06
CA VAL C 120 -5.98 1.10 -19.22
C VAL C 120 -6.93 -0.10 -19.34
N ILE C 121 -6.74 -0.92 -20.38
CA ILE C 121 -7.42 -2.21 -20.55
C ILE C 121 -6.31 -3.24 -20.34
N TRP C 122 -6.50 -4.12 -19.34
CA TRP C 122 -5.51 -5.11 -18.92
C TRP C 122 -5.98 -6.55 -19.12
N VAL C 123 -5.61 -7.13 -20.26
CA VAL C 123 -5.94 -8.51 -20.62
C VAL C 123 -4.84 -9.39 -20.01
N ASP C 124 -5.26 -10.27 -19.09
CA ASP C 124 -4.39 -11.11 -18.31
C ASP C 124 -5.21 -12.09 -17.52
N ALA C 125 -4.57 -13.18 -17.10
CA ALA C 125 -5.19 -14.19 -16.24
C ALA C 125 -4.99 -13.73 -14.79
N HIS C 126 -4.03 -12.82 -14.58
CA HIS C 126 -3.58 -12.31 -13.28
C HIS C 126 -3.86 -10.81 -13.14
N THR C 127 -3.92 -10.30 -11.91
CA THR C 127 -4.17 -8.87 -11.68
C THR C 127 -2.88 -8.04 -11.74
N ASP C 128 -1.74 -8.65 -11.42
CA ASP C 128 -0.41 -7.99 -11.39
C ASP C 128 -0.43 -6.70 -10.54
N ILE C 129 -1.24 -6.72 -9.44
CA ILE C 129 -1.46 -5.59 -8.53
C ILE C 129 -0.84 -5.79 -7.13
N ASN C 130 -0.03 -6.85 -6.93
CA ASN C 130 0.62 -7.07 -5.64
C ASN C 130 1.57 -5.93 -5.41
N THR C 131 1.72 -5.53 -4.16
CA THR C 131 2.66 -4.46 -3.85
C THR C 131 3.96 -5.15 -3.44
N PRO C 132 5.10 -4.42 -3.35
CA PRO C 132 6.33 -5.06 -2.84
C PRO C 132 6.21 -5.73 -1.47
N LEU C 133 5.15 -5.43 -0.70
CA LEU C 133 4.89 -5.99 0.63
C LEU C 133 3.83 -7.11 0.65
N THR C 134 2.90 -7.13 -0.34
CA THR C 134 1.86 -8.17 -0.38
C THR C 134 2.34 -9.42 -1.15
N THR C 135 3.28 -9.23 -2.10
CA THR C 135 3.85 -10.31 -2.92
C THR C 135 4.43 -11.44 -2.06
N THR C 136 4.21 -12.69 -2.49
CA THR C 136 4.75 -13.86 -1.79
C THR C 136 5.88 -14.50 -2.62
N SER C 137 5.84 -14.30 -3.96
CA SER C 137 6.84 -14.81 -4.90
C SER C 137 8.05 -13.89 -4.99
N GLY C 138 7.80 -12.58 -4.90
CA GLY C 138 8.81 -11.53 -5.01
C GLY C 138 9.13 -11.16 -6.44
N ASN C 139 8.33 -11.66 -7.39
CA ASN C 139 8.54 -11.38 -8.80
C ASN C 139 7.73 -10.14 -9.22
N LEU C 140 8.46 -9.08 -9.62
CA LEU C 140 7.92 -7.77 -10.01
C LEU C 140 6.94 -7.76 -11.20
N HIS C 141 6.92 -8.82 -12.10
CA HIS C 141 5.97 -8.89 -13.23
C HIS C 141 4.51 -9.05 -12.73
N GLY C 142 4.35 -9.42 -11.46
CA GLY C 142 3.07 -9.55 -10.78
C GLY C 142 2.78 -8.39 -9.83
N GLN C 143 3.54 -7.30 -9.98
CA GLN C 143 3.43 -6.08 -9.18
C GLN C 143 3.23 -4.76 -10.01
N PRO C 144 3.24 -4.73 -11.38
CA PRO C 144 3.25 -3.43 -12.09
C PRO C 144 2.09 -2.47 -11.83
N VAL C 145 0.86 -3.00 -11.68
CA VAL C 145 -0.31 -2.15 -11.42
C VAL C 145 -0.15 -1.35 -10.10
N SER C 146 0.37 -2.00 -9.05
CA SER C 146 0.57 -1.32 -7.75
C SER C 146 1.46 -0.06 -7.84
N PHE C 147 2.50 -0.09 -8.68
CA PHE C 147 3.42 1.03 -8.82
C PHE C 147 2.77 2.20 -9.55
N LEU C 148 1.75 1.88 -10.38
CA LEU C 148 1.04 2.84 -11.23
C LEU C 148 -0.19 3.51 -10.60
N LEU C 149 -0.86 2.85 -9.64
CA LEU C 149 -2.09 3.36 -9.03
C LEU C 149 -1.88 4.48 -8.03
N LYS C 150 -2.65 5.59 -8.18
CA LYS C 150 -2.60 6.77 -7.28
C LYS C 150 -3.10 6.44 -5.89
N GLU C 151 -4.10 5.55 -5.79
CA GLU C 151 -4.70 5.11 -4.53
C GLU C 151 -3.76 4.26 -3.67
N LEU C 152 -2.71 3.66 -4.28
CA LEU C 152 -1.75 2.82 -3.57
C LEU C 152 -0.48 3.59 -3.15
N LYS C 153 -0.51 4.94 -3.28
CA LYS C 153 0.56 5.84 -2.86
C LYS C 153 0.50 5.87 -1.32
N GLY C 154 1.63 5.57 -0.69
CA GLY C 154 1.78 5.46 0.75
C GLY C 154 1.83 3.99 1.18
N LYS C 155 1.52 3.08 0.24
CA LYS C 155 1.53 1.62 0.45
C LYS C 155 2.66 0.97 -0.32
N ILE C 156 3.33 1.74 -1.20
CA ILE C 156 4.48 1.24 -1.96
C ILE C 156 5.74 1.74 -1.24
N PRO C 157 6.58 0.81 -0.68
CA PRO C 157 7.78 1.27 0.03
C PRO C 157 8.88 1.73 -0.92
N ASP C 158 9.93 2.37 -0.39
CA ASP C 158 11.06 2.84 -1.20
C ASP C 158 11.86 1.64 -1.71
N VAL C 159 11.51 1.16 -2.93
CA VAL C 159 12.17 0.03 -3.57
C VAL C 159 13.31 0.55 -4.45
N PRO C 160 14.56 0.05 -4.26
CA PRO C 160 15.66 0.51 -5.11
C PRO C 160 15.38 0.37 -6.60
N GLY C 161 15.60 1.45 -7.34
CA GLY C 161 15.39 1.53 -8.78
C GLY C 161 14.03 2.06 -9.18
N PHE C 162 13.17 2.39 -8.21
CA PHE C 162 11.82 2.87 -8.50
C PHE C 162 11.51 4.29 -7.98
N SER C 163 12.54 5.08 -7.60
CA SER C 163 12.32 6.44 -7.09
C SER C 163 11.80 7.42 -8.18
N TRP C 164 12.03 7.09 -9.47
CA TRP C 164 11.58 7.86 -10.64
C TRP C 164 10.06 7.74 -10.83
N VAL C 165 9.46 6.64 -10.32
CA VAL C 165 8.03 6.29 -10.45
C VAL C 165 7.11 7.28 -9.71
N THR C 166 6.10 7.76 -10.42
CA THR C 166 5.04 8.61 -9.87
C THR C 166 3.74 7.95 -10.31
N PRO C 167 2.83 7.62 -9.37
CA PRO C 167 1.56 7.00 -9.76
C PRO C 167 0.83 7.90 -10.76
N CYS C 168 0.49 7.35 -11.93
CA CYS C 168 -0.12 8.10 -13.01
C CYS C 168 -1.58 7.73 -13.31
N ILE C 169 -2.05 6.57 -12.81
CA ILE C 169 -3.42 6.13 -13.08
C ILE C 169 -4.22 5.95 -11.80
N SER C 170 -5.50 6.33 -11.84
N SER C 170 -5.50 6.33 -11.84
CA SER C 170 -6.42 6.18 -10.72
CA SER C 170 -6.46 6.22 -10.75
C SER C 170 -7.12 4.84 -10.88
C SER C 170 -7.14 4.85 -10.89
N ALA C 171 -7.58 4.26 -9.76
CA ALA C 171 -8.27 2.95 -9.71
C ALA C 171 -9.48 2.86 -10.66
N LYS C 172 -10.13 4.03 -10.94
CA LYS C 172 -11.28 4.20 -11.84
C LYS C 172 -10.89 4.19 -13.33
N ASP C 173 -9.58 4.24 -13.63
CA ASP C 173 -9.09 4.32 -15.02
C ASP C 173 -8.57 3.01 -15.60
N ILE C 174 -8.75 1.89 -14.88
CA ILE C 174 -8.29 0.58 -15.33
C ILE C 174 -9.42 -0.46 -15.36
N VAL C 175 -9.42 -1.32 -16.40
CA VAL C 175 -10.37 -2.42 -16.54
C VAL C 175 -9.58 -3.71 -16.82
N TYR C 176 -9.83 -4.74 -16.00
CA TYR C 176 -9.25 -6.07 -16.16
C TYR C 176 -10.18 -6.95 -16.97
N ILE C 177 -9.62 -7.73 -17.91
CA ILE C 177 -10.35 -8.72 -18.73
C ILE C 177 -9.56 -10.04 -18.70
N GLY C 178 -10.20 -11.14 -18.29
CA GLY C 178 -9.62 -12.48 -18.30
C GLY C 178 -9.14 -13.11 -17.00
N LEU C 179 -9.29 -12.39 -15.86
CA LEU C 179 -8.82 -12.80 -14.53
C LEU C 179 -9.27 -14.19 -14.10
N ARG C 180 -8.33 -14.99 -13.56
CA ARG C 180 -8.63 -16.35 -13.14
C ARG C 180 -7.65 -16.94 -12.12
N ASP C 181 -6.62 -16.15 -11.69
CA ASP C 181 -5.64 -16.57 -10.67
C ASP C 181 -5.10 -15.32 -9.94
N VAL C 182 -5.87 -14.90 -8.94
CA VAL C 182 -5.64 -13.69 -8.17
C VAL C 182 -5.27 -14.06 -6.73
N ASP C 183 -4.18 -13.46 -6.19
CA ASP C 183 -3.70 -13.69 -4.82
C ASP C 183 -4.65 -13.04 -3.79
N PRO C 184 -4.76 -13.57 -2.54
CA PRO C 184 -5.65 -12.93 -1.55
C PRO C 184 -5.45 -11.42 -1.38
N GLY C 185 -4.18 -10.99 -1.26
CA GLY C 185 -3.80 -9.58 -1.15
C GLY C 185 -4.29 -8.75 -2.32
N GLU C 186 -4.18 -9.29 -3.54
CA GLU C 186 -4.62 -8.66 -4.78
C GLU C 186 -6.14 -8.52 -4.83
N HIS C 187 -6.87 -9.59 -4.42
CA HIS C 187 -8.33 -9.57 -4.37
C HIS C 187 -8.80 -8.50 -3.38
N TYR C 188 -8.12 -8.38 -2.22
CA TYR C 188 -8.41 -7.36 -1.22
C TYR C 188 -8.27 -5.95 -1.85
N ILE C 189 -7.13 -5.68 -2.55
CA ILE C 189 -6.85 -4.39 -3.23
C ILE C 189 -7.96 -4.07 -4.25
N LEU C 190 -8.31 -5.07 -5.10
CA LEU C 190 -9.36 -5.00 -6.13
C LEU C 190 -10.70 -4.53 -5.54
N LYS C 191 -11.12 -5.14 -4.40
CA LYS C 191 -12.39 -4.85 -3.73
C LYS C 191 -12.42 -3.55 -2.94
N THR C 192 -11.35 -3.24 -2.18
CA THR C 192 -11.26 -2.02 -1.36
C THR C 192 -11.12 -0.74 -2.20
N LEU C 193 -10.48 -0.85 -3.38
CA LEU C 193 -10.31 0.28 -4.29
C LEU C 193 -11.47 0.39 -5.28
N GLY C 194 -12.26 -0.67 -5.40
CA GLY C 194 -13.40 -0.73 -6.30
C GLY C 194 -13.02 -0.66 -7.77
N ILE C 195 -12.00 -1.44 -8.17
CA ILE C 195 -11.52 -1.51 -9.55
C ILE C 195 -12.50 -2.32 -10.40
N LYS C 196 -12.79 -1.86 -11.63
CA LYS C 196 -13.66 -2.55 -12.56
C LYS C 196 -12.90 -3.77 -13.13
N TYR C 197 -13.55 -4.94 -13.08
CA TYR C 197 -12.96 -6.18 -13.58
C TYR C 197 -13.97 -7.13 -14.17
N PHE C 198 -13.52 -7.88 -15.18
CA PHE C 198 -14.29 -8.90 -15.83
C PHE C 198 -13.43 -10.15 -15.75
N SER C 199 -13.64 -10.95 -14.66
CA SER C 199 -12.92 -12.21 -14.49
C SER C 199 -13.52 -13.24 -15.45
N MET C 200 -12.92 -14.43 -15.53
CA MET C 200 -13.49 -15.46 -16.41
C MET C 200 -14.94 -15.74 -16.07
N THR C 201 -15.34 -15.55 -14.78
CA THR C 201 -16.71 -15.68 -14.28
C THR C 201 -17.63 -14.71 -14.99
N GLU C 202 -17.22 -13.41 -15.08
CA GLU C 202 -17.97 -12.35 -15.75
C GLU C 202 -18.04 -12.61 -17.26
N VAL C 203 -16.93 -13.04 -17.89
CA VAL C 203 -16.86 -13.38 -19.33
C VAL C 203 -17.86 -14.51 -19.63
N ASP C 204 -17.95 -15.52 -18.73
CA ASP C 204 -18.89 -16.64 -18.86
C ASP C 204 -20.33 -16.18 -18.72
N ARG C 205 -20.60 -15.34 -17.72
CA ARG C 205 -21.93 -14.79 -17.41
C ARG C 205 -22.48 -13.92 -18.54
N LEU C 206 -21.71 -12.90 -18.95
CA LEU C 206 -22.12 -11.88 -19.91
C LEU C 206 -21.89 -12.18 -21.39
N GLY C 207 -20.77 -12.82 -21.68
CA GLY C 207 -20.32 -13.04 -23.05
C GLY C 207 -19.35 -11.91 -23.36
N ILE C 208 -18.37 -12.13 -24.26
CA ILE C 208 -17.35 -11.14 -24.62
C ILE C 208 -17.94 -9.87 -25.29
N GLY C 209 -19.12 -9.98 -25.91
CA GLY C 209 -19.82 -8.87 -26.54
C GLY C 209 -20.20 -7.83 -25.50
N LYS C 210 -20.89 -8.28 -24.43
CA LYS C 210 -21.34 -7.46 -23.30
C LYS C 210 -20.14 -6.96 -22.52
N VAL C 211 -19.10 -7.81 -22.32
CA VAL C 211 -17.85 -7.47 -21.64
C VAL C 211 -17.21 -6.25 -22.30
N MET C 212 -17.05 -6.29 -23.63
CA MET C 212 -16.44 -5.19 -24.40
C MET C 212 -17.28 -3.93 -24.39
N GLU C 213 -18.60 -4.06 -24.58
CA GLU C 213 -19.57 -2.97 -24.57
C GLU C 213 -19.47 -2.21 -23.24
N GLU C 214 -19.42 -2.95 -22.12
CA GLU C 214 -19.31 -2.40 -20.76
C GLU C 214 -17.92 -1.79 -20.49
N THR C 215 -16.82 -2.47 -20.94
CA THR C 215 -15.43 -2.01 -20.78
C THR C 215 -15.23 -0.63 -21.46
N LEU C 216 -15.62 -0.52 -22.74
CA LEU C 216 -15.47 0.71 -23.53
C LEU C 216 -16.39 1.86 -23.01
N SER C 217 -17.63 1.55 -22.55
N SER C 217 -17.63 1.56 -22.56
CA SER C 217 -18.56 2.56 -22.00
CA SER C 217 -18.53 2.60 -22.01
C SER C 217 -18.07 3.09 -20.65
C SER C 217 -18.07 3.10 -20.64
N TYR C 218 -17.45 2.22 -19.83
CA TYR C 218 -16.92 2.56 -18.50
C TYR C 218 -15.81 3.61 -18.60
N LEU C 219 -14.93 3.48 -19.62
CA LEU C 219 -13.81 4.40 -19.83
C LEU C 219 -14.16 5.60 -20.72
N LEU C 220 -14.93 5.37 -21.81
CA LEU C 220 -15.18 6.40 -22.83
C LEU C 220 -16.52 7.13 -22.73
N GLY C 221 -17.44 6.61 -21.91
CA GLY C 221 -18.79 7.14 -21.72
C GLY C 221 -18.95 8.63 -21.49
N ARG C 222 -18.03 9.24 -20.71
CA ARG C 222 -18.05 10.67 -20.42
C ARG C 222 -17.61 11.49 -21.64
N LYS C 223 -16.53 11.03 -22.31
CA LYS C 223 -15.92 11.60 -23.52
C LYS C 223 -14.75 10.72 -23.96
N LYS C 224 -14.40 10.83 -25.23
CA LYS C 224 -13.29 10.12 -25.84
C LYS C 224 -11.99 10.46 -25.13
N ARG C 225 -11.16 9.44 -24.90
CA ARG C 225 -9.88 9.51 -24.21
C ARG C 225 -8.96 8.41 -24.77
N PRO C 226 -7.62 8.50 -24.58
CA PRO C 226 -6.74 7.51 -25.19
C PRO C 226 -6.70 6.17 -24.46
N ILE C 227 -6.67 5.06 -25.22
CA ILE C 227 -6.70 3.71 -24.65
C ILE C 227 -5.31 3.06 -24.64
N HIS C 228 -4.90 2.51 -23.49
CA HIS C 228 -3.67 1.76 -23.36
C HIS C 228 -4.07 0.31 -23.12
N LEU C 229 -3.75 -0.57 -24.07
CA LEU C 229 -4.05 -1.98 -23.91
C LEU C 229 -2.76 -2.71 -23.50
N SER C 230 -2.77 -3.30 -22.32
CA SER C 230 -1.64 -4.08 -21.83
C SER C 230 -2.06 -5.54 -21.93
N PHE C 231 -1.61 -6.21 -23.01
CA PHE C 231 -1.95 -7.59 -23.31
C PHE C 231 -0.91 -8.60 -22.86
N ASP C 232 -1.26 -9.38 -21.85
CA ASP C 232 -0.47 -10.50 -21.38
C ASP C 232 -1.07 -11.67 -22.15
N VAL C 233 -0.20 -12.45 -22.84
CA VAL C 233 -0.62 -13.62 -23.64
C VAL C 233 -1.22 -14.76 -22.78
N ASP C 234 -0.97 -14.76 -21.46
CA ASP C 234 -1.51 -15.78 -20.57
C ASP C 234 -2.97 -15.46 -20.17
N GLY C 235 -3.50 -14.33 -20.66
CA GLY C 235 -4.90 -13.95 -20.57
C GLY C 235 -5.70 -14.84 -21.49
N LEU C 236 -5.06 -15.31 -22.58
CA LEU C 236 -5.62 -16.29 -23.50
C LEU C 236 -5.33 -17.67 -22.91
N ASP C 237 -6.18 -18.69 -23.23
CA ASP C 237 -6.03 -20.08 -22.77
C ASP C 237 -4.72 -20.72 -23.26
N PRO C 238 -4.04 -21.59 -22.43
CA PRO C 238 -2.79 -22.23 -22.89
C PRO C 238 -2.91 -23.16 -24.09
N SER C 239 -4.12 -23.35 -24.65
CA SER C 239 -4.31 -24.14 -25.88
C SER C 239 -3.99 -23.26 -27.11
N PHE C 240 -3.88 -21.92 -26.91
CA PHE C 240 -3.54 -20.94 -27.96
C PHE C 240 -2.17 -20.29 -27.70
N THR C 241 -1.84 -20.03 -26.42
CA THR C 241 -0.57 -19.42 -26.03
C THR C 241 0.17 -20.27 -24.95
N PRO C 242 0.57 -21.54 -25.27
CA PRO C 242 1.24 -22.36 -24.24
C PRO C 242 2.63 -21.88 -23.81
N ALA C 243 3.41 -21.31 -24.74
CA ALA C 243 4.75 -20.81 -24.48
C ALA C 243 4.74 -19.51 -23.69
N THR C 244 4.40 -19.62 -22.38
CA THR C 244 4.30 -18.52 -21.42
C THR C 244 4.62 -19.05 -20.01
N GLY C 245 5.16 -18.16 -19.18
CA GLY C 245 5.62 -18.44 -17.84
C GLY C 245 4.60 -18.90 -16.81
N THR C 246 3.45 -18.22 -16.74
CA THR C 246 2.41 -18.55 -15.75
C THR C 246 1.08 -18.92 -16.46
N PRO C 247 1.01 -20.08 -17.17
CA PRO C 247 -0.24 -20.45 -17.83
C PRO C 247 -1.29 -20.95 -16.83
N VAL C 248 -2.56 -20.61 -17.10
CA VAL C 248 -3.71 -21.01 -16.28
C VAL C 248 -4.77 -21.47 -17.25
N VAL C 249 -5.30 -22.68 -17.02
CA VAL C 249 -6.39 -23.30 -17.78
C VAL C 249 -7.70 -22.46 -17.68
N GLY C 250 -8.61 -22.66 -18.62
CA GLY C 250 -9.89 -21.95 -18.66
C GLY C 250 -9.77 -20.48 -19.06
N GLY C 251 -8.87 -20.18 -19.99
CA GLY C 251 -8.63 -18.81 -20.44
C GLY C 251 -9.48 -18.32 -21.57
N LEU C 252 -9.24 -17.07 -22.01
CA LEU C 252 -9.96 -16.45 -23.13
C LEU C 252 -9.60 -17.21 -24.39
N THR C 253 -10.59 -17.45 -25.27
CA THR C 253 -10.37 -18.16 -26.53
C THR C 253 -9.64 -17.27 -27.55
N TYR C 254 -9.18 -17.86 -28.66
CA TYR C 254 -8.51 -17.17 -29.78
C TYR C 254 -9.48 -16.11 -30.32
N ARG C 255 -10.76 -16.48 -30.42
CA ARG C 255 -11.87 -15.66 -30.88
C ARG C 255 -12.14 -14.47 -29.94
N GLU C 256 -12.22 -14.72 -28.61
CA GLU C 256 -12.44 -13.69 -27.60
C GLU C 256 -11.29 -12.67 -27.62
N GLY C 257 -10.06 -13.17 -27.73
CA GLY C 257 -8.85 -12.33 -27.84
C GLY C 257 -8.91 -11.40 -29.03
N LEU C 258 -9.30 -11.95 -30.20
CA LEU C 258 -9.47 -11.21 -31.45
C LEU C 258 -10.65 -10.26 -31.37
N TYR C 259 -11.73 -10.65 -30.66
CA TYR C 259 -12.90 -9.79 -30.49
C TYR C 259 -12.59 -8.54 -29.65
N ILE C 260 -11.84 -8.70 -28.54
CA ILE C 260 -11.43 -7.60 -27.65
C ILE C 260 -10.65 -6.55 -28.47
N THR C 261 -9.62 -7.01 -29.18
CA THR C 261 -8.71 -6.19 -29.99
C THR C 261 -9.41 -5.53 -31.18
N GLU C 262 -10.34 -6.25 -31.86
CA GLU C 262 -11.14 -5.72 -32.97
C GLU C 262 -12.00 -4.55 -32.48
N GLU C 263 -12.61 -4.69 -31.29
CA GLU C 263 -13.45 -3.65 -30.68
C GLU C 263 -12.66 -2.41 -30.29
N ILE C 264 -11.46 -2.59 -29.71
CA ILE C 264 -10.55 -1.50 -29.34
C ILE C 264 -10.09 -0.75 -30.60
N TYR C 265 -9.79 -1.49 -31.70
CA TYR C 265 -9.38 -0.86 -32.97
C TYR C 265 -10.48 0.09 -33.47
N LYS C 266 -11.73 -0.43 -33.53
CA LYS C 266 -12.92 0.27 -33.99
C LYS C 266 -13.16 1.64 -33.31
N THR C 267 -12.73 1.82 -32.05
CA THR C 267 -12.89 3.09 -31.32
C THR C 267 -11.99 4.20 -31.92
N GLY C 268 -10.90 3.78 -32.58
CA GLY C 268 -9.89 4.65 -33.16
C GLY C 268 -9.09 5.37 -32.09
N LEU C 269 -9.18 4.88 -30.84
CA LEU C 269 -8.56 5.49 -29.67
C LEU C 269 -7.38 4.71 -29.06
N LEU C 270 -6.92 3.62 -29.72
CA LEU C 270 -5.73 2.87 -29.25
C LEU C 270 -4.53 3.80 -29.39
N SER C 271 -3.82 4.01 -28.27
CA SER C 271 -2.72 4.95 -28.17
C SER C 271 -1.43 4.26 -27.67
N GLY C 272 -1.60 3.14 -26.98
CA GLY C 272 -0.50 2.35 -26.44
C GLY C 272 -0.83 0.89 -26.37
N LEU C 273 0.15 0.04 -26.74
CA LEU C 273 -0.03 -1.42 -26.74
C LEU C 273 1.19 -2.17 -26.22
N ASP C 274 0.94 -3.19 -25.36
CA ASP C 274 1.94 -4.11 -24.80
C ASP C 274 1.58 -5.53 -25.17
N ILE C 275 2.51 -6.28 -25.79
CA ILE C 275 2.35 -7.69 -26.12
C ILE C 275 3.38 -8.38 -25.24
N MET C 276 2.92 -8.90 -24.08
CA MET C 276 3.82 -9.42 -23.06
C MET C 276 3.73 -10.89 -22.74
N GLU C 277 4.82 -11.41 -22.10
CA GLU C 277 5.01 -12.74 -21.52
C GLU C 277 5.16 -13.86 -22.55
N VAL C 278 5.49 -13.51 -23.81
CA VAL C 278 5.75 -14.54 -24.84
C VAL C 278 7.14 -15.10 -24.49
N ASN C 279 7.19 -16.38 -24.08
CA ASN C 279 8.44 -17.05 -23.74
C ASN C 279 8.69 -18.26 -24.66
N PRO C 280 9.52 -18.07 -25.71
CA PRO C 280 9.80 -19.18 -26.66
C PRO C 280 10.58 -20.38 -26.10
N SER C 281 11.11 -20.28 -24.86
CA SER C 281 11.83 -21.39 -24.23
C SER C 281 10.85 -22.34 -23.50
N LEU C 282 9.56 -21.94 -23.40
CA LEU C 282 8.57 -22.72 -22.64
C LEU C 282 7.56 -23.49 -23.52
N GLY C 283 7.92 -23.75 -24.76
CA GLY C 283 7.10 -24.57 -25.63
C GLY C 283 7.55 -26.01 -25.49
N LYS C 284 6.62 -26.92 -25.06
CA LYS C 284 6.91 -28.35 -24.90
C LYS C 284 7.32 -29.03 -26.22
N THR C 285 6.94 -28.39 -27.34
CA THR C 285 7.27 -28.80 -28.71
C THR C 285 7.59 -27.51 -29.49
N PRO C 286 8.38 -27.56 -30.61
CA PRO C 286 8.60 -26.34 -31.40
C PRO C 286 7.28 -25.74 -31.92
N GLU C 287 6.24 -26.57 -32.17
CA GLU C 287 4.91 -26.16 -32.62
C GLU C 287 4.19 -25.29 -31.57
N GLU C 288 4.35 -25.62 -30.28
CA GLU C 288 3.76 -24.86 -29.18
C GLU C 288 4.26 -23.40 -29.18
N VAL C 289 5.56 -23.21 -29.48
CA VAL C 289 6.21 -21.91 -29.61
C VAL C 289 5.61 -21.18 -30.82
N THR C 290 5.57 -21.85 -32.01
CA THR C 290 5.03 -21.31 -33.26
C THR C 290 3.55 -20.90 -33.12
N ARG C 291 2.77 -21.67 -32.34
CA ARG C 291 1.36 -21.45 -32.05
C ARG C 291 1.16 -20.18 -31.20
N THR C 292 2.02 -19.99 -30.16
CA THR C 292 1.98 -18.84 -29.24
C THR C 292 2.33 -17.53 -29.98
N VAL C 293 3.42 -17.56 -30.79
CA VAL C 293 3.91 -16.43 -31.59
C VAL C 293 2.84 -16.00 -32.61
N ASN C 294 2.26 -16.96 -33.34
CA ASN C 294 1.21 -16.72 -34.31
C ASN C 294 -0.02 -16.09 -33.67
N THR C 295 -0.43 -16.60 -32.48
CA THR C 295 -1.56 -16.04 -31.73
C THR C 295 -1.26 -14.60 -31.33
N ALA C 296 -0.06 -14.34 -30.76
CA ALA C 296 0.37 -13.00 -30.35
C ALA C 296 0.43 -12.04 -31.54
N VAL C 297 0.90 -12.52 -32.72
CA VAL C 297 0.96 -11.73 -33.97
C VAL C 297 -0.46 -11.39 -34.44
N ALA C 298 -1.39 -12.38 -34.38
CA ALA C 298 -2.80 -12.20 -34.77
C ALA C 298 -3.50 -11.16 -33.91
N ILE C 299 -3.27 -11.19 -32.56
CA ILE C 299 -3.81 -10.24 -31.60
C ILE C 299 -3.38 -8.83 -31.99
N THR C 300 -2.07 -8.65 -32.28
CA THR C 300 -1.41 -7.40 -32.68
C THR C 300 -1.99 -6.84 -33.97
N LEU C 301 -2.19 -7.70 -35.01
CA LEU C 301 -2.74 -7.27 -36.29
C LEU C 301 -4.17 -6.73 -36.17
N ALA C 302 -4.99 -7.38 -35.30
CA ALA C 302 -6.37 -6.98 -35.00
C ALA C 302 -6.39 -5.61 -34.31
N CYS C 303 -5.36 -5.30 -33.49
CA CYS C 303 -5.22 -4.02 -32.78
C CYS C 303 -5.05 -2.89 -33.78
N PHE C 304 -4.49 -3.19 -34.97
CA PHE C 304 -4.23 -2.19 -35.99
C PHE C 304 -5.03 -2.37 -37.29
N GLY C 305 -6.26 -2.89 -37.19
CA GLY C 305 -7.19 -2.94 -38.32
C GLY C 305 -7.64 -4.24 -38.93
N LEU C 306 -6.82 -5.31 -38.84
CA LEU C 306 -7.17 -6.60 -39.43
C LEU C 306 -8.49 -7.12 -38.82
N ALA C 307 -9.52 -7.24 -39.67
CA ALA C 307 -10.85 -7.68 -39.28
C ALA C 307 -11.19 -9.02 -39.90
N ARG C 308 -11.84 -9.90 -39.11
CA ARG C 308 -12.24 -11.23 -39.58
C ARG C 308 -13.26 -11.19 -40.72
N GLU C 309 -14.16 -10.17 -40.74
CA GLU C 309 -15.15 -9.99 -41.82
C GLU C 309 -14.48 -9.66 -43.17
N GLY C 310 -13.24 -9.18 -43.08
CA GLY C 310 -12.44 -8.79 -44.22
C GLY C 310 -12.05 -7.33 -44.18
N ASN C 311 -11.16 -6.95 -45.08
CA ASN C 311 -10.65 -5.59 -45.23
C ASN C 311 -10.51 -5.30 -46.71
N HIS C 312 -10.67 -4.02 -47.10
CA HIS C 312 -10.46 -3.58 -48.47
C HIS C 312 -9.95 -2.13 -48.52
N LYS C 313 -9.12 -1.83 -49.53
CA LYS C 313 -8.55 -0.49 -49.75
C LYS C 313 -9.62 0.43 -50.34
N PRO C 314 -9.55 1.77 -50.14
CA PRO C 314 -10.59 2.65 -50.73
C PRO C 314 -10.47 2.87 -52.24
N ILE C 315 -10.69 1.79 -53.01
CA ILE C 315 -10.65 1.69 -54.47
C ILE C 315 -11.81 0.81 -54.94
N ASP C 316 -12.19 0.92 -56.22
CA ASP C 316 -13.26 0.13 -56.82
C ASP C 316 -12.67 -1.19 -57.34
N TYR C 317 -12.95 -2.28 -56.63
CA TYR C 317 -12.46 -3.63 -56.96
C TYR C 317 -13.18 -4.26 -58.15
N LEU C 318 -14.43 -3.81 -58.46
CA LEU C 318 -15.22 -4.32 -59.58
C LEU C 318 -14.90 -3.61 -60.91
N ASN C 319 -14.11 -2.51 -60.85
CA ASN C 319 -13.66 -1.74 -62.01
C ASN C 319 -12.24 -1.22 -61.77
N SER D 2 -16.12 -23.38 10.61
CA SER D 2 -16.21 -22.82 9.26
C SER D 2 -17.64 -22.50 8.85
N ALA D 3 -17.81 -21.80 7.71
CA ALA D 3 -19.13 -21.44 7.15
C ALA D 3 -19.91 -22.71 6.81
N LYS D 4 -21.25 -22.69 6.91
CA LYS D 4 -22.09 -23.86 6.58
C LYS D 4 -21.76 -24.37 5.15
N SER D 5 -21.65 -23.44 4.19
CA SER D 5 -21.34 -23.72 2.80
C SER D 5 -19.91 -24.27 2.60
N ARG D 6 -19.06 -24.19 3.66
CA ARG D 6 -17.68 -24.65 3.66
C ARG D 6 -17.44 -25.74 4.76
N THR D 7 -18.52 -26.39 5.25
CA THR D 7 -18.50 -27.47 6.25
C THR D 7 -18.85 -28.79 5.52
N ILE D 8 -17.83 -29.62 5.29
CA ILE D 8 -17.89 -30.83 4.48
C ILE D 8 -17.66 -32.12 5.25
N GLY D 9 -18.44 -33.13 4.84
CA GLY D 9 -18.36 -34.51 5.27
C GLY D 9 -18.11 -35.32 4.02
N ILE D 10 -16.96 -36.01 3.93
CA ILE D 10 -16.56 -36.77 2.75
C ILE D 10 -16.83 -38.25 2.87
N ILE D 11 -17.51 -38.80 1.86
CA ILE D 11 -17.83 -40.22 1.77
C ILE D 11 -17.24 -40.78 0.50
N GLY D 12 -16.42 -41.81 0.66
CA GLY D 12 -15.86 -42.54 -0.46
C GLY D 12 -16.81 -43.64 -0.83
N ALA D 13 -17.19 -43.71 -2.11
CA ALA D 13 -18.11 -44.75 -2.60
C ALA D 13 -17.43 -45.55 -3.74
N PRO D 14 -16.49 -46.48 -3.40
CA PRO D 14 -15.78 -47.25 -4.44
C PRO D 14 -16.64 -48.35 -5.03
N PHE D 15 -17.57 -47.97 -5.91
CA PHE D 15 -18.52 -48.89 -6.53
C PHE D 15 -18.56 -48.78 -8.06
N SER D 16 -18.57 -49.94 -8.74
CA SER D 16 -18.56 -50.01 -10.20
C SER D 16 -19.67 -50.84 -10.84
N LYS D 17 -20.32 -51.73 -10.08
CA LYS D 17 -21.32 -52.66 -10.61
C LYS D 17 -22.60 -52.01 -11.17
N GLY D 18 -22.64 -50.68 -11.20
CA GLY D 18 -23.75 -49.93 -11.80
C GLY D 18 -23.61 -49.86 -13.31
N GLN D 19 -22.39 -50.21 -13.81
CA GLN D 19 -21.99 -50.23 -15.22
C GLN D 19 -20.95 -51.36 -15.54
N PRO D 20 -20.66 -51.69 -16.83
CA PRO D 20 -19.77 -52.83 -17.09
C PRO D 20 -18.26 -52.57 -17.12
N ARG D 21 -17.83 -51.30 -17.14
CA ARG D 21 -16.42 -50.97 -17.23
C ARG D 21 -15.72 -50.89 -15.87
N GLY D 22 -14.67 -51.68 -15.69
CA GLY D 22 -13.88 -51.67 -14.45
C GLY D 22 -13.03 -50.42 -14.32
N GLY D 23 -12.75 -50.04 -13.08
CA GLY D 23 -11.90 -48.90 -12.74
C GLY D 23 -12.52 -47.72 -12.03
N VAL D 24 -13.85 -47.49 -12.21
CA VAL D 24 -14.56 -46.35 -11.63
C VAL D 24 -14.54 -46.43 -10.09
N GLU D 25 -14.38 -47.66 -9.51
CA GLU D 25 -14.29 -47.89 -8.08
C GLU D 25 -13.01 -47.27 -7.48
N GLU D 26 -12.02 -46.94 -8.34
CA GLU D 26 -10.76 -46.31 -7.94
C GLU D 26 -10.88 -44.77 -7.90
N GLY D 27 -12.04 -44.25 -8.29
CA GLY D 27 -12.36 -42.82 -8.27
C GLY D 27 -12.10 -42.16 -6.93
N PRO D 28 -12.62 -42.70 -5.80
CA PRO D 28 -12.32 -42.09 -4.48
C PRO D 28 -10.81 -42.03 -4.18
N THR D 29 -10.07 -43.11 -4.53
CA THR D 29 -8.63 -43.26 -4.34
C THR D 29 -7.82 -42.20 -5.12
N VAL D 30 -8.14 -41.99 -6.41
CA VAL D 30 -7.39 -41.05 -7.26
C VAL D 30 -7.71 -39.59 -6.91
N LEU D 31 -8.96 -39.29 -6.50
CA LEU D 31 -9.39 -37.93 -6.12
C LEU D 31 -8.72 -37.50 -4.81
N ARG D 32 -8.50 -38.44 -3.86
CA ARG D 32 -7.83 -38.23 -2.57
C ARG D 32 -6.33 -38.03 -2.77
N LYS D 33 -5.70 -38.93 -3.59
CA LYS D 33 -4.27 -38.90 -3.91
C LYS D 33 -3.89 -37.58 -4.57
N ALA D 34 -4.83 -36.97 -5.33
CA ALA D 34 -4.69 -35.68 -5.99
C ALA D 34 -4.69 -34.50 -4.99
N GLY D 35 -4.94 -34.81 -3.72
CA GLY D 35 -4.93 -33.85 -2.62
C GLY D 35 -6.18 -33.02 -2.42
N LEU D 36 -7.37 -33.61 -2.73
CA LEU D 36 -8.67 -32.95 -2.59
C LEU D 36 -8.94 -32.40 -1.18
N LEU D 37 -8.72 -33.24 -0.16
CA LEU D 37 -8.95 -32.91 1.25
C LEU D 37 -8.07 -31.74 1.70
N GLU D 38 -6.78 -31.77 1.31
CA GLU D 38 -5.78 -30.74 1.62
C GLU D 38 -6.13 -29.41 0.95
N LYS D 39 -6.48 -29.45 -0.35
CA LYS D 39 -6.87 -28.26 -1.13
C LYS D 39 -8.14 -27.60 -0.60
N LEU D 40 -9.09 -28.42 -0.11
CA LEU D 40 -10.33 -27.91 0.49
C LEU D 40 -10.05 -27.21 1.83
N LYS D 41 -9.15 -27.78 2.66
CA LYS D 41 -8.76 -27.20 3.96
C LYS D 41 -7.98 -25.89 3.76
N GLU D 42 -7.30 -25.75 2.60
CA GLU D 42 -6.56 -24.56 2.20
C GLU D 42 -7.50 -23.39 1.86
N GLN D 43 -8.76 -23.70 1.54
CA GLN D 43 -9.77 -22.69 1.23
C GLN D 43 -10.81 -22.59 2.38
N GLU D 44 -10.28 -22.60 3.63
CA GLU D 44 -11.01 -22.43 4.90
C GLU D 44 -12.22 -23.39 5.10
N CYS D 45 -12.12 -24.62 4.58
CA CYS D 45 -13.16 -25.63 4.75
C CYS D 45 -12.94 -26.47 5.99
N ASP D 46 -14.06 -26.88 6.62
CA ASP D 46 -14.06 -27.79 7.77
C ASP D 46 -14.34 -29.15 7.14
N VAL D 47 -13.26 -29.91 6.87
CA VAL D 47 -13.32 -31.21 6.21
C VAL D 47 -13.18 -32.37 7.20
N LYS D 48 -14.14 -33.31 7.13
CA LYS D 48 -14.20 -34.55 7.92
C LYS D 48 -14.37 -35.67 6.90
N ASP D 49 -13.46 -36.66 6.94
CA ASP D 49 -13.46 -37.80 6.03
C ASP D 49 -14.02 -39.04 6.75
N TYR D 50 -15.21 -39.49 6.31
CA TYR D 50 -15.93 -40.63 6.86
C TYR D 50 -15.43 -41.98 6.29
N GLY D 51 -14.40 -41.91 5.46
CA GLY D 51 -13.74 -43.04 4.81
C GLY D 51 -14.47 -43.56 3.59
N ASP D 52 -14.03 -44.74 3.13
CA ASP D 52 -14.62 -45.43 2.00
C ASP D 52 -15.51 -46.59 2.50
N LEU D 53 -16.75 -46.70 1.99
CA LEU D 53 -17.67 -47.80 2.28
C LEU D 53 -17.05 -49.09 1.72
N PRO D 54 -17.03 -50.20 2.49
CA PRO D 54 -16.37 -51.43 1.99
C PRO D 54 -17.08 -52.12 0.83
N PHE D 55 -18.42 -52.01 0.74
CA PHE D 55 -19.28 -52.66 -0.25
C PHE D 55 -18.91 -54.14 -0.41
N ALA D 56 -19.25 -54.95 0.61
CA ALA D 56 -19.00 -56.40 0.60
C ALA D 56 -19.66 -57.05 -0.59
N ASP D 57 -18.94 -57.99 -1.17
CA ASP D 57 -19.31 -58.74 -2.37
C ASP D 57 -20.62 -59.52 -2.20
N ILE D 58 -21.42 -59.51 -3.27
CA ILE D 58 -22.66 -60.27 -3.39
C ILE D 58 -22.41 -61.19 -4.59
N PRO D 59 -21.87 -62.40 -4.35
CA PRO D 59 -21.51 -63.28 -5.50
C PRO D 59 -22.69 -63.75 -6.33
N ASN D 60 -23.77 -64.16 -5.65
CA ASN D 60 -25.03 -64.60 -6.23
C ASN D 60 -25.88 -63.35 -6.46
N ASP D 61 -25.82 -62.79 -7.68
CA ASP D 61 -26.53 -61.57 -8.05
C ASP D 61 -26.93 -61.60 -9.52
N SER D 62 -27.81 -62.53 -9.84
CA SER D 62 -28.32 -62.75 -11.18
C SER D 62 -29.10 -61.52 -11.68
N PRO D 63 -29.19 -61.28 -12.99
CA PRO D 63 -29.89 -60.07 -13.46
C PRO D 63 -31.41 -60.12 -13.35
N PHE D 64 -32.02 -58.94 -13.10
CA PHE D 64 -33.48 -58.77 -13.10
C PHE D 64 -33.76 -58.41 -14.55
N GLN D 65 -34.25 -59.38 -15.34
CA GLN D 65 -34.50 -59.24 -16.78
C GLN D 65 -33.14 -58.96 -17.48
N ILE D 66 -32.88 -57.72 -17.95
CA ILE D 66 -31.61 -57.34 -18.56
C ILE D 66 -30.75 -56.48 -17.61
N VAL D 67 -31.37 -56.01 -16.51
CA VAL D 67 -30.77 -55.16 -15.48
C VAL D 67 -29.68 -55.94 -14.71
N LYS D 68 -28.41 -55.52 -14.88
CA LYS D 68 -27.21 -56.15 -14.34
C LYS D 68 -26.89 -55.76 -12.92
N ASN D 69 -26.44 -56.76 -12.11
CA ASN D 69 -26.08 -56.65 -10.68
C ASN D 69 -27.13 -55.86 -9.85
N PRO D 70 -28.42 -56.27 -9.82
CA PRO D 70 -29.43 -55.46 -9.07
C PRO D 70 -29.22 -55.37 -7.56
N ARG D 71 -28.90 -56.50 -6.89
CA ARG D 71 -28.70 -56.55 -5.44
C ARG D 71 -27.47 -55.77 -5.00
N SER D 72 -26.38 -55.85 -5.78
CA SER D 72 -25.11 -55.13 -5.53
C SER D 72 -25.33 -53.61 -5.59
N VAL D 73 -25.98 -53.13 -6.67
CA VAL D 73 -26.32 -51.73 -6.88
C VAL D 73 -27.33 -51.26 -5.83
N GLY D 74 -28.30 -52.12 -5.52
CA GLY D 74 -29.32 -51.86 -4.52
C GLY D 74 -28.76 -51.67 -3.13
N LYS D 75 -27.87 -52.60 -2.69
CA LYS D 75 -27.25 -52.56 -1.35
C LYS D 75 -26.26 -51.41 -1.22
N ALA D 76 -25.53 -51.09 -2.31
CA ALA D 76 -24.57 -49.98 -2.35
C ALA D 76 -25.29 -48.64 -2.12
N SER D 77 -26.45 -48.46 -2.77
CA SER D 77 -27.24 -47.24 -2.61
C SER D 77 -27.88 -47.20 -1.23
N GLU D 78 -28.32 -48.36 -0.70
CA GLU D 78 -28.91 -48.45 0.63
C GLU D 78 -27.89 -48.04 1.71
N GLN D 79 -26.66 -48.55 1.61
CA GLN D 79 -25.54 -48.24 2.52
C GLN D 79 -25.12 -46.78 2.41
N LEU D 80 -25.04 -46.26 1.15
CA LEU D 80 -24.71 -44.85 0.91
C LEU D 80 -25.77 -43.90 1.50
N ALA D 81 -27.08 -44.24 1.39
CA ALA D 81 -28.14 -43.42 1.97
C ALA D 81 -28.01 -43.28 3.47
N GLY D 82 -27.66 -44.39 4.15
CA GLY D 82 -27.43 -44.43 5.59
C GLY D 82 -26.28 -43.53 6.01
N LYS D 83 -25.17 -43.60 5.25
CA LYS D 83 -23.97 -42.78 5.47
C LYS D 83 -24.20 -41.29 5.17
N VAL D 84 -24.91 -40.97 4.06
CA VAL D 84 -25.25 -39.58 3.65
C VAL D 84 -26.12 -38.94 4.74
N ALA D 85 -27.14 -39.68 5.24
CA ALA D 85 -28.06 -39.25 6.30
C ALA D 85 -27.30 -38.93 7.58
N GLU D 86 -26.30 -39.79 7.94
CA GLU D 86 -25.43 -39.62 9.12
C GLU D 86 -24.61 -38.33 8.97
N VAL D 87 -24.04 -38.08 7.77
CA VAL D 87 -23.26 -36.87 7.45
C VAL D 87 -24.17 -35.63 7.54
N LYS D 88 -25.39 -35.72 6.98
CA LYS D 88 -26.37 -34.63 7.00
C LYS D 88 -26.86 -34.26 8.40
N LYS D 89 -27.03 -35.26 9.29
CA LYS D 89 -27.44 -35.07 10.69
C LYS D 89 -26.35 -34.35 11.50
N ASN D 90 -25.07 -34.52 11.10
CA ASN D 90 -23.88 -33.90 11.70
C ASN D 90 -23.64 -32.44 11.20
N GLY D 91 -24.63 -31.89 10.49
CA GLY D 91 -24.61 -30.53 9.94
C GLY D 91 -23.51 -30.29 8.95
N ARG D 92 -23.28 -31.27 8.05
CA ARG D 92 -22.23 -31.17 7.04
C ARG D 92 -22.77 -31.44 5.66
N ILE D 93 -22.14 -30.82 4.64
CA ILE D 93 -22.46 -31.03 3.23
C ILE D 93 -21.86 -32.40 2.89
N SER D 94 -22.68 -33.34 2.42
CA SER D 94 -22.20 -34.67 2.04
C SER D 94 -21.49 -34.60 0.69
N LEU D 95 -20.22 -35.04 0.65
CA LEU D 95 -19.40 -35.05 -0.56
C LEU D 95 -19.10 -36.50 -0.92
N VAL D 96 -19.91 -37.04 -1.84
CA VAL D 96 -19.81 -38.41 -2.33
C VAL D 96 -18.82 -38.47 -3.47
N LEU D 97 -17.78 -39.28 -3.27
CA LEU D 97 -16.75 -39.50 -4.28
C LEU D 97 -17.07 -40.87 -4.90
N GLY D 98 -17.48 -40.83 -6.16
CA GLY D 98 -17.80 -42.04 -6.90
C GLY D 98 -16.62 -42.58 -7.67
N GLY D 99 -16.76 -43.73 -8.33
CA GLY D 99 -18.00 -44.50 -8.36
C GLY D 99 -18.94 -44.13 -9.48
N ASP D 100 -19.71 -45.12 -9.98
CA ASP D 100 -20.69 -44.88 -11.05
C ASP D 100 -21.91 -44.13 -10.51
N HIS D 101 -22.71 -43.54 -11.41
CA HIS D 101 -23.85 -42.71 -11.07
C HIS D 101 -25.07 -43.44 -10.49
N SER D 102 -25.06 -44.78 -10.38
CA SER D 102 -26.20 -45.49 -9.76
C SER D 102 -26.27 -45.18 -8.24
N LEU D 103 -25.11 -44.78 -7.68
CA LEU D 103 -24.97 -44.38 -6.29
C LEU D 103 -25.79 -43.13 -5.94
N ALA D 104 -26.29 -42.38 -6.97
CA ALA D 104 -27.15 -41.20 -6.78
C ALA D 104 -28.49 -41.58 -6.13
N ILE D 105 -28.95 -42.84 -6.35
CA ILE D 105 -30.17 -43.39 -5.72
C ILE D 105 -29.97 -43.25 -4.20
N GLY D 106 -28.83 -43.74 -3.69
CA GLY D 106 -28.48 -43.66 -2.27
C GLY D 106 -28.12 -42.28 -1.78
N SER D 107 -27.35 -41.53 -2.57
CA SER D 107 -26.96 -40.16 -2.19
C SER D 107 -28.16 -39.22 -2.02
N ILE D 108 -29.05 -39.14 -3.02
CA ILE D 108 -30.24 -38.26 -2.95
C ILE D 108 -31.25 -38.79 -1.93
N SER D 109 -31.53 -40.12 -1.90
CA SER D 109 -32.45 -40.71 -0.94
C SER D 109 -32.05 -40.42 0.51
N GLY D 110 -30.77 -40.60 0.83
CA GLY D 110 -30.20 -40.32 2.15
C GLY D 110 -30.17 -38.87 2.57
N HIS D 111 -29.94 -37.98 1.59
CA HIS D 111 -29.98 -36.53 1.78
C HIS D 111 -31.44 -36.09 2.04
N ALA D 112 -32.41 -36.62 1.26
CA ALA D 112 -33.84 -36.33 1.41
C ALA D 112 -34.44 -36.79 2.74
N ARG D 113 -33.81 -37.77 3.43
CA ARG D 113 -34.27 -38.27 4.74
C ARG D 113 -34.12 -37.17 5.80
N VAL D 114 -33.08 -36.33 5.66
CA VAL D 114 -32.77 -35.22 6.57
C VAL D 114 -33.35 -33.90 6.01
N HIS D 115 -33.31 -33.72 4.68
CA HIS D 115 -33.83 -32.52 4.01
C HIS D 115 -34.82 -32.92 2.88
N PRO D 116 -36.11 -33.18 3.22
CA PRO D 116 -37.07 -33.62 2.19
C PRO D 116 -37.45 -32.59 1.11
N ASP D 117 -37.24 -31.31 1.43
CA ASP D 117 -37.51 -30.15 0.57
C ASP D 117 -36.39 -29.83 -0.45
N LEU D 118 -35.29 -30.62 -0.47
CA LEU D 118 -34.16 -30.39 -1.38
C LEU D 118 -34.52 -30.36 -2.88
N GLY D 119 -33.67 -29.66 -3.67
CA GLY D 119 -33.75 -29.56 -5.11
C GLY D 119 -32.51 -30.20 -5.74
N VAL D 120 -32.66 -30.83 -6.91
CA VAL D 120 -31.54 -31.49 -7.58
C VAL D 120 -31.07 -30.73 -8.85
N ILE D 121 -29.76 -30.49 -8.95
CA ILE D 121 -29.13 -29.98 -10.17
C ILE D 121 -28.28 -31.17 -10.65
N TRP D 122 -28.63 -31.68 -11.82
CA TRP D 122 -28.04 -32.87 -12.43
C TRP D 122 -27.24 -32.52 -13.68
N VAL D 123 -25.89 -32.43 -13.51
CA VAL D 123 -24.89 -32.12 -14.55
C VAL D 123 -24.38 -33.44 -15.15
N ASP D 124 -24.62 -33.65 -16.45
CA ASP D 124 -24.32 -34.91 -17.12
C ASP D 124 -24.57 -34.76 -18.62
N ALA D 125 -24.01 -35.66 -19.45
CA ALA D 125 -24.30 -35.64 -20.89
C ALA D 125 -25.50 -36.52 -21.14
N HIS D 126 -26.02 -37.14 -20.06
CA HIS D 126 -27.09 -38.11 -20.06
C HIS D 126 -28.16 -37.76 -19.02
N THR D 127 -29.39 -38.28 -19.22
CA THR D 127 -30.51 -38.03 -18.30
C THR D 127 -30.52 -39.00 -17.14
N ASP D 128 -30.00 -40.23 -17.33
CA ASP D 128 -29.99 -41.28 -16.31
C ASP D 128 -31.40 -41.47 -15.69
N ILE D 129 -32.43 -41.43 -16.56
CA ILE D 129 -33.83 -41.54 -16.17
C ILE D 129 -34.52 -42.80 -16.76
N ASN D 130 -33.75 -43.72 -17.39
CA ASN D 130 -34.36 -44.94 -17.91
C ASN D 130 -34.91 -45.73 -16.74
N THR D 131 -36.03 -46.41 -16.93
CA THR D 131 -36.62 -47.24 -15.88
C THR D 131 -36.05 -48.65 -16.09
N PRO D 132 -36.18 -49.63 -15.15
CA PRO D 132 -35.68 -50.99 -15.43
C PRO D 132 -36.32 -51.65 -16.67
N LEU D 133 -37.45 -51.08 -17.17
CA LEU D 133 -38.20 -51.59 -18.33
C LEU D 133 -37.91 -50.82 -19.63
N THR D 134 -37.47 -49.54 -19.54
CA THR D 134 -37.14 -48.77 -20.75
C THR D 134 -35.68 -48.95 -21.16
N THR D 135 -34.79 -49.30 -20.19
CA THR D 135 -33.36 -49.51 -20.43
C THR D 135 -33.10 -50.57 -21.50
N THR D 136 -32.13 -50.32 -22.37
CA THR D 136 -31.73 -51.27 -23.42
C THR D 136 -30.38 -51.92 -23.08
N SER D 137 -29.54 -51.20 -22.28
CA SER D 137 -28.22 -51.63 -21.85
C SER D 137 -28.30 -52.53 -20.61
N GLY D 138 -29.28 -52.24 -19.74
CA GLY D 138 -29.49 -52.93 -18.47
C GLY D 138 -28.55 -52.42 -17.38
N ASN D 139 -27.89 -51.29 -17.66
CA ASN D 139 -26.92 -50.66 -16.77
C ASN D 139 -27.59 -49.69 -15.83
N LEU D 140 -27.51 -50.00 -14.53
CA LEU D 140 -28.17 -49.23 -13.48
C LEU D 140 -27.68 -47.79 -13.31
N HIS D 141 -26.47 -47.42 -13.79
CA HIS D 141 -25.98 -46.03 -13.68
C HIS D 141 -26.71 -45.04 -14.62
N GLY D 142 -27.49 -45.58 -15.56
CA GLY D 142 -28.33 -44.80 -16.47
C GLY D 142 -29.81 -44.87 -16.13
N GLN D 143 -30.12 -45.31 -14.90
CA GLN D 143 -31.48 -45.51 -14.34
C GLN D 143 -31.75 -44.78 -12.99
N PRO D 144 -30.75 -44.15 -12.32
CA PRO D 144 -30.97 -43.61 -10.98
C PRO D 144 -32.17 -42.67 -10.78
N VAL D 145 -32.41 -41.70 -11.70
CA VAL D 145 -33.50 -40.72 -11.55
C VAL D 145 -34.90 -41.37 -11.57
N SER D 146 -35.07 -42.44 -12.37
CA SER D 146 -36.33 -43.19 -12.42
C SER D 146 -36.73 -43.74 -11.04
N PHE D 147 -35.76 -44.29 -10.26
CA PHE D 147 -36.01 -44.78 -8.90
C PHE D 147 -36.30 -43.65 -7.89
N LEU D 148 -35.86 -42.40 -8.20
CA LEU D 148 -36.03 -41.24 -7.29
C LEU D 148 -37.30 -40.42 -7.52
N LEU D 149 -37.82 -40.37 -8.78
CA LEU D 149 -39.00 -39.58 -9.13
C LEU D 149 -40.33 -40.13 -8.63
N LYS D 150 -41.14 -39.25 -7.99
CA LYS D 150 -42.47 -39.58 -7.46
C LYS D 150 -43.48 -39.88 -8.58
N GLU D 151 -43.35 -39.20 -9.72
CA GLU D 151 -44.22 -39.36 -10.90
C GLU D 151 -44.04 -40.70 -11.60
N LEU D 152 -42.88 -41.38 -11.38
CA LEU D 152 -42.57 -42.69 -12.00
C LEU D 152 -42.91 -43.88 -11.09
N LYS D 153 -43.63 -43.61 -9.98
CA LYS D 153 -44.13 -44.62 -9.04
C LYS D 153 -45.28 -45.36 -9.76
N GLY D 154 -45.16 -46.67 -9.84
CA GLY D 154 -46.10 -47.53 -10.55
C GLY D 154 -45.52 -48.02 -11.86
N LYS D 155 -44.40 -47.39 -12.29
CA LYS D 155 -43.67 -47.70 -13.53
C LYS D 155 -42.33 -48.35 -13.22
N ILE D 156 -41.92 -48.39 -11.92
CA ILE D 156 -40.69 -49.05 -11.50
C ILE D 156 -41.08 -50.43 -10.97
N PRO D 157 -40.62 -51.54 -11.61
CA PRO D 157 -41.01 -52.87 -11.11
C PRO D 157 -40.24 -53.27 -9.86
N ASP D 158 -40.65 -54.38 -9.22
CA ASP D 158 -39.98 -54.85 -8.02
C ASP D 158 -38.62 -55.45 -8.37
N VAL D 159 -37.57 -54.61 -8.30
CA VAL D 159 -36.20 -55.01 -8.62
C VAL D 159 -35.50 -55.49 -7.33
N PRO D 160 -34.91 -56.72 -7.33
CA PRO D 160 -34.18 -57.21 -6.14
C PRO D 160 -33.10 -56.24 -5.66
N GLY D 161 -33.13 -55.93 -4.37
CA GLY D 161 -32.22 -55.01 -3.70
C GLY D 161 -32.71 -53.58 -3.61
N PHE D 162 -33.91 -53.29 -4.16
CA PHE D 162 -34.47 -51.93 -4.19
C PHE D 162 -35.80 -51.76 -3.43
N SER D 163 -36.18 -52.74 -2.55
CA SER D 163 -37.45 -52.62 -1.81
C SER D 163 -37.44 -51.47 -0.76
N TRP D 164 -36.25 -51.05 -0.32
CA TRP D 164 -36.02 -49.96 0.63
C TRP D 164 -36.31 -48.57 0.00
N VAL D 165 -36.24 -48.50 -1.34
CA VAL D 165 -36.42 -47.27 -2.14
C VAL D 165 -37.84 -46.73 -2.10
N THR D 166 -37.96 -45.43 -1.79
CA THR D 166 -39.20 -44.67 -1.80
C THR D 166 -38.90 -43.40 -2.62
N PRO D 167 -39.67 -43.13 -3.70
CA PRO D 167 -39.43 -41.90 -4.49
C PRO D 167 -39.48 -40.68 -3.59
N CYS D 168 -38.40 -39.89 -3.59
CA CYS D 168 -38.26 -38.73 -2.70
C CYS D 168 -38.31 -37.38 -3.41
N ILE D 169 -38.16 -37.36 -4.75
CA ILE D 169 -38.15 -36.10 -5.51
C ILE D 169 -39.23 -36.06 -6.57
N SER D 170 -39.85 -34.89 -6.74
CA SER D 170 -40.87 -34.67 -7.77
C SER D 170 -40.22 -34.11 -9.01
N ALA D 171 -40.81 -34.37 -10.19
CA ALA D 171 -40.32 -33.93 -11.50
C ALA D 171 -39.99 -32.44 -11.58
N LYS D 172 -40.68 -31.61 -10.78
CA LYS D 172 -40.53 -30.15 -10.68
C LYS D 172 -39.30 -29.73 -9.85
N ASP D 173 -38.67 -30.70 -9.14
CA ASP D 173 -37.54 -30.42 -8.24
C ASP D 173 -36.17 -30.74 -8.81
N ILE D 174 -36.09 -31.09 -10.10
CA ILE D 174 -34.84 -31.44 -10.74
C ILE D 174 -34.57 -30.58 -11.98
N VAL D 175 -33.29 -30.20 -12.19
CA VAL D 175 -32.85 -29.45 -13.37
C VAL D 175 -31.63 -30.15 -13.96
N TYR D 176 -31.70 -30.47 -15.26
CA TYR D 176 -30.60 -31.07 -16.01
C TYR D 176 -29.80 -29.99 -16.72
N ILE D 177 -28.45 -30.16 -16.73
CA ILE D 177 -27.48 -29.29 -17.43
C ILE D 177 -26.36 -30.12 -18.13
N GLY D 178 -26.30 -30.04 -19.46
CA GLY D 178 -25.25 -30.70 -20.24
C GLY D 178 -25.67 -31.78 -21.20
N LEU D 179 -26.97 -32.13 -21.18
CA LEU D 179 -27.54 -33.23 -21.99
C LEU D 179 -27.23 -33.11 -23.45
N ARG D 180 -26.88 -34.25 -24.03
CA ARG D 180 -26.57 -34.36 -25.46
C ARG D 180 -26.65 -35.81 -25.95
N ASP D 181 -26.98 -36.77 -25.05
CA ASP D 181 -27.07 -38.20 -25.35
C ASP D 181 -28.21 -38.85 -24.54
N VAL D 182 -29.43 -38.70 -25.03
CA VAL D 182 -30.67 -39.15 -24.38
C VAL D 182 -31.36 -40.25 -25.20
N ASP D 183 -31.73 -41.38 -24.54
CA ASP D 183 -32.42 -42.51 -25.19
C ASP D 183 -33.88 -42.16 -25.53
N PRO D 184 -34.52 -42.78 -26.57
CA PRO D 184 -35.93 -42.44 -26.88
C PRO D 184 -36.88 -42.47 -25.68
N GLY D 185 -36.81 -43.55 -24.89
CA GLY D 185 -37.61 -43.73 -23.69
C GLY D 185 -37.41 -42.61 -22.68
N GLU D 186 -36.14 -42.19 -22.49
CA GLU D 186 -35.76 -41.10 -21.59
C GLU D 186 -36.32 -39.77 -22.07
N HIS D 187 -36.21 -39.48 -23.39
CA HIS D 187 -36.73 -38.24 -23.99
C HIS D 187 -38.23 -38.16 -23.78
N TYR D 188 -38.94 -39.31 -23.95
CA TYR D 188 -40.38 -39.42 -23.70
C TYR D 188 -40.70 -39.03 -22.25
N ILE D 189 -39.98 -39.63 -21.26
CA ILE D 189 -40.13 -39.36 -19.81
C ILE D 189 -39.95 -37.87 -19.52
N LEU D 190 -38.84 -37.30 -20.02
CA LEU D 190 -38.47 -35.90 -19.89
C LEU D 190 -39.60 -34.95 -20.32
N LYS D 191 -40.21 -35.22 -21.51
CA LYS D 191 -41.26 -34.41 -22.11
C LYS D 191 -42.65 -34.59 -21.46
N THR D 192 -43.05 -35.84 -21.18
CA THR D 192 -44.35 -36.18 -20.57
C THR D 192 -44.46 -35.67 -19.13
N LEU D 193 -43.34 -35.69 -18.38
CA LEU D 193 -43.31 -35.23 -16.98
C LEU D 193 -43.03 -33.74 -16.87
N GLY D 194 -42.57 -33.14 -17.97
CA GLY D 194 -42.25 -31.71 -18.06
C GLY D 194 -41.12 -31.30 -17.16
N ILE D 195 -40.03 -32.11 -17.14
CA ILE D 195 -38.83 -31.84 -16.34
C ILE D 195 -38.08 -30.67 -16.98
N LYS D 196 -37.56 -29.74 -16.14
CA LYS D 196 -36.78 -28.61 -16.62
C LYS D 196 -35.39 -29.13 -17.02
N TYR D 197 -34.94 -28.74 -18.22
CA TYR D 197 -33.66 -29.18 -18.74
C TYR D 197 -33.00 -28.15 -19.63
N PHE D 198 -31.69 -28.13 -19.58
CA PHE D 198 -30.86 -27.28 -20.40
C PHE D 198 -29.87 -28.20 -21.07
N SER D 199 -30.26 -28.74 -22.25
CA SER D 199 -29.40 -29.60 -23.06
C SER D 199 -28.31 -28.70 -23.64
N MET D 200 -27.34 -29.28 -24.38
CA MET D 200 -26.28 -28.47 -24.99
C MET D 200 -26.84 -27.43 -25.94
N THR D 201 -28.02 -27.71 -26.55
CA THR D 201 -28.75 -26.81 -27.44
C THR D 201 -29.13 -25.54 -26.70
N GLU D 202 -29.72 -25.68 -25.48
CA GLU D 202 -30.11 -24.57 -24.60
C GLU D 202 -28.88 -23.78 -24.13
N VAL D 203 -27.79 -24.47 -23.74
CA VAL D 203 -26.53 -23.85 -23.31
C VAL D 203 -25.97 -22.99 -24.47
N ASP D 204 -26.04 -23.48 -25.71
CA ASP D 204 -25.59 -22.76 -26.91
C ASP D 204 -26.48 -21.54 -27.18
N ARG D 205 -27.81 -21.70 -27.07
CA ARG D 205 -28.80 -20.66 -27.31
C ARG D 205 -28.70 -19.51 -26.31
N LEU D 206 -28.74 -19.85 -25.01
CA LEU D 206 -28.80 -18.89 -23.91
C LEU D 206 -27.49 -18.37 -23.38
N GLY D 207 -26.49 -19.24 -23.31
CA GLY D 207 -25.22 -18.97 -22.66
C GLY D 207 -25.35 -19.52 -21.24
N ILE D 208 -24.22 -19.93 -20.63
CA ILE D 208 -24.22 -20.51 -19.29
C ILE D 208 -24.70 -19.50 -18.18
N GLY D 209 -24.58 -18.19 -18.45
CA GLY D 209 -25.03 -17.15 -17.53
C GLY D 209 -26.54 -17.21 -17.34
N LYS D 210 -27.28 -17.21 -18.46
CA LYS D 210 -28.74 -17.30 -18.52
C LYS D 210 -29.19 -18.67 -18.02
N VAL D 211 -28.46 -19.74 -18.39
CA VAL D 211 -28.74 -21.13 -17.95
C VAL D 211 -28.76 -21.21 -16.41
N MET D 212 -27.73 -20.66 -15.76
CA MET D 212 -27.62 -20.66 -14.31
C MET D 212 -28.66 -19.79 -13.61
N GLU D 213 -28.89 -18.58 -14.16
CA GLU D 213 -29.88 -17.61 -13.68
C GLU D 213 -31.27 -18.27 -13.67
N GLU D 214 -31.61 -18.98 -14.76
CA GLU D 214 -32.89 -19.69 -14.91
C GLU D 214 -32.98 -20.94 -14.02
N THR D 215 -31.88 -21.72 -13.91
CA THR D 215 -31.79 -22.93 -13.07
C THR D 215 -32.07 -22.60 -11.59
N LEU D 216 -31.35 -21.59 -11.05
CA LEU D 216 -31.48 -21.18 -9.65
C LEU D 216 -32.81 -20.50 -9.34
N SER D 217 -33.39 -19.77 -10.32
CA SER D 217 -34.70 -19.11 -10.16
C SER D 217 -35.83 -20.15 -10.13
N TYR D 218 -35.72 -21.16 -11.00
CA TYR D 218 -36.68 -22.24 -11.13
C TYR D 218 -36.82 -23.06 -9.84
N LEU D 219 -35.70 -23.38 -9.19
CA LEU D 219 -35.72 -24.19 -7.98
C LEU D 219 -35.83 -23.38 -6.68
N LEU D 220 -35.28 -22.15 -6.65
CA LEU D 220 -35.26 -21.37 -5.39
C LEU D 220 -36.24 -20.18 -5.33
N GLY D 221 -36.79 -19.78 -6.47
CA GLY D 221 -37.74 -18.67 -6.61
C GLY D 221 -38.93 -18.67 -5.68
N ARG D 222 -39.52 -19.85 -5.38
CA ARG D 222 -40.66 -19.98 -4.46
C ARG D 222 -40.21 -19.81 -3.02
N LYS D 223 -39.10 -20.49 -2.65
CA LYS D 223 -38.49 -20.50 -1.32
C LYS D 223 -37.13 -21.17 -1.36
N LYS D 224 -36.19 -20.67 -0.53
CA LYS D 224 -34.84 -21.21 -0.40
C LYS D 224 -34.94 -22.60 0.18
N ARG D 225 -34.17 -23.52 -0.37
CA ARG D 225 -34.13 -24.90 0.09
C ARG D 225 -32.78 -25.49 -0.21
N PRO D 226 -32.43 -26.68 0.36
CA PRO D 226 -31.11 -27.27 0.10
C PRO D 226 -30.94 -27.71 -1.35
N ILE D 227 -29.72 -27.51 -1.89
CA ILE D 227 -29.38 -27.89 -3.25
C ILE D 227 -28.51 -29.13 -3.22
N HIS D 228 -28.89 -30.13 -4.03
CA HIS D 228 -28.12 -31.33 -4.23
C HIS D 228 -27.59 -31.28 -5.65
N LEU D 229 -26.27 -31.19 -5.79
CA LEU D 229 -25.64 -31.18 -7.10
C LEU D 229 -25.07 -32.58 -7.37
N SER D 230 -25.59 -33.24 -8.41
CA SER D 230 -25.11 -34.55 -8.80
C SER D 230 -24.31 -34.33 -10.08
N PHE D 231 -22.98 -34.27 -9.93
CA PHE D 231 -22.07 -33.99 -11.04
C PHE D 231 -21.42 -35.24 -11.63
N ASP D 232 -21.82 -35.59 -12.86
CA ASP D 232 -21.17 -36.66 -13.61
C ASP D 232 -20.15 -35.90 -14.45
N VAL D 233 -18.88 -36.33 -14.38
CA VAL D 233 -17.76 -35.72 -15.08
C VAL D 233 -17.91 -35.79 -16.62
N ASP D 234 -18.77 -36.70 -17.15
CA ASP D 234 -19.06 -36.75 -18.59
C ASP D 234 -19.96 -35.56 -19.05
N GLY D 235 -20.46 -34.75 -18.10
CA GLY D 235 -21.21 -33.53 -18.41
C GLY D 235 -20.30 -32.54 -19.12
N LEU D 236 -19.02 -32.55 -18.73
CA LEU D 236 -17.99 -31.72 -19.35
C LEU D 236 -17.48 -32.47 -20.58
N ASP D 237 -16.91 -31.72 -21.51
CA ASP D 237 -16.37 -32.24 -22.76
C ASP D 237 -15.21 -33.22 -22.51
N PRO D 238 -15.06 -34.32 -23.31
CA PRO D 238 -13.94 -35.26 -23.11
C PRO D 238 -12.54 -34.69 -23.35
N SER D 239 -12.43 -33.40 -23.70
CA SER D 239 -11.13 -32.73 -23.83
C SER D 239 -10.65 -32.28 -22.44
N PHE D 240 -11.55 -32.30 -21.44
CA PHE D 240 -11.24 -31.95 -20.04
C PHE D 240 -11.36 -33.17 -19.11
N THR D 241 -12.35 -34.06 -19.36
CA THR D 241 -12.58 -35.27 -18.56
C THR D 241 -12.62 -36.55 -19.45
N PRO D 242 -11.52 -36.91 -20.16
CA PRO D 242 -11.56 -38.11 -21.02
C PRO D 242 -11.70 -39.44 -20.28
N ALA D 243 -11.11 -39.58 -19.08
CA ALA D 243 -11.11 -40.82 -18.31
C ALA D 243 -12.44 -41.05 -17.60
N THR D 244 -13.47 -41.37 -18.42
CA THR D 244 -14.86 -41.63 -18.04
C THR D 244 -15.48 -42.68 -18.98
N GLY D 245 -16.44 -43.44 -18.44
CA GLY D 245 -17.15 -44.54 -19.09
C GLY D 245 -17.91 -44.25 -20.36
N THR D 246 -18.77 -43.20 -20.34
CA THR D 246 -19.60 -42.84 -21.50
C THR D 246 -19.29 -41.39 -21.98
N PRO D 247 -18.11 -41.14 -22.59
CA PRO D 247 -17.82 -39.76 -23.04
C PRO D 247 -18.59 -39.38 -24.29
N VAL D 248 -19.04 -38.12 -24.36
CA VAL D 248 -19.76 -37.58 -25.53
C VAL D 248 -19.13 -36.25 -25.89
N VAL D 249 -18.75 -36.08 -27.17
CA VAL D 249 -18.20 -34.82 -27.70
C VAL D 249 -19.23 -33.67 -27.61
N GLY D 250 -18.74 -32.43 -27.73
CA GLY D 250 -19.56 -31.22 -27.69
C GLY D 250 -20.11 -30.93 -26.30
N GLY D 251 -19.31 -31.19 -25.28
CA GLY D 251 -19.73 -30.99 -23.90
C GLY D 251 -19.48 -29.62 -23.31
N LEU D 252 -19.87 -29.49 -22.04
CA LEU D 252 -19.65 -28.27 -21.28
C LEU D 252 -18.16 -28.05 -21.15
N THR D 253 -17.71 -26.81 -21.30
CA THR D 253 -16.30 -26.47 -21.20
C THR D 253 -15.86 -26.46 -19.71
N TYR D 254 -14.54 -26.35 -19.48
CA TYR D 254 -13.93 -26.26 -18.16
C TYR D 254 -14.51 -25.03 -17.46
N ARG D 255 -14.64 -23.92 -18.21
CA ARG D 255 -15.20 -22.63 -17.78
C ARG D 255 -16.67 -22.75 -17.40
N GLU D 256 -17.50 -23.36 -18.25
CA GLU D 256 -18.94 -23.57 -17.99
C GLU D 256 -19.14 -24.42 -16.72
N GLY D 257 -18.33 -25.47 -16.57
CA GLY D 257 -18.36 -26.34 -15.40
C GLY D 257 -18.05 -25.57 -14.12
N LEU D 258 -17.02 -24.70 -14.18
CA LEU D 258 -16.62 -23.83 -13.08
C LEU D 258 -17.65 -22.76 -12.82
N TYR D 259 -18.31 -22.25 -13.88
CA TYR D 259 -19.36 -21.24 -13.74
C TYR D 259 -20.59 -21.77 -13.03
N ILE D 260 -21.05 -22.99 -13.39
CA ILE D 260 -22.21 -23.67 -12.76
C ILE D 260 -21.97 -23.78 -11.24
N THR D 261 -20.82 -24.36 -10.86
CA THR D 261 -20.42 -24.64 -9.49
C THR D 261 -20.20 -23.36 -8.68
N GLU D 262 -19.58 -22.32 -9.29
CA GLU D 262 -19.39 -20.99 -8.67
C GLU D 262 -20.74 -20.36 -8.29
N GLU D 263 -21.72 -20.45 -9.21
CA GLU D 263 -23.07 -19.91 -8.98
C GLU D 263 -23.84 -20.65 -7.88
N ILE D 264 -23.71 -21.99 -7.82
CA ILE D 264 -24.32 -22.83 -6.78
C ILE D 264 -23.71 -22.48 -5.42
N TYR D 265 -22.36 -22.27 -5.36
CA TYR D 265 -21.69 -21.90 -4.12
C TYR D 265 -22.28 -20.60 -3.56
N LYS D 266 -22.35 -19.57 -4.41
CA LYS D 266 -22.87 -18.22 -4.11
C LYS D 266 -24.26 -18.21 -3.45
N THR D 267 -25.14 -19.21 -3.73
CA THR D 267 -26.47 -19.32 -3.11
C THR D 267 -26.37 -19.63 -1.60
N GLY D 268 -25.25 -20.24 -1.19
CA GLY D 268 -24.99 -20.68 0.18
C GLY D 268 -25.87 -21.84 0.57
N LEU D 269 -26.49 -22.50 -0.44
CA LEU D 269 -27.48 -23.54 -0.22
C LEU D 269 -27.03 -24.94 -0.67
N LEU D 270 -25.73 -25.13 -1.06
CA LEU D 270 -25.23 -26.46 -1.39
C LEU D 270 -25.25 -27.31 -0.11
N SER D 271 -25.92 -28.46 -0.18
CA SER D 271 -26.16 -29.35 0.95
C SER D 271 -25.69 -30.77 0.65
N GLY D 272 -25.59 -31.11 -0.63
CA GLY D 272 -25.14 -32.42 -1.08
C GLY D 272 -24.43 -32.36 -2.42
N LEU D 273 -23.33 -33.11 -2.55
CA LEU D 273 -22.54 -33.13 -3.78
C LEU D 273 -22.05 -34.54 -4.15
N ASP D 274 -22.18 -34.89 -5.44
CA ASP D 274 -21.72 -36.14 -6.04
C ASP D 274 -20.73 -35.84 -7.15
N ILE D 275 -19.53 -36.42 -7.09
CA ILE D 275 -18.49 -36.28 -8.13
C ILE D 275 -18.39 -37.71 -8.65
N MET D 276 -19.08 -37.97 -9.76
CA MET D 276 -19.24 -39.32 -10.31
C MET D 276 -18.62 -39.57 -11.67
N GLU D 277 -18.43 -40.87 -11.94
CA GLU D 277 -17.97 -41.49 -13.17
C GLU D 277 -16.49 -41.21 -13.51
N VAL D 278 -15.67 -40.84 -12.51
CA VAL D 278 -14.22 -40.69 -12.74
C VAL D 278 -13.67 -42.13 -12.76
N ASN D 279 -13.19 -42.58 -13.94
CA ASN D 279 -12.65 -43.92 -14.09
C ASN D 279 -11.17 -43.86 -14.55
N PRO D 280 -10.20 -43.93 -13.59
CA PRO D 280 -8.77 -43.82 -13.95
C PRO D 280 -8.20 -44.94 -14.83
N SER D 281 -8.99 -46.00 -15.06
CA SER D 281 -8.60 -47.13 -15.89
C SER D 281 -8.99 -46.91 -17.36
N LEU D 282 -9.55 -45.72 -17.70
CA LEU D 282 -9.99 -45.44 -19.07
C LEU D 282 -9.28 -44.22 -19.71
N GLY D 283 -8.08 -43.92 -19.25
CA GLY D 283 -7.29 -42.84 -19.84
C GLY D 283 -6.33 -43.42 -20.87
N LYS D 284 -6.48 -43.02 -22.17
CA LYS D 284 -5.63 -43.48 -23.29
C LYS D 284 -4.15 -43.27 -22.99
N THR D 285 -3.84 -42.31 -22.11
CA THR D 285 -2.51 -41.97 -21.63
C THR D 285 -2.60 -41.69 -20.13
N PRO D 286 -1.51 -41.82 -19.32
CA PRO D 286 -1.59 -41.45 -17.90
C PRO D 286 -1.96 -39.98 -17.70
N GLU D 287 -1.63 -39.10 -18.69
CA GLU D 287 -1.95 -37.66 -18.66
C GLU D 287 -3.46 -37.43 -18.74
N GLU D 288 -4.15 -38.23 -19.57
CA GLU D 288 -5.60 -38.12 -19.72
C GLU D 288 -6.31 -38.37 -18.40
N VAL D 289 -5.71 -39.25 -17.54
CA VAL D 289 -6.19 -39.58 -16.19
C VAL D 289 -5.98 -38.39 -15.26
N THR D 290 -4.74 -37.85 -15.23
CA THR D 290 -4.36 -36.69 -14.43
C THR D 290 -5.23 -35.49 -14.79
N ARG D 291 -5.52 -35.31 -16.09
CA ARG D 291 -6.35 -34.23 -16.63
C ARG D 291 -7.79 -34.31 -16.09
N THR D 292 -8.38 -35.52 -16.09
CA THR D 292 -9.75 -35.80 -15.61
C THR D 292 -9.86 -35.55 -14.11
N VAL D 293 -8.90 -36.07 -13.33
CA VAL D 293 -8.84 -35.96 -11.87
C VAL D 293 -8.70 -34.48 -11.48
N ASN D 294 -7.79 -33.74 -12.14
CA ASN D 294 -7.56 -32.31 -11.91
C ASN D 294 -8.81 -31.50 -12.20
N THR D 295 -9.50 -31.79 -13.31
CA THR D 295 -10.76 -31.12 -13.66
C THR D 295 -11.83 -31.39 -12.59
N ALA D 296 -12.00 -32.69 -12.18
CA ALA D 296 -12.95 -33.08 -11.14
C ALA D 296 -12.64 -32.39 -9.81
N VAL D 297 -11.35 -32.26 -9.45
CA VAL D 297 -10.88 -31.60 -8.24
C VAL D 297 -11.21 -30.10 -8.31
N ALA D 298 -10.99 -29.46 -9.48
CA ALA D 298 -11.29 -28.04 -9.72
C ALA D 298 -12.77 -27.72 -9.58
N ILE D 299 -13.64 -28.60 -10.13
CA ILE D 299 -15.11 -28.49 -10.04
C ILE D 299 -15.53 -28.49 -8.56
N THR D 300 -14.97 -29.44 -7.78
CA THR D 300 -15.21 -29.64 -6.35
C THR D 300 -14.80 -28.41 -5.55
N LEU D 301 -13.62 -27.82 -5.83
CA LEU D 301 -13.12 -26.63 -5.12
C LEU D 301 -14.05 -25.43 -5.29
N ALA D 302 -14.56 -25.24 -6.51
CA ALA D 302 -15.52 -24.19 -6.87
C ALA D 302 -16.86 -24.35 -6.12
N CYS D 303 -17.27 -25.62 -5.87
CA CYS D 303 -18.50 -25.95 -5.12
C CYS D 303 -18.39 -25.45 -3.68
N PHE D 304 -17.16 -25.35 -3.16
CA PHE D 304 -16.91 -24.95 -1.78
C PHE D 304 -16.17 -23.61 -1.62
N GLY D 305 -16.37 -22.68 -2.54
CA GLY D 305 -15.86 -21.33 -2.40
C GLY D 305 -14.80 -20.77 -3.31
N LEU D 306 -13.96 -21.64 -3.88
CA LEU D 306 -12.88 -21.18 -4.75
C LEU D 306 -13.44 -20.45 -5.96
N ALA D 307 -13.15 -19.13 -6.02
CA ALA D 307 -13.64 -18.25 -7.08
C ALA D 307 -12.53 -17.80 -7.96
N ARG D 308 -12.78 -17.82 -9.27
CA ARG D 308 -11.80 -17.40 -10.26
C ARG D 308 -11.33 -15.95 -10.05
N GLU D 309 -12.23 -15.02 -9.68
CA GLU D 309 -11.90 -13.61 -9.45
C GLU D 309 -10.91 -13.42 -8.28
N GLY D 310 -10.82 -14.45 -7.43
CA GLY D 310 -9.96 -14.49 -6.26
C GLY D 310 -10.76 -14.62 -4.99
N ASN D 311 -10.06 -14.88 -3.89
CA ASN D 311 -10.60 -15.03 -2.54
C ASN D 311 -9.63 -14.36 -1.58
N HIS D 312 -10.14 -13.81 -0.46
CA HIS D 312 -9.31 -13.23 0.60
C HIS D 312 -9.97 -13.37 1.96
N LYS D 313 -9.17 -13.48 3.03
CA LYS D 313 -9.64 -13.61 4.41
C LYS D 313 -10.07 -12.21 4.91
N PRO D 314 -11.02 -12.08 5.89
CA PRO D 314 -11.43 -10.73 6.33
C PRO D 314 -10.41 -10.01 7.22
N ILE D 315 -9.20 -9.77 6.68
CA ILE D 315 -8.06 -9.07 7.31
C ILE D 315 -7.49 -7.99 6.35
N ASP D 316 -6.87 -6.93 6.90
CA ASP D 316 -6.24 -5.88 6.09
C ASP D 316 -4.88 -6.40 5.61
N TYR D 317 -4.80 -6.75 4.32
CA TYR D 317 -3.61 -7.26 3.66
C TYR D 317 -2.52 -6.22 3.44
N LEU D 318 -2.90 -4.93 3.35
CA LEU D 318 -1.95 -3.84 3.13
C LEU D 318 -1.30 -3.33 4.43
N ASN D 319 -1.84 -3.75 5.58
CA ASN D 319 -1.34 -3.39 6.91
C ASN D 319 -1.48 -4.58 7.86
N SER E 2 -8.21 41.10 48.45
CA SER E 2 -8.02 40.38 47.19
C SER E 2 -8.36 38.90 47.35
N ALA E 3 -8.23 38.07 46.26
CA ALA E 3 -8.49 36.63 46.27
C ALA E 3 -7.57 35.93 47.25
N LYS E 4 -8.03 34.82 47.88
CA LYS E 4 -7.24 34.05 48.86
C LYS E 4 -5.87 33.68 48.27
N SER E 5 -5.86 33.19 47.02
CA SER E 5 -4.65 32.81 46.29
C SER E 5 -3.72 34.01 45.97
N ARG E 6 -4.20 35.25 46.17
CA ARG E 6 -3.42 36.45 45.95
C ARG E 6 -3.30 37.32 47.22
N THR E 7 -3.81 36.83 48.38
CA THR E 7 -3.70 37.54 49.66
C THR E 7 -2.45 36.95 50.32
N ILE E 8 -1.35 37.76 50.37
CA ILE E 8 0.01 37.35 50.79
C ILE E 8 0.56 38.07 52.03
N GLY E 9 1.31 37.31 52.83
CA GLY E 9 2.04 37.79 54.01
C GLY E 9 3.52 37.46 53.87
N ILE E 10 4.37 38.48 53.63
CA ILE E 10 5.80 38.35 53.36
C ILE E 10 6.65 38.35 54.65
N ILE E 11 7.53 37.33 54.77
CA ILE E 11 8.47 37.17 55.88
C ILE E 11 9.89 37.08 55.31
N GLY E 12 10.74 37.97 55.78
CA GLY E 12 12.15 37.97 55.42
C GLY E 12 12.91 37.11 56.41
N ALA E 13 13.69 36.15 55.91
CA ALA E 13 14.48 35.27 56.77
C ALA E 13 16.00 35.35 56.42
N PRO E 14 16.69 36.45 56.84
CA PRO E 14 18.13 36.60 56.49
C PRO E 14 19.04 35.70 57.32
N PHE E 15 19.08 34.40 56.97
CA PHE E 15 19.85 33.39 57.69
C PHE E 15 20.76 32.55 56.78
N SER E 16 22.01 32.33 57.21
CA SER E 16 23.02 31.60 56.45
C SER E 16 23.70 30.42 57.15
N LYS E 17 23.65 30.36 58.49
CA LYS E 17 24.35 29.35 59.28
C LYS E 17 23.87 27.88 59.07
N GLY E 18 22.95 27.67 58.12
CA GLY E 18 22.48 26.34 57.73
C GLY E 18 23.41 25.72 56.69
N GLN E 19 24.40 26.52 56.20
CA GLN E 19 25.43 26.14 55.25
C GLN E 19 26.74 26.98 55.43
N PRO E 20 27.90 26.63 54.82
CA PRO E 20 29.14 27.39 55.10
C PRO E 20 29.42 28.61 54.22
N ARG E 21 28.67 28.82 53.13
CA ARG E 21 28.93 29.95 52.23
C ARG E 21 28.18 31.23 52.63
N GLY E 22 28.93 32.30 52.83
CA GLY E 22 28.36 33.60 53.18
C GLY E 22 27.67 34.28 52.01
N GLY E 23 26.64 35.08 52.33
CA GLY E 23 25.90 35.85 51.33
C GLY E 23 24.42 35.53 51.16
N VAL E 24 24.04 34.30 51.51
CA VAL E 24 22.67 33.78 51.35
C VAL E 24 21.66 34.53 52.27
N GLU E 25 22.18 35.20 53.33
CA GLU E 25 21.41 36.04 54.27
C GLU E 25 20.98 37.36 53.60
N GLU E 26 21.61 37.71 52.44
CA GLU E 26 21.28 38.92 51.68
C GLU E 26 20.15 38.68 50.67
N GLY E 27 19.69 37.43 50.60
CA GLY E 27 18.57 36.99 49.75
C GLY E 27 17.31 37.83 49.93
N PRO E 28 16.79 38.03 51.18
CA PRO E 28 15.60 38.89 51.35
C PRO E 28 15.81 40.32 50.84
N THR E 29 17.02 40.89 51.07
CA THR E 29 17.41 42.24 50.67
C THR E 29 17.42 42.43 49.14
N VAL E 30 18.01 41.46 48.41
CA VAL E 30 18.13 41.56 46.94
C VAL E 30 16.78 41.28 46.25
N LEU E 31 15.94 40.38 46.81
CA LEU E 31 14.62 40.07 46.26
C LEU E 31 13.64 41.26 46.40
N ARG E 32 13.76 42.02 47.51
CA ARG E 32 12.97 43.23 47.79
C ARG E 32 13.38 44.40 46.91
N LYS E 33 14.71 44.61 46.78
CA LYS E 33 15.33 45.66 45.97
C LYS E 33 14.95 45.49 44.50
N ALA E 34 14.74 44.23 44.07
CA ALA E 34 14.31 43.88 42.72
C ALA E 34 12.83 44.25 42.45
N GLY E 35 12.15 44.72 43.50
CA GLY E 35 10.77 45.19 43.45
C GLY E 35 9.70 44.13 43.52
N LEU E 36 9.96 43.02 44.24
CA LEU E 36 9.02 41.90 44.41
C LEU E 36 7.64 42.31 44.95
N LEU E 37 7.62 43.10 46.04
CA LEU E 37 6.39 43.56 46.70
C LEU E 37 5.54 44.43 45.78
N GLU E 38 6.19 45.34 45.04
CA GLU E 38 5.57 46.25 44.07
C GLU E 38 4.98 45.47 42.89
N LYS E 39 5.75 44.51 42.33
CA LYS E 39 5.33 43.67 41.19
C LYS E 39 4.15 42.78 41.56
N LEU E 40 4.10 42.31 42.82
CA LEU E 40 2.98 41.48 43.31
C LEU E 40 1.71 42.33 43.45
N LYS E 41 1.83 43.58 43.95
CA LYS E 41 0.71 44.50 44.11
C LYS E 41 0.16 44.95 42.75
N GLU E 42 1.04 44.94 41.71
CA GLU E 42 0.69 45.27 40.33
C GLU E 42 -0.17 44.17 39.69
N GLN E 43 -0.09 42.94 40.22
CA GLN E 43 -0.89 41.81 39.72
C GLN E 43 -2.06 41.48 40.68
N GLU E 44 -2.68 42.54 41.25
CA GLU E 44 -3.86 42.54 42.14
C GLU E 44 -3.70 41.67 43.42
N CYS E 45 -2.48 41.66 43.99
CA CYS E 45 -2.22 40.93 45.22
C CYS E 45 -2.38 41.83 46.44
N ASP E 46 -2.88 41.25 47.55
CA ASP E 46 -3.00 41.94 48.82
C ASP E 46 -1.71 41.55 49.55
N VAL E 47 -0.72 42.45 49.52
CA VAL E 47 0.60 42.21 50.11
C VAL E 47 0.78 42.95 51.44
N LYS E 48 1.13 42.19 52.49
CA LYS E 48 1.45 42.70 53.82
C LYS E 48 2.85 42.21 54.13
N ASP E 49 3.75 43.15 54.48
CA ASP E 49 5.14 42.84 54.79
C ASP E 49 5.33 42.79 56.30
N TYR E 50 5.67 41.59 56.82
CA TYR E 50 5.91 41.35 58.24
C TYR E 50 7.39 41.63 58.61
N GLY E 51 8.15 42.14 57.64
CA GLY E 51 9.55 42.50 57.77
C GLY E 51 10.52 41.33 57.78
N ASP E 52 11.78 41.62 58.18
CA ASP E 52 12.87 40.65 58.28
C ASP E 52 13.03 40.22 59.71
N LEU E 53 13.01 38.89 59.96
CA LEU E 53 13.17 38.34 61.31
C LEU E 53 14.57 38.60 61.84
N PRO E 54 14.70 39.16 63.07
CA PRO E 54 16.04 39.42 63.61
C PRO E 54 16.62 38.12 64.17
N PHE E 55 17.73 37.68 63.58
CA PHE E 55 18.37 36.45 64.01
C PHE E 55 19.61 36.80 64.82
N ALA E 56 19.42 36.93 66.15
CA ALA E 56 20.48 37.26 67.09
C ALA E 56 21.57 36.21 67.14
N ASP E 57 22.82 36.66 67.23
CA ASP E 57 24.02 35.83 67.30
C ASP E 57 24.04 34.93 68.53
N ILE E 58 24.53 33.70 68.33
CA ILE E 58 24.73 32.69 69.37
C ILE E 58 26.25 32.41 69.33
N PRO E 59 27.04 33.17 70.16
CA PRO E 59 28.50 33.05 70.10
C PRO E 59 29.08 31.69 70.49
N ASN E 60 28.57 31.04 71.55
CA ASN E 60 29.08 29.73 71.98
C ASN E 60 28.28 28.58 71.37
N ASP E 61 28.35 28.47 70.02
CA ASP E 61 27.65 27.44 69.26
C ASP E 61 28.58 26.31 68.78
N SER E 62 28.81 25.32 69.66
N SER E 62 28.80 25.32 69.66
CA SER E 62 29.64 24.15 69.38
CA SER E 62 29.63 24.15 69.38
C SER E 62 28.87 23.17 68.47
C SER E 62 28.87 23.17 68.47
N PRO E 63 29.57 22.44 67.56
CA PRO E 63 28.84 21.49 66.68
C PRO E 63 28.35 20.25 67.41
N PHE E 64 27.19 19.73 66.99
CA PHE E 64 26.64 18.48 67.51
C PHE E 64 27.25 17.44 66.56
N GLN E 65 28.30 16.74 67.03
CA GLN E 65 29.08 15.78 66.23
C GLN E 65 29.74 16.52 65.04
N ILE E 66 29.23 16.34 63.79
CA ILE E 66 29.74 17.04 62.60
C ILE E 66 28.78 18.18 62.17
N VAL E 67 27.56 18.19 62.74
CA VAL E 67 26.48 19.14 62.47
C VAL E 67 26.86 20.55 62.97
N LYS E 68 27.10 21.47 62.02
CA LYS E 68 27.53 22.85 62.27
C LYS E 68 26.41 23.80 62.65
N ASN E 69 26.69 24.71 63.60
CA ASN E 69 25.79 25.74 64.15
C ASN E 69 24.39 25.19 64.53
N PRO E 70 24.26 24.15 65.40
CA PRO E 70 22.92 23.59 65.67
C PRO E 70 21.92 24.53 66.36
N ARG E 71 22.37 25.27 67.39
CA ARG E 71 21.53 26.19 68.16
C ARG E 71 21.06 27.38 67.31
N SER E 72 21.96 27.92 66.45
CA SER E 72 21.67 29.03 65.54
C SER E 72 20.58 28.64 64.54
N VAL E 73 20.75 27.48 63.89
CA VAL E 73 19.80 26.93 62.92
C VAL E 73 18.48 26.58 63.62
N GLY E 74 18.59 26.01 64.81
CA GLY E 74 17.45 25.63 65.63
C GLY E 74 16.58 26.80 66.03
N LYS E 75 17.21 27.89 66.54
CA LYS E 75 16.52 29.11 66.99
C LYS E 75 15.92 29.91 65.84
N ALA E 76 16.63 30.00 64.70
CA ALA E 76 16.14 30.72 63.52
C ALA E 76 14.82 30.10 63.01
N SER E 77 14.77 28.75 62.90
CA SER E 77 13.56 28.05 62.46
C SER E 77 12.45 28.14 63.52
N GLU E 78 12.81 28.10 64.84
CA GLU E 78 11.82 28.27 65.91
C GLU E 78 11.12 29.63 65.78
N GLN E 79 11.93 30.70 65.49
CA GLN E 79 11.51 32.09 65.27
C GLN E 79 10.63 32.20 64.02
N LEU E 80 11.01 31.49 62.94
CA LEU E 80 10.27 31.47 61.66
C LEU E 80 8.94 30.75 61.80
N ALA E 81 8.90 29.60 62.53
CA ALA E 81 7.69 28.85 62.80
C ALA E 81 6.61 29.76 63.43
N GLY E 82 6.99 30.52 64.47
CA GLY E 82 6.11 31.45 65.18
C GLY E 82 5.54 32.52 64.27
N LYS E 83 6.40 33.10 63.40
CA LYS E 83 6.03 34.13 62.44
C LYS E 83 5.12 33.59 61.32
N VAL E 84 5.42 32.38 60.79
CA VAL E 84 4.64 31.72 59.73
C VAL E 84 3.22 31.45 60.24
N ALA E 85 3.12 30.92 61.49
CA ALA E 85 1.85 30.60 62.17
C ALA E 85 1.00 31.87 62.34
N GLU E 86 1.65 33.00 62.70
CA GLU E 86 1.00 34.31 62.87
C GLU E 86 0.43 34.77 61.53
N VAL E 87 1.22 34.63 60.43
CA VAL E 87 0.82 35.00 59.06
C VAL E 87 -0.37 34.12 58.63
N LYS E 88 -0.29 32.80 58.89
CA LYS E 88 -1.34 31.83 58.56
C LYS E 88 -2.66 32.08 59.28
N LYS E 89 -2.60 32.51 60.55
CA LYS E 89 -3.77 32.83 61.37
C LYS E 89 -4.51 34.07 60.85
N ASN E 90 -3.76 34.99 60.19
CA ASN E 90 -4.24 36.23 59.58
C ASN E 90 -4.84 36.01 58.17
N GLY E 91 -5.03 34.74 57.79
CA GLY E 91 -5.58 34.34 56.50
C GLY E 91 -4.74 34.74 55.30
N ARG E 92 -3.42 34.59 55.42
CA ARG E 92 -2.48 34.98 54.35
C ARG E 92 -1.59 33.83 53.92
N ILE E 93 -1.11 33.87 52.67
CA ILE E 93 -0.17 32.87 52.18
C ILE E 93 1.19 33.34 52.70
N SER E 94 1.88 32.51 53.48
CA SER E 94 3.19 32.89 54.00
C SER E 94 4.24 32.80 52.89
N LEU E 95 4.95 33.91 52.63
CA LEU E 95 5.99 34.01 51.62
C LEU E 95 7.34 34.25 52.31
N VAL E 96 8.07 33.15 52.54
CA VAL E 96 9.37 33.17 53.20
C VAL E 96 10.47 33.43 52.17
N LEU E 97 11.20 34.53 52.39
CA LEU E 97 12.33 34.91 51.56
C LEU E 97 13.59 34.50 52.29
N GLY E 98 14.27 33.50 51.74
CA GLY E 98 15.50 32.98 52.32
C GLY E 98 16.74 33.66 51.75
N GLY E 99 17.92 33.33 52.29
CA GLY E 99 18.10 32.36 53.36
C GLY E 99 18.30 30.93 52.88
N ASP E 100 19.08 30.14 53.63
CA ASP E 100 19.34 28.75 53.28
C ASP E 100 18.12 27.87 53.59
N HIS E 101 18.06 26.66 53.00
CA HIS E 101 16.94 25.75 53.11
C HIS E 101 16.69 25.11 54.48
N SER E 102 17.55 25.36 55.51
CA SER E 102 17.30 24.81 56.84
C SER E 102 16.09 25.49 57.48
N LEU E 103 15.78 26.70 57.00
CA LEU E 103 14.64 27.50 57.44
C LEU E 103 13.28 26.83 57.15
N ALA E 104 13.28 25.79 56.26
CA ALA E 104 12.08 24.99 55.91
C ALA E 104 11.53 24.25 57.13
N ILE E 105 12.42 23.93 58.11
CA ILE E 105 12.03 23.29 59.38
C ILE E 105 10.97 24.21 60.04
N GLY E 106 11.29 25.51 60.17
CA GLY E 106 10.42 26.52 60.74
C GLY E 106 9.25 26.93 59.86
N SER E 107 9.49 27.04 58.55
CA SER E 107 8.41 27.40 57.62
C SER E 107 7.28 26.36 57.58
N ILE E 108 7.62 25.06 57.38
CA ILE E 108 6.63 23.98 57.31
C ILE E 108 6.01 23.74 58.71
N SER E 109 6.82 23.75 59.80
CA SER E 109 6.32 23.56 61.17
C SER E 109 5.26 24.61 61.51
N GLY E 110 5.60 25.88 61.30
CA GLY E 110 4.70 27.01 61.53
C GLY E 110 3.43 27.01 60.73
N HIS E 111 3.50 26.49 59.49
CA HIS E 111 2.37 26.34 58.58
C HIS E 111 1.47 25.19 59.05
N ALA E 112 2.07 24.05 59.46
CA ALA E 112 1.35 22.86 59.94
C ALA E 112 0.61 23.07 61.27
N ARG E 113 1.02 24.07 62.07
CA ARG E 113 0.35 24.41 63.34
C ARG E 113 -1.06 24.94 63.07
N VAL E 114 -1.25 25.64 61.94
CA VAL E 114 -2.52 26.23 61.51
C VAL E 114 -3.23 25.29 60.50
N HIS E 115 -2.45 24.62 59.61
CA HIS E 115 -2.98 23.69 58.63
C HIS E 115 -2.26 22.33 58.72
N PRO E 116 -2.68 21.43 59.64
CA PRO E 116 -1.97 20.15 59.81
C PRO E 116 -2.07 19.15 58.65
N ASP E 117 -3.06 19.30 57.76
CA ASP E 117 -3.29 18.40 56.61
C ASP E 117 -2.53 18.80 55.34
N LEU E 118 -1.62 19.80 55.45
CA LEU E 118 -0.87 20.34 54.32
C LEU E 118 -0.06 19.29 53.54
N GLY E 119 0.14 19.57 52.26
CA GLY E 119 0.95 18.76 51.36
C GLY E 119 2.15 19.58 50.96
N VAL E 120 3.32 18.95 50.87
CA VAL E 120 4.56 19.64 50.51
C VAL E 120 5.02 19.30 49.09
N ILE E 121 5.31 20.33 48.28
CA ILE E 121 5.93 20.21 46.96
C ILE E 121 7.34 20.81 47.17
N TRP E 122 8.39 19.96 47.06
CA TRP E 122 9.80 20.32 47.30
C TRP E 122 10.57 20.40 45.97
N VAL E 123 10.73 21.63 45.46
CA VAL E 123 11.43 21.89 44.20
C VAL E 123 12.89 22.14 44.55
N ASP E 124 13.75 21.21 44.13
CA ASP E 124 15.17 21.22 44.49
C ASP E 124 15.96 20.20 43.65
N ALA E 125 17.28 20.35 43.62
CA ALA E 125 18.17 19.39 42.98
C ALA E 125 18.47 18.29 44.01
N HIS E 126 18.38 18.65 45.30
CA HIS E 126 18.68 17.83 46.47
C HIS E 126 17.45 17.43 47.28
N THR E 127 17.52 16.26 47.93
CA THR E 127 16.42 15.77 48.76
C THR E 127 16.34 16.48 50.12
N ASP E 128 17.48 16.96 50.67
CA ASP E 128 17.53 17.64 51.99
C ASP E 128 16.95 16.79 53.11
N ILE E 129 17.07 15.47 52.95
CA ILE E 129 16.50 14.49 53.85
C ILE E 129 17.56 13.77 54.72
N ASN E 130 18.82 14.25 54.70
CA ASN E 130 19.86 13.67 55.56
C ASN E 130 19.48 13.89 57.01
N THR E 131 19.76 12.91 57.86
CA THR E 131 19.49 13.04 59.28
C THR E 131 20.77 13.60 59.90
N PRO E 132 20.75 14.06 61.16
CA PRO E 132 22.00 14.54 61.80
C PRO E 132 23.10 13.48 61.91
N LEU E 133 22.74 12.18 61.66
CA LEU E 133 23.65 11.03 61.70
C LEU E 133 24.07 10.53 60.31
N THR E 134 23.24 10.73 59.26
CA THR E 134 23.58 10.29 57.91
C THR E 134 24.43 11.33 57.17
N THR E 135 24.25 12.63 57.51
CA THR E 135 24.98 13.75 56.88
C THR E 135 26.50 13.56 56.93
N THR E 136 27.19 13.89 55.83
CA THR E 136 28.65 13.82 55.75
C THR E 136 29.25 15.23 55.73
N SER E 137 28.44 16.23 55.32
CA SER E 137 28.85 17.63 55.27
C SER E 137 28.66 18.33 56.62
N GLY E 138 27.62 17.90 57.36
CA GLY E 138 27.21 18.48 58.63
C GLY E 138 26.44 19.79 58.48
N ASN E 139 25.98 20.10 57.23
CA ASN E 139 25.23 21.32 56.86
C ASN E 139 23.71 21.09 56.89
N LEU E 140 23.05 21.69 57.88
CA LEU E 140 21.62 21.53 58.21
C LEU E 140 20.60 21.90 57.10
N HIS E 141 20.99 22.71 56.07
CA HIS E 141 20.11 23.03 54.91
C HIS E 141 19.89 21.78 53.99
N GLY E 142 20.67 20.73 54.26
CA GLY E 142 20.58 19.45 53.57
C GLY E 142 19.96 18.40 54.46
N GLN E 143 19.27 18.86 55.52
CA GLN E 143 18.61 18.06 56.56
C GLN E 143 17.16 18.51 56.96
N PRO E 144 16.55 19.63 56.45
CA PRO E 144 15.23 20.02 56.97
C PRO E 144 14.11 18.98 56.87
N VAL E 145 14.12 18.16 55.80
CA VAL E 145 13.08 17.16 55.57
C VAL E 145 13.08 16.07 56.68
N SER E 146 14.28 15.63 57.12
CA SER E 146 14.44 14.60 58.14
C SER E 146 13.87 15.00 59.52
N PHE E 147 13.90 16.33 59.84
CA PHE E 147 13.36 16.86 61.09
C PHE E 147 11.83 16.98 61.04
N LEU E 148 11.27 17.07 59.82
CA LEU E 148 9.84 17.23 59.59
C LEU E 148 9.05 15.92 59.43
N LEU E 149 9.69 14.83 58.95
CA LEU E 149 9.02 13.55 58.71
C LEU E 149 8.68 12.75 59.96
N LYS E 150 7.42 12.29 60.07
CA LYS E 150 6.92 11.48 61.19
C LYS E 150 7.55 10.10 61.23
N GLU E 151 7.85 9.53 60.05
CA GLU E 151 8.48 8.21 59.91
C GLU E 151 9.94 8.18 60.39
N LEU E 152 10.60 9.35 60.46
CA LEU E 152 11.99 9.47 60.89
C LEU E 152 12.14 9.80 62.38
N LYS E 153 11.01 9.75 63.13
CA LYS E 153 10.97 9.94 64.59
C LYS E 153 11.61 8.69 65.21
N GLY E 154 12.63 8.90 66.03
CA GLY E 154 13.41 7.83 66.64
C GLY E 154 14.75 7.67 65.96
N LYS E 155 14.92 8.32 64.79
CA LYS E 155 16.14 8.33 63.98
C LYS E 155 16.82 9.71 64.02
N ILE E 156 16.14 10.70 64.61
CA ILE E 156 16.68 12.05 64.77
C ILE E 156 17.17 12.15 66.22
N PRO E 157 18.49 12.33 66.45
CA PRO E 157 18.98 12.42 67.84
C PRO E 157 18.66 13.77 68.48
N ASP E 158 18.87 13.90 69.81
CA ASP E 158 18.65 15.13 70.55
C ASP E 158 19.71 16.19 70.13
N VAL E 159 19.38 16.99 69.11
CA VAL E 159 20.27 18.03 68.59
C VAL E 159 19.98 19.36 69.32
N PRO E 160 21.01 20.01 69.93
CA PRO E 160 20.79 21.29 70.61
C PRO E 160 20.12 22.34 69.73
N GLY E 161 19.06 22.94 70.25
CA GLY E 161 18.26 23.96 69.58
C GLY E 161 17.05 23.42 68.82
N PHE E 162 16.85 22.10 68.83
CA PHE E 162 15.75 21.47 68.11
C PHE E 162 14.74 20.70 68.98
N SER E 163 14.74 20.94 70.32
CA SER E 163 13.80 20.26 71.22
C SER E 163 12.33 20.70 71.01
N TRP E 164 12.11 21.88 70.43
CA TRP E 164 10.79 22.44 70.11
C TRP E 164 10.13 21.70 68.92
N VAL E 165 10.96 21.05 68.07
CA VAL E 165 10.56 20.34 66.84
C VAL E 165 9.72 19.10 67.12
N THR E 166 8.58 19.02 66.42
CA THR E 166 7.69 17.87 66.42
C THR E 166 7.46 17.52 64.94
N PRO E 167 7.74 16.27 64.51
CA PRO E 167 7.48 15.89 63.10
C PRO E 167 6.02 16.15 62.76
N CYS E 168 5.78 16.95 61.72
CA CYS E 168 4.43 17.37 61.33
C CYS E 168 3.94 16.77 59.99
N ILE E 169 4.86 16.23 59.18
CA ILE E 169 4.49 15.68 57.87
C ILE E 169 4.85 14.20 57.75
N SER E 170 3.98 13.43 57.09
CA SER E 170 4.24 12.01 56.84
C SER E 170 4.86 11.86 55.45
N ALA E 171 5.62 10.78 55.24
CA ALA E 171 6.31 10.47 53.98
C ALA E 171 5.42 10.53 52.74
N LYS E 172 4.11 10.22 52.91
CA LYS E 172 3.08 10.23 51.86
C LYS E 172 2.58 11.64 51.50
N ASP E 173 2.96 12.66 52.28
CA ASP E 173 2.51 14.04 52.11
C ASP E 173 3.50 14.98 51.41
N ILE E 174 4.60 14.43 50.89
CA ILE E 174 5.64 15.20 50.23
C ILE E 174 5.93 14.68 48.83
N VAL E 175 6.15 15.61 47.86
CA VAL E 175 6.52 15.30 46.49
C VAL E 175 7.75 16.12 46.11
N TYR E 176 8.81 15.44 45.64
CA TYR E 176 10.04 16.05 45.16
C TYR E 176 9.96 16.26 43.66
N ILE E 177 10.49 17.42 43.18
CA ILE E 177 10.57 17.74 41.75
C ILE E 177 11.95 18.36 41.44
N GLY E 178 12.66 17.78 40.49
CA GLY E 178 13.95 18.31 40.05
C GLY E 178 15.21 17.65 40.56
N LEU E 179 15.07 16.60 41.41
CA LEU E 179 16.21 15.89 42.03
C LEU E 179 17.25 15.37 41.04
N ARG E 180 18.54 15.58 41.35
CA ARG E 180 19.66 15.16 40.49
C ARG E 180 21.00 15.02 41.27
N ASP E 181 21.00 15.26 42.61
CA ASP E 181 22.19 15.16 43.46
C ASP E 181 21.76 14.68 44.85
N VAL E 182 21.62 13.35 44.99
CA VAL E 182 21.13 12.69 46.20
C VAL E 182 22.23 11.81 46.83
N ASP E 183 22.49 11.97 48.14
CA ASP E 183 23.49 11.19 48.88
C ASP E 183 23.03 9.73 49.09
N PRO E 184 23.94 8.72 49.21
CA PRO E 184 23.49 7.33 49.43
C PRO E 184 22.46 7.15 50.55
N GLY E 185 22.73 7.77 51.71
CA GLY E 185 21.85 7.74 52.87
C GLY E 185 20.46 8.27 52.56
N GLU E 186 20.41 9.38 51.79
CA GLU E 186 19.17 10.04 51.37
C GLU E 186 18.39 9.16 50.41
N HIS E 187 19.07 8.53 49.43
CA HIS E 187 18.43 7.63 48.47
C HIS E 187 17.81 6.43 49.19
N TYR E 188 18.52 5.90 50.22
CA TYR E 188 18.02 4.81 51.06
C TYR E 188 16.71 5.26 51.75
N ILE E 189 16.70 6.46 52.41
CA ILE E 189 15.53 7.04 53.10
C ILE E 189 14.35 7.17 52.14
N LEU E 190 14.60 7.76 50.96
CA LEU E 190 13.63 7.97 49.88
C LEU E 190 12.92 6.66 49.48
N LYS E 191 13.70 5.57 49.30
CA LYS E 191 13.19 4.27 48.86
C LYS E 191 12.51 3.45 49.97
N THR E 192 13.10 3.43 51.20
CA THR E 192 12.56 2.69 52.35
C THR E 192 11.25 3.29 52.87
N LEU E 193 11.10 4.62 52.77
CA LEU E 193 9.90 5.31 53.21
C LEU E 193 8.84 5.39 52.11
N GLY E 194 9.26 5.13 50.87
CA GLY E 194 8.41 5.16 49.69
C GLY E 194 7.86 6.54 49.37
N ILE E 195 8.73 7.57 49.42
CA ILE E 195 8.39 8.96 49.12
C ILE E 195 8.20 9.13 47.61
N LYS E 196 7.16 9.89 47.20
CA LYS E 196 6.90 10.20 45.79
C LYS E 196 7.92 11.24 45.32
N TYR E 197 8.56 10.96 44.17
CA TYR E 197 9.58 11.84 43.62
C TYR E 197 9.62 11.83 42.10
N PHE E 198 9.96 12.99 41.55
CA PHE E 198 10.14 13.17 40.13
C PHE E 198 11.53 13.75 39.99
N SER E 199 12.53 12.87 39.91
CA SER E 199 13.91 13.27 39.65
C SER E 199 13.96 13.81 38.22
N MET E 200 15.12 14.35 37.79
CA MET E 200 15.28 14.87 36.43
C MET E 200 15.03 13.77 35.39
N THR E 201 15.24 12.49 35.76
CA THR E 201 15.00 11.30 34.93
C THR E 201 13.51 11.22 34.60
N GLU E 202 12.64 11.38 35.63
CA GLU E 202 11.17 11.35 35.51
C GLU E 202 10.69 12.55 34.68
N VAL E 203 11.25 13.77 34.95
CA VAL E 203 10.90 14.99 34.20
C VAL E 203 11.22 14.79 32.70
N ASP E 204 12.35 14.14 32.38
CA ASP E 204 12.75 13.84 31.00
C ASP E 204 11.82 12.81 30.36
N ARG E 205 11.49 11.74 31.10
CA ARG E 205 10.61 10.67 30.65
C ARG E 205 9.18 11.13 30.36
N LEU E 206 8.57 11.80 31.32
CA LEU E 206 7.15 12.21 31.29
C LEU E 206 6.84 13.54 30.66
N GLY E 207 7.71 14.52 30.89
CA GLY E 207 7.48 15.90 30.50
C GLY E 207 6.89 16.58 31.72
N ILE E 208 7.10 17.89 31.87
CA ILE E 208 6.63 18.65 33.04
C ILE E 208 5.07 18.69 33.17
N GLY E 209 4.36 18.50 32.05
CA GLY E 209 2.91 18.46 32.03
C GLY E 209 2.38 17.29 32.83
N LYS E 210 2.89 16.08 32.51
CA LYS E 210 2.57 14.81 33.17
C LYS E 210 3.08 14.84 34.63
N VAL E 211 4.29 15.40 34.86
CA VAL E 211 4.90 15.55 36.20
C VAL E 211 3.96 16.31 37.13
N MET E 212 3.45 17.47 36.67
CA MET E 212 2.54 18.31 37.45
C MET E 212 1.17 17.66 37.66
N GLU E 213 0.61 17.04 36.60
CA GLU E 213 -0.67 16.33 36.63
C GLU E 213 -0.61 15.24 37.69
N GLU E 214 0.50 14.46 37.72
CA GLU E 214 0.72 13.38 38.70
C GLU E 214 0.98 13.91 40.11
N THR E 215 1.78 14.99 40.24
CA THR E 215 2.11 15.62 41.54
C THR E 215 0.83 16.11 42.25
N LEU E 216 -0.01 16.89 41.53
CA LEU E 216 -1.24 17.46 42.07
C LEU E 216 -2.32 16.40 42.34
N SER E 217 -2.39 15.33 41.51
CA SER E 217 -3.32 14.21 41.68
C SER E 217 -2.97 13.39 42.91
N TYR E 218 -1.66 13.14 43.12
CA TYR E 218 -1.12 12.36 44.24
C TYR E 218 -1.47 13.00 45.59
N LEU E 219 -1.37 14.35 45.66
CA LEU E 219 -1.63 15.09 46.90
C LEU E 219 -3.10 15.51 47.10
N LEU E 220 -3.75 16.02 46.03
CA LEU E 220 -5.14 16.54 46.07
C LEU E 220 -6.27 15.60 45.61
N GLY E 221 -5.94 14.43 45.06
CA GLY E 221 -6.93 13.47 44.57
C GLY E 221 -7.97 13.03 45.59
N ARG E 222 -7.54 12.79 46.85
CA ARG E 222 -8.40 12.35 47.95
C ARG E 222 -9.30 13.46 48.46
N LYS E 223 -8.73 14.66 48.73
CA LYS E 223 -9.40 15.86 49.23
C LYS E 223 -8.53 17.08 48.92
N LYS E 224 -9.16 18.26 48.74
CA LYS E 224 -8.42 19.51 48.57
C LYS E 224 -7.71 19.77 49.90
N ARG E 225 -6.42 20.13 49.82
CA ARG E 225 -5.60 20.42 51.00
C ARG E 225 -4.66 21.57 50.74
N PRO E 226 -4.20 22.31 51.79
CA PRO E 226 -3.26 23.41 51.55
C PRO E 226 -1.95 22.89 50.98
N ILE E 227 -1.40 23.63 50.02
CA ILE E 227 -0.14 23.27 49.38
C ILE E 227 0.96 24.16 49.90
N HIS E 228 2.07 23.54 50.34
CA HIS E 228 3.27 24.24 50.75
C HIS E 228 4.33 23.97 49.70
N LEU E 229 4.73 25.01 48.98
CA LEU E 229 5.78 24.88 47.99
C LEU E 229 7.09 25.39 48.58
N SER E 230 8.08 24.50 48.71
CA SER E 230 9.39 24.87 49.21
C SER E 230 10.31 24.86 47.99
N PHE E 231 10.56 26.07 47.43
CA PHE E 231 11.34 26.26 46.22
C PHE E 231 12.80 26.64 46.47
N ASP E 232 13.73 25.71 46.18
CA ASP E 232 15.17 25.99 46.21
C ASP E 232 15.48 26.35 44.78
N VAL E 233 16.11 27.52 44.60
CA VAL E 233 16.48 28.02 43.28
C VAL E 233 17.50 27.12 42.54
N ASP E 234 18.28 26.25 43.24
CA ASP E 234 19.22 25.35 42.55
C ASP E 234 18.52 24.14 41.90
N GLY E 235 17.19 24.08 42.05
CA GLY E 235 16.33 23.08 41.42
C GLY E 235 16.26 23.38 39.94
N LEU E 236 16.39 24.69 39.60
CA LEU E 236 16.49 25.18 38.24
C LEU E 236 17.94 25.08 37.82
N ASP E 237 18.18 24.93 36.52
CA ASP E 237 19.52 24.83 35.95
C ASP E 237 20.38 26.08 36.25
N PRO E 238 21.71 25.93 36.51
CA PRO E 238 22.55 27.10 36.82
C PRO E 238 22.70 28.12 35.67
N SER E 239 22.07 27.87 34.51
CA SER E 239 22.06 28.83 33.40
C SER E 239 20.98 29.90 33.66
N PHE E 240 20.07 29.64 34.63
CA PHE E 240 19.00 30.57 35.02
C PHE E 240 19.22 31.10 36.45
N THR E 241 19.71 30.24 37.36
CA THR E 241 19.97 30.59 38.77
C THR E 241 21.43 30.27 39.18
N PRO E 242 22.47 30.90 38.56
CA PRO E 242 23.86 30.56 38.95
C PRO E 242 24.27 30.99 40.36
N ALA E 243 23.76 32.15 40.84
CA ALA E 243 24.06 32.69 42.18
C ALA E 243 23.36 31.89 43.30
N THR E 244 23.87 30.68 43.53
CA THR E 244 23.40 29.72 44.54
C THR E 244 24.57 28.84 45.03
N GLY E 245 24.46 28.38 46.28
CA GLY E 245 25.47 27.59 46.98
C GLY E 245 25.86 26.25 46.41
N THR E 246 24.85 25.42 46.05
CA THR E 246 25.09 24.07 45.54
C THR E 246 24.47 23.90 44.12
N PRO E 247 25.04 24.56 43.08
CA PRO E 247 24.48 24.39 41.72
C PRO E 247 24.81 23.03 41.11
N VAL E 248 23.86 22.47 40.35
CA VAL E 248 24.02 21.19 39.66
C VAL E 248 23.50 21.37 38.25
N VAL E 249 24.31 20.97 37.26
CA VAL E 249 23.97 20.99 35.83
C VAL E 249 22.78 20.06 35.52
N GLY E 250 22.18 20.27 34.35
CA GLY E 250 21.04 19.50 33.88
C GLY E 250 19.77 19.68 34.68
N GLY E 251 19.50 20.92 35.11
CA GLY E 251 18.33 21.23 35.91
C GLY E 251 17.07 21.57 35.14
N LEU E 252 16.04 21.95 35.91
CA LEU E 252 14.76 22.38 35.38
C LEU E 252 14.98 23.68 34.65
N THR E 253 14.34 23.84 33.49
CA THR E 253 14.43 25.06 32.69
C THR E 253 13.61 26.18 33.33
N TYR E 254 13.78 27.42 32.82
CA TYR E 254 13.05 28.63 33.23
C TYR E 254 11.55 28.36 33.02
N ARG E 255 11.22 27.72 31.89
CA ARG E 255 9.89 27.34 31.46
C ARG E 255 9.25 26.29 32.38
N GLU E 256 10.00 25.23 32.72
CA GLU E 256 9.53 24.17 33.61
C GLU E 256 9.24 24.74 35.00
N GLY E 257 10.13 25.62 35.48
CA GLY E 257 9.96 26.32 36.76
C GLY E 257 8.69 27.13 36.80
N LEU E 258 8.41 27.88 35.70
CA LEU E 258 7.21 28.69 35.54
C LEU E 258 5.98 27.81 35.36
N TYR E 259 6.13 26.64 34.70
CA TYR E 259 5.01 25.72 34.51
C TYR E 259 4.55 25.09 35.84
N ILE E 260 5.50 24.67 36.71
CA ILE E 260 5.22 24.08 38.03
C ILE E 260 4.40 25.07 38.86
N THR E 261 4.90 26.31 38.97
CA THR E 261 4.32 27.39 39.75
C THR E 261 2.95 27.85 39.19
N GLU E 262 2.80 27.91 37.85
CA GLU E 262 1.54 28.25 37.18
C GLU E 262 0.46 27.21 37.53
N GLU E 263 0.82 25.91 37.53
CA GLU E 263 -0.10 24.82 37.86
C GLU E 263 -0.53 24.83 39.32
N ILE E 264 0.41 25.10 40.25
CA ILE E 264 0.13 25.23 41.68
C ILE E 264 -0.81 26.42 41.91
N TYR E 265 -0.58 27.56 41.21
CA TYR E 265 -1.46 28.74 41.34
C TYR E 265 -2.90 28.38 40.98
N LYS E 266 -3.09 27.75 39.82
CA LYS E 266 -4.38 27.33 39.25
C LYS E 266 -5.25 26.49 40.21
N THR E 267 -4.64 25.72 41.13
CA THR E 267 -5.38 24.91 42.13
C THR E 267 -6.08 25.83 43.17
N GLY E 268 -5.55 27.05 43.33
CA GLY E 268 -6.02 28.03 44.31
C GLY E 268 -5.77 27.59 45.72
N LEU E 269 -4.87 26.60 45.89
CA LEU E 269 -4.58 25.99 47.18
C LEU E 269 -3.17 26.28 47.72
N LEU E 270 -2.41 27.21 47.09
CA LEU E 270 -1.11 27.60 47.62
C LEU E 270 -1.36 28.33 48.95
N SER E 271 -0.72 27.84 50.01
CA SER E 271 -0.92 28.31 51.37
C SER E 271 0.40 28.72 52.02
N GLY E 272 1.50 28.19 51.50
CA GLY E 272 2.84 28.50 51.98
C GLY E 272 3.88 28.42 50.88
N LEU E 273 4.80 29.39 50.85
CA LEU E 273 5.86 29.44 49.85
C LEU E 273 7.22 29.85 50.42
N ASP E 274 8.28 29.13 50.00
CA ASP E 274 9.68 29.36 50.36
C ASP E 274 10.48 29.60 49.09
N ILE E 275 11.19 30.73 49.01
CA ILE E 275 12.08 31.06 47.89
C ILE E 275 13.45 31.05 48.55
N MET E 276 14.16 29.91 48.43
CA MET E 276 15.42 29.68 49.14
C MET E 276 16.66 29.56 48.29
N GLU E 277 17.80 29.74 48.97
CA GLU E 277 19.17 29.58 48.53
C GLU E 277 19.64 30.60 47.49
N VAL E 278 18.98 31.78 47.42
CA VAL E 278 19.44 32.86 46.54
C VAL E 278 20.63 33.48 47.29
N ASN E 279 21.85 33.30 46.74
CA ASN E 279 23.06 33.86 47.30
C ASN E 279 23.70 34.89 46.34
N PRO E 280 23.46 36.21 46.58
CA PRO E 280 24.04 37.24 45.69
C PRO E 280 25.58 37.40 45.74
N SER E 281 26.26 36.71 46.66
CA SER E 281 27.73 36.74 46.73
C SER E 281 28.37 35.67 45.80
N LEU E 282 27.52 34.81 45.19
CA LEU E 282 28.02 33.71 44.36
C LEU E 282 27.78 33.91 42.87
N GLY E 283 27.56 35.16 42.48
CA GLY E 283 27.40 35.56 41.09
C GLY E 283 28.73 36.00 40.50
N LYS E 284 29.31 35.17 39.59
CA LYS E 284 30.62 35.33 38.91
C LYS E 284 30.81 36.71 38.26
N THR E 285 29.71 37.33 37.85
CA THR E 285 29.67 38.66 37.22
C THR E 285 28.52 39.43 37.93
N PRO E 286 28.34 40.76 37.75
CA PRO E 286 27.17 41.41 38.36
C PRO E 286 25.88 40.88 37.72
N GLU E 287 26.00 40.37 36.47
CA GLU E 287 24.97 39.82 35.60
C GLU E 287 24.40 38.49 36.11
N GLU E 288 25.23 37.65 36.76
CA GLU E 288 24.80 36.35 37.28
C GLU E 288 23.83 36.46 38.45
N VAL E 289 24.03 37.46 39.33
CA VAL E 289 23.21 37.77 40.50
C VAL E 289 21.81 38.17 40.04
N THR E 290 21.74 39.17 39.16
CA THR E 290 20.53 39.71 38.57
C THR E 290 19.75 38.60 37.88
N ARG E 291 20.41 37.75 37.09
CA ARG E 291 19.75 36.63 36.39
C ARG E 291 19.04 35.72 37.39
N THR E 292 19.75 35.31 38.45
CA THR E 292 19.26 34.45 39.54
C THR E 292 18.09 35.11 40.23
N VAL E 293 18.22 36.41 40.57
CA VAL E 293 17.24 37.24 41.27
C VAL E 293 15.97 37.41 40.42
N ASN E 294 16.12 37.82 39.16
CA ASN E 294 15.02 37.97 38.21
C ASN E 294 14.28 36.66 38.04
N THR E 295 15.01 35.52 37.94
CA THR E 295 14.41 34.19 37.82
C THR E 295 13.57 33.88 39.06
N ALA E 296 14.15 34.10 40.26
CA ALA E 296 13.47 33.88 41.55
C ALA E 296 12.21 34.76 41.67
N VAL E 297 12.28 36.03 41.20
CA VAL E 297 11.15 36.97 41.19
C VAL E 297 10.05 36.47 40.24
N ALA E 298 10.44 35.97 39.05
CA ALA E 298 9.52 35.43 38.04
C ALA E 298 8.78 34.20 38.56
N ILE E 299 9.49 33.28 39.24
CA ILE E 299 8.93 32.07 39.86
C ILE E 299 7.84 32.47 40.87
N THR E 300 8.15 33.48 41.72
CA THR E 300 7.29 34.03 42.77
C THR E 300 6.02 34.66 42.18
N LEU E 301 6.15 35.44 41.10
CA LEU E 301 5.00 36.09 40.44
C LEU E 301 4.01 35.07 39.88
N ALA E 302 4.54 33.97 39.29
CA ALA E 302 3.76 32.85 38.75
C ALA E 302 2.99 32.13 39.85
N CYS E 303 3.57 32.06 41.08
CA CYS E 303 2.95 31.43 42.26
C CYS E 303 1.69 32.19 42.65
N PHE E 304 1.64 33.50 42.33
CA PHE E 304 0.52 34.36 42.71
C PHE E 304 -0.27 34.92 41.52
N GLY E 305 -0.36 34.16 40.43
CA GLY E 305 -1.24 34.51 39.31
C GLY E 305 -0.69 34.88 37.96
N LEU E 306 0.54 35.41 37.88
CA LEU E 306 1.11 35.82 36.61
C LEU E 306 1.22 34.65 35.65
N ALA E 307 0.45 34.71 34.55
CA ALA E 307 0.39 33.65 33.53
C ALA E 307 1.00 34.10 32.21
N ARG E 308 1.74 33.19 31.55
CA ARG E 308 2.39 33.48 30.27
C ARG E 308 1.40 33.77 29.13
N GLU E 309 0.20 33.16 29.16
CA GLU E 309 -0.84 33.43 28.14
C GLU E 309 -1.40 34.86 28.26
N GLY E 310 -1.19 35.46 29.43
CA GLY E 310 -1.68 36.79 29.76
C GLY E 310 -2.63 36.77 30.94
N ASN E 311 -2.98 37.95 31.42
CA ASN E 311 -3.89 38.19 32.53
C ASN E 311 -4.70 39.43 32.19
N HIS E 312 -5.95 39.49 32.66
CA HIS E 312 -6.83 40.65 32.49
C HIS E 312 -7.77 40.80 33.66
N LYS E 313 -8.15 42.06 33.98
CA LYS E 313 -9.07 42.41 35.07
C LYS E 313 -10.51 42.07 34.64
N PRO E 314 -11.44 41.75 35.58
CA PRO E 314 -12.82 41.43 35.14
C PRO E 314 -13.66 42.65 34.74
N ILE E 315 -13.27 43.27 33.61
CA ILE E 315 -13.87 44.44 32.96
C ILE E 315 -13.86 44.21 31.44
N ASP E 316 -14.72 44.93 30.69
CA ASP E 316 -14.79 44.81 29.24
C ASP E 316 -13.79 45.80 28.64
N TYR E 317 -12.68 45.27 28.10
CA TYR E 317 -11.60 46.03 27.50
C TYR E 317 -11.96 46.61 26.13
N LEU E 318 -12.90 45.97 25.41
CA LEU E 318 -13.33 46.42 24.08
C LEU E 318 -14.42 47.51 24.13
N ASN E 319 -15.01 47.74 25.31
CA ASN E 319 -16.03 48.75 25.55
C ASN E 319 -15.82 49.36 26.93
N PRO E 320 -14.85 50.28 27.10
CA PRO E 320 -14.60 50.85 28.44
C PRO E 320 -15.59 51.94 28.83
N SER F 2 -42.40 -40.57 -44.76
CA SER F 2 -41.78 -39.76 -43.71
C SER F 2 -42.11 -38.28 -43.91
N ALA F 3 -41.84 -37.45 -42.88
CA ALA F 3 -42.09 -36.00 -42.88
C ALA F 3 -41.34 -35.31 -44.02
N LYS F 4 -41.89 -34.18 -44.55
CA LYS F 4 -41.25 -33.42 -45.64
C LYS F 4 -39.79 -33.11 -45.29
N SER F 5 -39.55 -32.62 -44.06
CA SER F 5 -38.23 -32.30 -43.52
C SER F 5 -37.31 -33.54 -43.34
N ARG F 6 -37.85 -34.79 -43.49
CA ARG F 6 -37.11 -36.06 -43.36
C ARG F 6 -37.07 -36.88 -44.68
N THR F 7 -37.61 -36.33 -45.78
CA THR F 7 -37.61 -37.01 -47.09
C THR F 7 -36.44 -36.45 -47.89
N ILE F 8 -35.47 -37.33 -48.21
CA ILE F 8 -34.19 -36.93 -48.80
C ILE F 8 -33.80 -37.65 -50.09
N GLY F 9 -33.18 -36.88 -50.97
CA GLY F 9 -32.61 -37.35 -52.22
C GLY F 9 -31.11 -37.13 -52.19
N ILE F 10 -30.33 -38.21 -51.98
CA ILE F 10 -28.87 -38.14 -51.88
C ILE F 10 -28.19 -38.14 -53.26
N ILE F 11 -27.34 -37.13 -53.50
CA ILE F 11 -26.55 -36.99 -54.71
C ILE F 11 -25.06 -36.95 -54.35
N GLY F 12 -24.30 -37.86 -54.93
CA GLY F 12 -22.87 -37.90 -54.76
C GLY F 12 -22.23 -37.05 -55.84
N ALA F 13 -21.37 -36.10 -55.46
CA ALA F 13 -20.70 -35.23 -56.42
C ALA F 13 -19.15 -35.34 -56.27
N PRO F 14 -18.55 -36.45 -56.78
CA PRO F 14 -17.09 -36.63 -56.64
C PRO F 14 -16.28 -35.75 -57.58
N PHE F 15 -16.14 -34.45 -57.21
CA PHE F 15 -15.46 -33.44 -58.02
C PHE F 15 -14.42 -32.64 -57.26
N SER F 16 -13.24 -32.43 -57.86
CA SER F 16 -12.12 -31.72 -57.24
C SER F 16 -11.53 -30.54 -58.03
N LYS F 17 -11.75 -30.50 -59.36
CA LYS F 17 -11.14 -29.50 -60.26
C LYS F 17 -11.55 -28.04 -59.99
N GLY F 18 -12.32 -27.79 -58.93
CA GLY F 18 -12.67 -26.43 -58.49
C GLY F 18 -11.55 -25.84 -57.66
N GLN F 19 -10.62 -26.69 -57.19
CA GLN F 19 -9.45 -26.33 -56.38
C GLN F 19 -8.20 -27.20 -56.73
N PRO F 20 -6.98 -26.87 -56.26
CA PRO F 20 -5.80 -27.67 -56.69
C PRO F 20 -5.45 -28.91 -55.88
N ARG F 21 -6.04 -29.09 -54.69
CA ARG F 21 -5.69 -30.24 -53.83
C ARG F 21 -6.53 -31.49 -54.11
N GLY F 22 -5.83 -32.59 -54.42
CA GLY F 22 -6.47 -33.87 -54.72
C GLY F 22 -7.03 -34.53 -53.48
N GLY F 23 -8.11 -35.29 -53.65
CA GLY F 23 -8.75 -36.05 -52.58
C GLY F 23 -10.18 -35.70 -52.22
N VAL F 24 -10.64 -34.47 -52.56
CA VAL F 24 -12.00 -34.00 -52.24
C VAL F 24 -13.07 -34.82 -53.00
N GLU F 25 -12.66 -35.47 -54.13
CA GLU F 25 -13.50 -36.36 -54.96
C GLU F 25 -13.95 -37.55 -54.12
N GLU F 26 -13.14 -37.93 -53.12
CA GLU F 26 -13.39 -39.07 -52.27
C GLU F 26 -14.36 -38.78 -51.13
N GLY F 27 -14.78 -37.50 -51.00
CA GLY F 27 -15.76 -37.04 -50.02
C GLY F 27 -17.04 -37.85 -50.01
N PRO F 28 -17.73 -38.05 -51.18
CA PRO F 28 -18.95 -38.88 -51.17
C PRO F 28 -18.71 -40.32 -50.69
N THR F 29 -17.57 -40.91 -51.08
CA THR F 29 -17.14 -42.27 -50.72
C THR F 29 -16.91 -42.43 -49.21
N VAL F 30 -16.21 -41.48 -48.56
CA VAL F 30 -15.91 -41.57 -47.12
C VAL F 30 -17.15 -41.28 -46.26
N LEU F 31 -18.04 -40.38 -46.71
CA LEU F 31 -19.28 -40.03 -45.99
C LEU F 31 -20.27 -41.20 -46.00
N ARG F 32 -20.31 -41.97 -47.12
CA ARG F 32 -21.16 -43.15 -47.29
C ARG F 32 -20.64 -44.33 -46.48
N LYS F 33 -19.30 -44.58 -46.53
CA LYS F 33 -18.61 -45.64 -45.81
C LYS F 33 -18.81 -45.47 -44.30
N ALA F 34 -18.93 -44.20 -43.84
CA ALA F 34 -19.18 -43.84 -42.44
C ALA F 34 -20.62 -44.20 -42.01
N GLY F 35 -21.43 -44.66 -42.97
CA GLY F 35 -22.81 -45.10 -42.74
C GLY F 35 -23.86 -44.02 -42.66
N LEU F 36 -23.68 -42.90 -43.40
CA LEU F 36 -24.61 -41.76 -43.43
C LEU F 36 -26.05 -42.14 -43.80
N LEU F 37 -26.22 -42.92 -44.87
CA LEU F 37 -27.53 -43.37 -45.38
C LEU F 37 -28.28 -44.22 -44.35
N GLU F 38 -27.55 -45.16 -43.71
CA GLU F 38 -28.06 -46.06 -42.67
C GLU F 38 -28.46 -45.27 -41.42
N LYS F 39 -27.60 -44.34 -40.97
CA LYS F 39 -27.85 -43.51 -39.79
C LYS F 39 -29.02 -42.53 -39.99
N LEU F 40 -29.26 -42.08 -41.25
CA LEU F 40 -30.41 -41.23 -41.57
C LEU F 40 -31.71 -42.04 -41.53
N LYS F 41 -31.68 -43.29 -42.04
CA LYS F 41 -32.82 -44.21 -42.02
C LYS F 41 -33.17 -44.64 -40.59
N GLU F 42 -32.17 -44.63 -39.69
CA GLU F 42 -32.32 -44.94 -38.26
C GLU F 42 -33.12 -43.85 -37.54
N GLN F 43 -33.07 -42.61 -38.08
CA GLN F 43 -33.76 -41.45 -37.55
C GLN F 43 -35.01 -41.13 -38.40
N GLU F 44 -35.77 -42.19 -38.73
CA GLU F 44 -37.05 -42.19 -39.45
C GLU F 44 -37.07 -41.37 -40.77
N CYS F 45 -35.94 -41.33 -41.48
CA CYS F 45 -35.83 -40.63 -42.76
C CYS F 45 -36.17 -41.53 -43.94
N ASP F 46 -36.79 -40.94 -44.97
CA ASP F 46 -37.12 -41.60 -46.23
C ASP F 46 -35.95 -41.21 -47.14
N VAL F 47 -34.97 -42.11 -47.24
CA VAL F 47 -33.73 -41.89 -47.99
C VAL F 47 -33.74 -42.61 -49.32
N LYS F 48 -33.50 -41.87 -50.41
CA LYS F 48 -33.37 -42.38 -51.78
C LYS F 48 -32.00 -41.91 -52.26
N ASP F 49 -31.17 -42.85 -52.74
CA ASP F 49 -29.82 -42.58 -53.22
C ASP F 49 -29.82 -42.53 -54.74
N TYR F 50 -29.52 -41.35 -55.30
CA TYR F 50 -29.46 -41.12 -56.74
C TYR F 50 -28.06 -41.43 -57.30
N GLY F 51 -27.19 -41.95 -56.43
CA GLY F 51 -25.82 -42.35 -56.74
C GLY F 51 -24.84 -41.22 -56.88
N ASP F 52 -23.64 -41.55 -57.42
CA ASP F 52 -22.53 -40.62 -57.66
C ASP F 52 -22.52 -40.20 -59.09
N LEU F 53 -22.51 -38.88 -59.33
CA LEU F 53 -22.49 -38.34 -60.68
C LEU F 53 -21.15 -38.62 -61.36
N PRO F 54 -21.17 -39.16 -62.61
CA PRO F 54 -19.91 -39.38 -63.31
C PRO F 54 -19.44 -38.10 -63.98
N PHE F 55 -18.24 -37.64 -63.64
CA PHE F 55 -17.71 -36.43 -64.26
C PHE F 55 -16.64 -36.79 -65.28
N ALA F 56 -17.10 -36.93 -66.54
CA ALA F 56 -16.27 -37.27 -67.68
C ALA F 56 -15.11 -36.27 -67.82
N ASP F 57 -13.91 -36.81 -68.13
CA ASP F 57 -12.69 -36.01 -68.29
C ASP F 57 -12.79 -35.07 -69.49
N ILE F 58 -12.26 -33.84 -69.32
CA ILE F 58 -12.16 -32.81 -70.34
C ILE F 58 -10.65 -32.57 -70.47
N PRO F 59 -9.98 -33.33 -71.40
CA PRO F 59 -8.51 -33.25 -71.50
C PRO F 59 -7.94 -31.89 -71.92
N ASN F 60 -8.55 -31.20 -72.91
CA ASN F 60 -8.06 -29.90 -73.36
C ASN F 60 -8.79 -28.74 -72.67
N ASP F 61 -8.80 -28.74 -71.31
CA ASP F 61 -9.44 -27.68 -70.53
C ASP F 61 -8.45 -26.60 -70.12
N SER F 62 -8.13 -25.72 -71.08
CA SER F 62 -7.20 -24.59 -70.92
C SER F 62 -7.80 -23.52 -69.97
N PRO F 63 -6.97 -22.78 -69.21
CA PRO F 63 -7.54 -21.80 -68.27
C PRO F 63 -8.09 -20.54 -68.92
N PHE F 64 -9.18 -19.99 -68.33
CA PHE F 64 -9.77 -18.71 -68.76
C PHE F 64 -8.99 -17.70 -67.91
N GLN F 65 -8.00 -17.01 -68.52
CA GLN F 65 -7.11 -16.07 -67.85
C GLN F 65 -6.30 -16.86 -66.76
N ILE F 66 -6.62 -16.66 -65.46
CA ILE F 66 -5.97 -17.38 -64.34
C ILE F 66 -6.88 -18.51 -63.79
N VAL F 67 -8.17 -18.46 -64.18
CA VAL F 67 -9.23 -19.38 -63.76
C VAL F 67 -8.96 -20.80 -64.30
N LYS F 68 -8.61 -21.75 -63.39
CA LYS F 68 -8.25 -23.13 -63.71
C LYS F 68 -9.45 -24.05 -63.92
N ASN F 69 -9.32 -24.96 -64.91
CA ASN F 69 -10.33 -25.96 -65.32
C ASN F 69 -11.75 -25.37 -65.49
N PRO F 70 -11.98 -24.32 -66.33
CA PRO F 70 -13.34 -23.74 -66.41
C PRO F 70 -14.43 -24.66 -66.96
N ARG F 71 -14.15 -25.40 -68.04
CA ARG F 71 -15.12 -26.31 -68.68
C ARG F 71 -15.48 -27.49 -67.78
N SER F 72 -14.50 -28.05 -67.05
CA SER F 72 -14.68 -29.16 -66.11
C SER F 72 -15.61 -28.75 -64.96
N VAL F 73 -15.32 -27.59 -64.33
CA VAL F 73 -16.11 -27.00 -63.24
C VAL F 73 -17.51 -26.62 -63.76
N GLY F 74 -17.55 -26.04 -64.95
CA GLY F 74 -18.79 -25.65 -65.60
C GLY F 74 -19.74 -26.79 -65.89
N LYS F 75 -19.20 -27.89 -66.48
CA LYS F 75 -19.97 -29.10 -66.83
C LYS F 75 -20.43 -29.88 -65.59
N ALA F 76 -19.59 -29.99 -64.56
CA ALA F 76 -19.92 -30.67 -63.30
C ALA F 76 -21.12 -30.00 -62.64
N SER F 77 -21.10 -28.66 -62.56
CA SER F 77 -22.19 -27.85 -61.99
C SER F 77 -23.48 -27.89 -62.86
N GLU F 78 -23.33 -28.01 -64.20
CA GLU F 78 -24.46 -28.13 -65.12
C GLU F 78 -25.17 -29.49 -64.89
N GLN F 79 -24.35 -30.56 -64.71
CA GLN F 79 -24.78 -31.93 -64.43
C GLN F 79 -25.53 -31.96 -63.12
N LEU F 80 -24.92 -31.37 -62.06
CA LEU F 80 -25.49 -31.31 -60.71
C LEU F 80 -26.82 -30.56 -60.68
N ALA F 81 -26.95 -29.45 -61.45
CA ALA F 81 -28.18 -28.66 -61.57
C ALA F 81 -29.36 -29.48 -62.11
N GLY F 82 -29.08 -30.34 -63.07
CA GLY F 82 -30.07 -31.25 -63.64
C GLY F 82 -30.53 -32.29 -62.64
N LYS F 83 -29.57 -32.87 -61.91
CA LYS F 83 -29.82 -33.90 -60.89
C LYS F 83 -30.55 -33.35 -59.65
N VAL F 84 -30.16 -32.15 -59.16
CA VAL F 84 -30.78 -31.47 -58.01
C VAL F 84 -32.25 -31.16 -58.34
N ALA F 85 -32.51 -30.64 -59.57
CA ALA F 85 -33.85 -30.31 -60.07
C ALA F 85 -34.74 -31.55 -60.12
N GLU F 86 -34.18 -32.70 -60.57
CA GLU F 86 -34.85 -34.00 -60.64
C GLU F 86 -35.24 -34.46 -59.22
N VAL F 87 -34.31 -34.32 -58.25
CA VAL F 87 -34.53 -34.66 -56.84
C VAL F 87 -35.64 -33.77 -56.24
N LYS F 88 -35.56 -32.45 -56.53
CA LYS F 88 -36.54 -31.45 -56.06
C LYS F 88 -37.96 -31.68 -56.60
N LYS F 89 -38.08 -32.13 -57.87
CA LYS F 89 -39.37 -32.44 -58.51
C LYS F 89 -40.03 -33.66 -57.87
N ASN F 90 -39.21 -34.59 -57.33
CA ASN F 90 -39.63 -35.81 -56.64
C ASN F 90 -40.01 -35.58 -55.16
N GLY F 91 -40.16 -34.31 -54.78
CA GLY F 91 -40.54 -33.87 -53.44
C GLY F 91 -39.57 -34.28 -52.36
N ARG F 92 -38.26 -34.22 -52.66
CA ARG F 92 -37.22 -34.60 -51.70
C ARG F 92 -36.22 -33.47 -51.49
N ILE F 93 -35.64 -33.38 -50.29
CA ILE F 93 -34.62 -32.40 -49.95
C ILE F 93 -33.31 -32.94 -50.55
N SER F 94 -32.71 -32.18 -51.49
CA SER F 94 -31.48 -32.61 -52.15
C SER F 94 -30.29 -32.54 -51.19
N LEU F 95 -29.56 -33.67 -51.05
CA LEU F 95 -28.40 -33.78 -50.18
C LEU F 95 -27.15 -34.04 -51.03
N VAL F 96 -26.44 -32.97 -51.36
CA VAL F 96 -25.24 -33.01 -52.19
C VAL F 96 -24.02 -33.31 -51.32
N LEU F 97 -23.34 -34.42 -51.63
CA LEU F 97 -22.13 -34.83 -50.95
C LEU F 97 -20.97 -34.44 -51.86
N GLY F 98 -20.22 -33.45 -51.42
CA GLY F 98 -19.06 -32.96 -52.15
C GLY F 98 -17.76 -33.67 -51.75
N GLY F 99 -16.66 -33.37 -52.42
CA GLY F 99 -16.59 -32.39 -53.51
C GLY F 99 -16.31 -30.98 -53.05
N ASP F 100 -15.61 -30.19 -53.90
CA ASP F 100 -15.28 -28.80 -53.60
C ASP F 100 -16.51 -27.91 -53.74
N HIS F 101 -16.48 -26.72 -53.12
CA HIS F 101 -17.61 -25.81 -53.09
C HIS F 101 -18.02 -25.17 -54.44
N SER F 102 -17.29 -25.38 -55.57
CA SER F 102 -17.70 -24.83 -56.89
C SER F 102 -19.01 -25.48 -57.35
N LEU F 103 -19.28 -26.70 -56.84
CA LEU F 103 -20.48 -27.48 -57.10
C LEU F 103 -21.76 -26.77 -56.62
N ALA F 104 -21.63 -25.73 -55.73
CA ALA F 104 -22.75 -24.92 -55.24
C ALA F 104 -23.44 -24.15 -56.39
N ILE F 105 -22.69 -23.85 -57.48
CA ILE F 105 -23.22 -23.19 -58.69
C ILE F 105 -24.36 -24.08 -59.19
N GLY F 106 -24.07 -25.37 -59.35
CA GLY F 106 -25.03 -26.37 -59.81
C GLY F 106 -26.11 -26.72 -58.80
N SER F 107 -25.72 -26.89 -57.53
CA SER F 107 -26.67 -27.22 -56.47
C SER F 107 -27.77 -26.14 -56.27
N ILE F 108 -27.37 -24.86 -56.12
CA ILE F 108 -28.33 -23.76 -55.94
C ILE F 108 -29.12 -23.50 -57.24
N SER F 109 -28.46 -23.52 -58.42
CA SER F 109 -29.13 -23.33 -59.72
C SER F 109 -30.25 -24.36 -59.91
N GLY F 110 -29.90 -25.64 -59.71
CA GLY F 110 -30.81 -26.80 -59.83
C GLY F 110 -31.98 -26.80 -58.86
N HIS F 111 -31.77 -26.22 -57.68
CA HIS F 111 -32.77 -26.06 -56.63
C HIS F 111 -33.71 -24.90 -56.99
N ALA F 112 -33.15 -23.76 -57.47
CA ALA F 112 -33.90 -22.57 -57.86
C ALA F 112 -34.82 -22.78 -59.08
N ARG F 113 -34.54 -23.79 -59.92
CA ARG F 113 -35.37 -24.12 -61.09
C ARG F 113 -36.76 -24.61 -60.63
N VAL F 114 -36.81 -25.30 -59.48
CA VAL F 114 -38.03 -25.85 -58.87
C VAL F 114 -38.57 -24.88 -57.79
N HIS F 115 -37.67 -24.23 -57.01
CA HIS F 115 -38.04 -23.27 -55.97
C HIS F 115 -37.29 -21.93 -56.18
N PRO F 116 -37.82 -21.03 -57.06
CA PRO F 116 -37.09 -19.77 -57.36
C PRO F 116 -36.99 -18.76 -56.22
N ASP F 117 -37.86 -18.87 -55.25
CA ASP F 117 -37.96 -17.99 -54.08
C ASP F 117 -37.06 -18.41 -52.89
N LEU F 118 -36.13 -19.37 -53.11
CA LEU F 118 -35.29 -19.93 -52.04
C LEU F 118 -34.35 -18.89 -51.37
N GLY F 119 -33.98 -19.20 -50.14
CA GLY F 119 -33.04 -18.43 -49.33
C GLY F 119 -31.80 -19.26 -49.07
N VAL F 120 -30.61 -18.64 -49.11
CA VAL F 120 -29.36 -19.37 -48.91
C VAL F 120 -28.71 -19.04 -47.56
N ILE F 121 -28.35 -20.09 -46.79
CA ILE F 121 -27.54 -19.97 -45.57
C ILE F 121 -26.21 -20.62 -45.98
N TRP F 122 -25.14 -19.83 -46.03
CA TRP F 122 -23.80 -20.26 -46.45
C TRP F 122 -22.86 -20.32 -45.24
N VAL F 123 -22.64 -21.55 -44.71
CA VAL F 123 -21.76 -21.76 -43.55
C VAL F 123 -20.38 -22.04 -44.09
N ASP F 124 -19.44 -21.11 -43.81
CA ASP F 124 -18.08 -21.15 -44.32
C ASP F 124 -17.17 -20.19 -43.55
N ALA F 125 -15.84 -20.42 -43.65
CA ALA F 125 -14.84 -19.52 -43.10
C ALA F 125 -14.62 -18.41 -44.17
N HIS F 126 -15.06 -18.72 -45.41
CA HIS F 126 -14.91 -17.97 -46.64
C HIS F 126 -16.21 -17.42 -47.25
N THR F 127 -16.09 -16.35 -48.08
CA THR F 127 -17.28 -15.81 -48.76
C THR F 127 -17.54 -16.52 -50.08
N ASP F 128 -16.48 -17.03 -50.75
CA ASP F 128 -16.58 -17.70 -52.06
C ASP F 128 -17.35 -16.83 -53.07
N ILE F 129 -17.15 -15.49 -53.00
CA ILE F 129 -17.85 -14.51 -53.83
C ILE F 129 -16.90 -13.82 -54.83
N ASN F 130 -15.64 -14.29 -54.95
CA ASN F 130 -14.70 -13.71 -55.93
C ASN F 130 -15.26 -13.95 -57.33
N THR F 131 -15.12 -12.99 -58.22
CA THR F 131 -15.59 -13.15 -59.58
C THR F 131 -14.43 -13.73 -60.38
N PRO F 132 -14.64 -14.29 -61.60
CA PRO F 132 -13.46 -14.76 -62.38
C PRO F 132 -12.38 -13.69 -62.63
N LEU F 133 -12.69 -12.37 -62.41
CA LEU F 133 -11.76 -11.25 -62.57
C LEU F 133 -11.13 -10.74 -61.24
N THR F 134 -11.82 -10.93 -60.10
CA THR F 134 -11.27 -10.49 -58.80
C THR F 134 -10.39 -11.56 -58.17
N THR F 135 -10.61 -12.85 -58.54
CA THR F 135 -9.84 -13.99 -58.02
C THR F 135 -8.33 -13.82 -58.27
N THR F 136 -7.52 -14.19 -57.28
CA THR F 136 -6.06 -14.12 -57.39
C THR F 136 -5.49 -15.54 -57.48
N SER F 137 -6.23 -16.54 -56.96
CA SER F 137 -5.87 -17.96 -56.96
C SER F 137 -6.27 -18.64 -58.27
N GLY F 138 -7.37 -18.18 -58.86
CA GLY F 138 -7.94 -18.72 -60.09
C GLY F 138 -8.72 -20.00 -59.83
N ASN F 139 -9.03 -20.24 -58.57
CA ASN F 139 -9.75 -21.43 -58.14
C ASN F 139 -11.23 -21.12 -58.03
N LEU F 140 -12.02 -21.80 -58.87
CA LEU F 140 -13.47 -21.66 -59.00
C LEU F 140 -14.28 -22.05 -57.76
N HIS F 141 -13.64 -22.66 -56.73
CA HIS F 141 -14.30 -23.04 -55.48
C HIS F 141 -14.44 -21.84 -54.52
N GLY F 142 -13.72 -20.76 -54.83
CA GLY F 142 -13.76 -19.50 -54.07
C GLY F 142 -14.42 -18.38 -54.86
N GLN F 143 -15.28 -18.79 -55.80
CA GLN F 143 -16.00 -17.96 -56.75
C GLN F 143 -17.50 -18.28 -56.89
N PRO F 144 -18.05 -19.44 -56.39
CA PRO F 144 -19.43 -19.79 -56.74
C PRO F 144 -20.52 -18.77 -56.44
N VAL F 145 -20.43 -17.99 -55.34
CA VAL F 145 -21.47 -17.00 -55.02
C VAL F 145 -21.57 -15.91 -56.11
N SER F 146 -20.42 -15.58 -56.77
CA SER F 146 -20.39 -14.58 -57.86
C SER F 146 -21.30 -14.94 -59.05
N PHE F 147 -21.22 -16.21 -59.53
CA PHE F 147 -22.02 -16.76 -60.64
C PHE F 147 -23.51 -16.88 -60.30
N LEU F 148 -23.85 -16.90 -59.00
CA LEU F 148 -25.23 -17.11 -58.56
C LEU F 148 -26.01 -15.82 -58.27
N LEU F 149 -25.30 -14.71 -57.97
CA LEU F 149 -25.91 -13.40 -57.64
C LEU F 149 -26.39 -12.60 -58.84
N LYS F 150 -27.64 -12.09 -58.77
CA LYS F 150 -28.28 -11.27 -59.81
C LYS F 150 -27.60 -9.90 -59.95
N GLU F 151 -27.14 -9.35 -58.82
CA GLU F 151 -26.46 -8.04 -58.75
C GLU F 151 -25.08 -8.05 -59.42
N LEU F 152 -24.46 -9.24 -59.58
CA LEU F 152 -23.14 -9.37 -60.19
C LEU F 152 -23.19 -9.69 -61.69
N LYS F 153 -24.41 -9.61 -62.28
CA LYS F 153 -24.64 -9.80 -63.72
C LYS F 153 -24.06 -8.54 -64.41
N GLY F 154 -23.17 -8.78 -65.36
CA GLY F 154 -22.45 -7.72 -66.07
C GLY F 154 -21.02 -7.61 -65.59
N LYS F 155 -20.72 -8.28 -64.46
CA LYS F 155 -19.39 -8.34 -63.83
C LYS F 155 -18.79 -9.74 -63.96
N ILE F 156 -19.57 -10.71 -64.45
CA ILE F 156 -19.08 -12.07 -64.68
C ILE F 156 -18.80 -12.19 -66.18
N PRO F 157 -17.53 -12.40 -66.61
CA PRO F 157 -17.24 -12.49 -68.04
C PRO F 157 -17.67 -13.84 -68.63
N ASP F 158 -17.64 -13.95 -69.98
CA ASP F 158 -18.00 -15.19 -70.68
C ASP F 158 -16.92 -16.25 -70.41
N VAL F 159 -17.12 -17.05 -69.35
CA VAL F 159 -16.21 -18.13 -68.95
C VAL F 159 -16.62 -19.44 -69.63
N PRO F 160 -15.69 -20.11 -70.38
CA PRO F 160 -16.05 -21.39 -71.03
C PRO F 160 -16.62 -22.42 -70.05
N GLY F 161 -17.77 -22.99 -70.43
CA GLY F 161 -18.49 -23.98 -69.64
C GLY F 161 -19.55 -23.41 -68.72
N PHE F 162 -19.72 -22.09 -68.71
CA PHE F 162 -20.69 -21.42 -67.83
C PHE F 162 -21.79 -20.63 -68.58
N SER F 163 -21.98 -20.86 -69.90
CA SER F 163 -23.02 -20.14 -70.67
C SER F 163 -24.46 -20.55 -70.26
N TRP F 164 -24.62 -21.74 -69.66
CA TRP F 164 -25.89 -22.28 -69.16
C TRP F 164 -26.37 -21.53 -67.89
N VAL F 165 -25.42 -20.90 -67.16
CA VAL F 165 -25.63 -20.19 -65.88
C VAL F 165 -26.49 -18.94 -66.05
N THR F 166 -27.50 -18.83 -65.20
CA THR F 166 -28.38 -17.68 -65.09
C THR F 166 -28.40 -17.32 -63.59
N PRO F 167 -28.04 -16.07 -63.21
CA PRO F 167 -28.09 -15.69 -61.78
C PRO F 167 -29.50 -15.91 -61.24
N CYS F 168 -29.61 -16.70 -60.17
CA CYS F 168 -30.90 -17.10 -59.61
C CYS F 168 -31.19 -16.50 -58.23
N ILE F 169 -30.17 -15.98 -57.52
CA ILE F 169 -30.35 -15.41 -56.19
C ILE F 169 -29.95 -13.95 -56.11
N SER F 170 -30.70 -13.15 -55.35
CA SER F 170 -30.39 -11.74 -55.14
C SER F 170 -29.58 -11.61 -53.84
N ALA F 171 -28.76 -10.56 -53.74
CA ALA F 171 -27.89 -10.26 -52.59
C ALA F 171 -28.61 -10.30 -51.24
N LYS F 172 -29.92 -9.97 -51.22
CA LYS F 172 -30.78 -9.93 -50.04
C LYS F 172 -31.27 -11.35 -49.61
N ASP F 173 -31.02 -12.36 -50.44
CA ASP F 173 -31.48 -13.73 -50.21
C ASP F 173 -30.41 -14.70 -49.68
N ILE F 174 -29.24 -14.17 -49.31
CA ILE F 174 -28.13 -14.99 -48.79
C ILE F 174 -27.65 -14.46 -47.42
N VAL F 175 -27.32 -15.39 -46.50
CA VAL F 175 -26.77 -15.08 -45.17
C VAL F 175 -25.51 -15.93 -44.98
N TYR F 176 -24.39 -15.27 -44.65
CA TYR F 176 -23.13 -15.92 -44.35
C TYR F 176 -22.99 -16.12 -42.86
N ILE F 177 -22.43 -17.28 -42.45
CA ILE F 177 -22.17 -17.60 -41.05
C ILE F 177 -20.77 -18.23 -40.92
N GLY F 178 -19.96 -17.62 -40.07
CA GLY F 178 -18.63 -18.09 -39.71
C GLY F 178 -17.44 -17.51 -40.46
N LEU F 179 -17.67 -16.44 -41.27
CA LEU F 179 -16.61 -15.78 -42.06
C LEU F 179 -15.40 -15.34 -41.20
N ARG F 180 -14.16 -15.60 -41.69
CA ARG F 180 -12.93 -15.20 -40.99
C ARG F 180 -11.70 -15.09 -41.93
N ASP F 181 -11.87 -15.39 -43.25
CA ASP F 181 -10.82 -15.28 -44.27
C ASP F 181 -11.44 -14.81 -45.60
N VAL F 182 -11.58 -13.48 -45.72
CA VAL F 182 -12.21 -12.83 -46.86
C VAL F 182 -11.19 -11.98 -47.64
N ASP F 183 -11.10 -12.15 -48.98
CA ASP F 183 -10.19 -11.37 -49.84
C ASP F 183 -10.65 -9.91 -49.97
N PRO F 184 -9.73 -8.92 -50.20
CA PRO F 184 -10.17 -7.51 -50.37
C PRO F 184 -11.33 -7.30 -51.36
N GLY F 185 -11.23 -7.92 -52.54
CA GLY F 185 -12.26 -7.87 -53.58
C GLY F 185 -13.61 -8.38 -53.11
N GLU F 186 -13.58 -9.50 -52.36
CA GLU F 186 -14.76 -10.12 -51.77
C GLU F 186 -15.40 -9.23 -50.72
N HIS F 187 -14.57 -8.62 -49.82
CA HIS F 187 -15.06 -7.71 -48.78
C HIS F 187 -15.75 -6.51 -49.42
N TYR F 188 -15.18 -5.98 -50.52
CA TYR F 188 -15.76 -4.89 -51.29
C TYR F 188 -17.16 -5.28 -51.79
N ILE F 189 -17.28 -6.47 -52.46
CA ILE F 189 -18.54 -7.01 -53.00
C ILE F 189 -19.59 -7.13 -51.87
N LEU F 190 -19.20 -7.73 -50.75
CA LEU F 190 -20.03 -7.94 -49.55
C LEU F 190 -20.65 -6.62 -49.04
N LYS F 191 -19.82 -5.55 -48.95
CA LYS F 191 -20.24 -4.23 -48.45
C LYS F 191 -21.04 -3.40 -49.45
N THR F 192 -20.62 -3.37 -50.74
CA THR F 192 -21.29 -2.60 -51.81
C THR F 192 -22.67 -3.16 -52.15
N LEU F 193 -22.84 -4.50 -52.04
CA LEU F 193 -24.12 -5.16 -52.32
C LEU F 193 -25.02 -5.22 -51.09
N GLY F 194 -24.43 -4.98 -49.92
CA GLY F 194 -25.13 -4.99 -48.64
C GLY F 194 -25.66 -6.36 -48.24
N ILE F 195 -24.83 -7.40 -48.42
CA ILE F 195 -25.17 -8.79 -48.07
C ILE F 195 -25.15 -8.93 -46.53
N LYS F 196 -26.13 -9.69 -45.99
CA LYS F 196 -26.20 -9.99 -44.57
C LYS F 196 -25.13 -11.05 -44.24
N TYR F 197 -24.34 -10.79 -43.18
CA TYR F 197 -23.27 -11.69 -42.77
C TYR F 197 -23.03 -11.69 -41.26
N PHE F 198 -22.64 -12.84 -40.76
CA PHE F 198 -22.27 -13.04 -39.38
C PHE F 198 -20.89 -13.65 -39.43
N SER F 199 -19.87 -12.79 -39.41
CA SER F 199 -18.49 -13.23 -39.40
C SER F 199 -18.19 -13.71 -37.97
N MET F 200 -17.04 -14.35 -37.74
CA MET F 200 -16.69 -14.84 -36.40
C MET F 200 -16.81 -13.74 -35.34
N THR F 201 -16.60 -12.46 -35.75
CA THR F 201 -16.74 -11.27 -34.90
C THR F 201 -18.17 -11.16 -34.38
N GLU F 202 -19.17 -11.29 -35.28
CA GLU F 202 -20.59 -11.24 -34.97
C GLU F 202 -21.00 -12.43 -34.09
N VAL F 203 -20.50 -13.65 -34.40
CA VAL F 203 -20.76 -14.87 -33.62
C VAL F 203 -20.26 -14.66 -32.18
N ASP F 204 -19.07 -14.03 -32.02
CA ASP F 204 -18.48 -13.73 -30.71
C ASP F 204 -19.29 -12.71 -29.95
N ARG F 205 -19.71 -11.63 -30.64
CA ARG F 205 -20.48 -10.53 -30.09
C ARG F 205 -21.88 -10.96 -29.60
N LEU F 206 -22.65 -11.63 -30.47
CA LEU F 206 -24.03 -12.00 -30.24
C LEU F 206 -24.28 -13.35 -29.57
N GLY F 207 -23.48 -14.34 -29.93
CA GLY F 207 -23.68 -15.72 -29.51
C GLY F 207 -24.45 -16.39 -30.62
N ILE F 208 -24.29 -17.72 -30.79
CA ILE F 208 -24.93 -18.46 -31.86
C ILE F 208 -26.50 -18.47 -31.77
N GLY F 209 -27.05 -18.26 -30.56
CA GLY F 209 -28.48 -18.18 -30.34
C GLY F 209 -29.08 -16.99 -31.06
N LYS F 210 -28.49 -15.79 -30.84
CA LYS F 210 -28.87 -14.53 -31.45
C LYS F 210 -28.57 -14.56 -32.96
N VAL F 211 -27.42 -15.16 -33.36
CA VAL F 211 -27.00 -15.32 -34.77
C VAL F 211 -28.09 -16.05 -35.55
N MET F 212 -28.55 -17.20 -35.01
CA MET F 212 -29.59 -18.02 -35.66
C MET F 212 -30.94 -17.34 -35.68
N GLU F 213 -31.34 -16.71 -34.56
CA GLU F 213 -32.60 -15.96 -34.41
C GLU F 213 -32.66 -14.87 -35.48
N GLU F 214 -31.56 -14.12 -35.67
CA GLU F 214 -31.44 -13.05 -36.68
C GLU F 214 -31.39 -13.59 -38.11
N THR F 215 -30.64 -14.69 -38.35
CA THR F 215 -30.49 -15.34 -39.68
C THR F 215 -31.87 -15.79 -40.20
N LEU F 216 -32.62 -16.55 -39.38
CA LEU F 216 -33.93 -17.08 -39.75
C LEU F 216 -35.01 -15.99 -39.88
N SER F 217 -34.93 -14.92 -39.06
CA SER F 217 -35.86 -13.78 -39.11
C SER F 217 -35.65 -12.96 -40.37
N TYR F 218 -34.37 -12.75 -40.74
CA TYR F 218 -33.96 -11.98 -41.91
C TYR F 218 -34.50 -12.61 -43.20
N LEU F 219 -34.44 -13.94 -43.27
CA LEU F 219 -34.87 -14.68 -44.44
C LEU F 219 -36.37 -15.02 -44.45
N LEU F 220 -36.90 -15.50 -43.31
CA LEU F 220 -38.29 -15.99 -43.24
C LEU F 220 -39.33 -15.00 -42.73
N GLY F 221 -38.89 -13.87 -42.15
CA GLY F 221 -39.75 -12.83 -41.58
C GLY F 221 -40.93 -12.36 -42.42
N ARG F 222 -40.69 -12.17 -43.73
CA ARG F 222 -41.74 -11.72 -44.65
C ARG F 222 -42.67 -12.86 -45.04
N LYS F 223 -42.09 -14.06 -45.32
CA LYS F 223 -42.81 -15.24 -45.80
C LYS F 223 -41.99 -16.53 -45.59
N LYS F 224 -42.67 -17.65 -45.20
CA LYS F 224 -42.01 -18.95 -45.11
C LYS F 224 -41.51 -19.26 -46.53
N ARG F 225 -40.25 -19.70 -46.62
CA ARG F 225 -39.64 -20.00 -47.90
C ARG F 225 -38.69 -21.19 -47.78
N PRO F 226 -38.33 -21.84 -48.92
CA PRO F 226 -37.38 -22.96 -48.83
C PRO F 226 -35.99 -22.45 -48.48
N ILE F 227 -35.30 -23.20 -47.62
CA ILE F 227 -33.96 -22.88 -47.17
C ILE F 227 -32.96 -23.80 -47.85
N HIS F 228 -31.91 -23.21 -48.41
CA HIS F 228 -30.79 -23.95 -48.99
C HIS F 228 -29.59 -23.69 -48.08
N LEU F 229 -29.12 -24.75 -47.41
CA LEU F 229 -27.96 -24.65 -46.55
C LEU F 229 -26.75 -25.18 -47.31
N SER F 230 -25.77 -24.32 -47.57
CA SER F 230 -24.55 -24.72 -48.24
C SER F 230 -23.47 -24.73 -47.15
N PHE F 231 -23.17 -25.94 -46.63
CA PHE F 231 -22.24 -26.16 -45.54
C PHE F 231 -20.86 -26.58 -46.00
N ASP F 232 -19.90 -25.68 -45.82
CA ASP F 232 -18.50 -25.95 -46.10
C ASP F 232 -17.95 -26.32 -44.73
N VAL F 233 -17.34 -27.52 -44.61
CA VAL F 233 -16.80 -28.05 -43.35
C VAL F 233 -15.69 -27.17 -42.74
N ASP F 234 -15.07 -26.27 -43.53
CA ASP F 234 -14.08 -25.37 -42.97
C ASP F 234 -14.73 -24.18 -42.24
N GLY F 235 -16.06 -24.12 -42.25
CA GLY F 235 -16.82 -23.13 -41.50
C GLY F 235 -16.56 -23.40 -40.04
N LEU F 236 -16.43 -24.71 -39.71
CA LEU F 236 -16.09 -25.20 -38.38
C LEU F 236 -14.58 -25.17 -38.17
N ASP F 237 -14.16 -25.02 -36.91
CA ASP F 237 -12.77 -24.96 -36.51
C ASP F 237 -11.97 -26.21 -36.91
N PRO F 238 -10.69 -26.08 -37.34
CA PRO F 238 -9.91 -27.27 -37.74
C PRO F 238 -9.61 -28.28 -36.61
N SER F 239 -10.10 -28.02 -35.38
CA SER F 239 -9.98 -28.98 -34.28
C SER F 239 -11.10 -30.03 -34.39
N PHE F 240 -12.11 -29.76 -35.24
CA PHE F 240 -13.26 -30.66 -35.50
C PHE F 240 -13.26 -31.18 -36.93
N THR F 241 -12.86 -30.34 -37.90
CA THR F 241 -12.79 -30.69 -39.33
C THR F 241 -11.38 -30.41 -39.93
N PRO F 242 -10.30 -31.06 -39.45
CA PRO F 242 -8.96 -30.77 -40.01
C PRO F 242 -8.74 -31.21 -41.46
N ALA F 243 -9.33 -32.35 -41.88
CA ALA F 243 -9.20 -32.90 -43.24
C ALA F 243 -10.02 -32.07 -44.27
N THR F 244 -9.51 -30.86 -44.58
CA THR F 244 -10.10 -29.90 -45.50
C THR F 244 -8.98 -29.04 -46.14
N GLY F 245 -9.24 -28.59 -47.36
CA GLY F 245 -8.30 -27.82 -48.18
C GLY F 245 -7.82 -26.48 -47.68
N THR F 246 -8.74 -25.63 -47.21
CA THR F 246 -8.42 -24.28 -46.73
C THR F 246 -8.84 -24.10 -45.24
N PRO F 247 -8.17 -24.78 -44.27
CA PRO F 247 -8.54 -24.60 -42.86
C PRO F 247 -8.09 -23.26 -42.30
N VAL F 248 -8.92 -22.64 -41.44
CA VAL F 248 -8.64 -21.37 -40.77
C VAL F 248 -9.02 -21.55 -39.30
N VAL F 249 -8.08 -21.19 -38.41
CA VAL F 249 -8.25 -21.24 -36.96
C VAL F 249 -9.36 -20.26 -36.50
N GLY F 250 -9.83 -20.47 -35.27
CA GLY F 250 -10.85 -19.65 -34.62
C GLY F 250 -12.21 -19.81 -35.23
N GLY F 251 -12.56 -21.03 -35.60
CA GLY F 251 -13.82 -21.33 -36.26
C GLY F 251 -14.98 -21.68 -35.37
N LEU F 252 -16.13 -21.98 -36.01
CA LEU F 252 -17.34 -22.40 -35.31
C LEU F 252 -17.06 -23.71 -34.61
N THR F 253 -17.55 -23.85 -33.39
CA THR F 253 -17.36 -25.06 -32.60
C THR F 253 -18.29 -26.17 -33.08
N TYR F 254 -18.07 -27.41 -32.59
CA TYR F 254 -18.88 -28.60 -32.88
C TYR F 254 -20.33 -28.30 -32.46
N ARG F 255 -20.47 -27.67 -31.28
CA ARG F 255 -21.73 -27.25 -30.68
C ARG F 255 -22.46 -26.18 -31.52
N GLU F 256 -21.74 -25.13 -31.96
CA GLU F 256 -22.29 -24.05 -32.79
C GLU F 256 -22.78 -24.63 -34.14
N GLY F 257 -22.00 -25.53 -34.73
CA GLY F 257 -22.35 -26.21 -35.97
C GLY F 257 -23.64 -27.00 -35.84
N LEU F 258 -23.76 -27.74 -34.72
CA LEU F 258 -24.96 -28.52 -34.40
C LEU F 258 -26.13 -27.60 -34.06
N TYR F 259 -25.87 -26.46 -33.42
CA TYR F 259 -26.93 -25.51 -33.08
C TYR F 259 -27.54 -24.85 -34.33
N ILE F 260 -26.70 -24.46 -35.32
CA ILE F 260 -27.13 -23.85 -36.60
C ILE F 260 -28.10 -24.82 -37.31
N THR F 261 -27.65 -26.07 -37.50
CA THR F 261 -28.36 -27.14 -38.20
C THR F 261 -29.65 -27.57 -37.46
N GLU F 262 -29.62 -27.63 -36.11
CA GLU F 262 -30.79 -27.95 -35.28
C GLU F 262 -31.87 -26.88 -35.48
N GLU F 263 -31.48 -25.60 -35.52
CA GLU F 263 -32.41 -24.48 -35.73
C GLU F 263 -33.03 -24.49 -37.12
N ILE F 264 -32.22 -24.78 -38.16
CA ILE F 264 -32.70 -24.89 -39.55
C ILE F 264 -33.69 -26.07 -39.66
N TYR F 265 -33.41 -27.21 -38.99
CA TYR F 265 -34.33 -28.36 -39.01
C TYR F 265 -35.71 -27.97 -38.46
N LYS F 266 -35.71 -27.34 -37.27
CA LYS F 266 -36.90 -26.87 -36.55
C LYS F 266 -37.86 -25.99 -37.37
N THR F 267 -37.36 -25.24 -38.38
CA THR F 267 -38.19 -24.41 -39.26
C THR F 267 -39.07 -25.29 -40.19
N GLY F 268 -38.61 -26.52 -40.43
CA GLY F 268 -39.25 -27.49 -41.32
C GLY F 268 -39.17 -27.06 -42.77
N LEU F 269 -38.28 -26.08 -43.06
CA LEU F 269 -38.13 -25.47 -44.37
C LEU F 269 -36.82 -25.80 -45.11
N LEU F 270 -36.00 -26.75 -44.59
CA LEU F 270 -34.79 -27.19 -45.30
C LEU F 270 -35.25 -27.90 -46.58
N SER F 271 -34.74 -27.44 -47.72
CA SER F 271 -35.12 -27.90 -49.03
C SER F 271 -33.90 -28.36 -49.85
N GLY F 272 -32.73 -27.86 -49.49
CA GLY F 272 -31.47 -28.20 -50.14
C GLY F 272 -30.29 -28.14 -49.19
N LEU F 273 -29.40 -29.13 -49.27
CA LEU F 273 -28.22 -29.22 -48.42
C LEU F 273 -26.95 -29.65 -49.17
N ASP F 274 -25.83 -28.96 -48.88
CA ASP F 274 -24.50 -29.22 -49.42
C ASP F 274 -23.54 -29.47 -48.27
N ILE F 275 -22.86 -30.63 -48.27
CA ILE F 275 -21.83 -30.98 -47.29
C ILE F 275 -20.55 -31.00 -48.13
N MET F 276 -19.81 -29.89 -48.10
CA MET F 276 -18.65 -29.67 -48.97
C MET F 276 -17.30 -29.57 -48.31
N GLU F 277 -16.26 -29.77 -49.13
CA GLU F 277 -14.84 -29.63 -48.87
C GLU F 277 -14.26 -30.67 -47.89
N VAL F 278 -14.93 -31.84 -47.76
CA VAL F 278 -14.38 -32.94 -46.95
C VAL F 278 -13.31 -33.59 -47.83
N ASN F 279 -12.03 -33.45 -47.44
CA ASN F 279 -10.93 -34.04 -48.18
C ASN F 279 -10.19 -35.08 -47.32
N PRO F 280 -10.49 -36.38 -47.53
CA PRO F 280 -9.83 -37.44 -46.72
C PRO F 280 -8.33 -37.64 -46.96
N SER F 281 -7.75 -36.97 -47.98
CA SER F 281 -6.32 -37.04 -48.25
C SER F 281 -5.53 -35.99 -47.42
N LEU F 282 -6.24 -35.10 -46.71
CA LEU F 282 -5.62 -34.01 -45.96
C LEU F 282 -5.64 -34.20 -44.43
N GLY F 283 -5.78 -35.43 -43.98
CA GLY F 283 -5.70 -35.75 -42.56
C GLY F 283 -4.26 -36.07 -42.22
N LYS F 284 -3.66 -35.31 -41.27
CA LYS F 284 -2.27 -35.49 -40.80
C LYS F 284 -2.07 -36.86 -40.14
N THR F 285 -3.17 -37.47 -39.67
CA THR F 285 -3.26 -38.79 -39.05
C THR F 285 -4.56 -39.45 -39.58
N PRO F 286 -4.69 -40.80 -39.58
CA PRO F 286 -5.98 -41.40 -39.98
C PRO F 286 -7.16 -40.93 -39.11
N GLU F 287 -6.89 -40.58 -37.84
CA GLU F 287 -7.86 -40.07 -36.86
C GLU F 287 -8.44 -38.71 -37.28
N GLU F 288 -7.61 -37.79 -37.83
CA GLU F 288 -8.05 -36.47 -38.31
C GLU F 288 -9.08 -36.62 -39.43
N VAL F 289 -8.92 -37.64 -40.29
CA VAL F 289 -9.86 -37.97 -41.37
C VAL F 289 -11.18 -38.44 -40.74
N THR F 290 -11.13 -39.43 -39.82
CA THR F 290 -12.30 -39.99 -39.13
C THR F 290 -13.05 -38.92 -38.34
N ARG F 291 -12.31 -38.00 -37.68
CA ARG F 291 -12.83 -36.88 -36.91
C ARG F 291 -13.63 -35.92 -37.80
N THR F 292 -13.10 -35.58 -39.00
CA THR F 292 -13.73 -34.68 -39.99
C THR F 292 -15.01 -35.29 -40.54
N VAL F 293 -14.96 -36.59 -40.94
CA VAL F 293 -16.08 -37.36 -41.50
C VAL F 293 -17.20 -37.46 -40.46
N ASN F 294 -16.86 -37.83 -39.21
CA ASN F 294 -17.81 -37.93 -38.09
C ASN F 294 -18.50 -36.60 -37.83
N THR F 295 -17.73 -35.48 -37.84
CA THR F 295 -18.27 -34.14 -37.64
C THR F 295 -19.26 -33.81 -38.77
N ALA F 296 -18.86 -34.03 -40.03
CA ALA F 296 -19.70 -33.81 -41.21
C ALA F 296 -20.98 -34.66 -41.17
N VAL F 297 -20.88 -35.93 -40.71
CA VAL F 297 -22.01 -36.85 -40.56
C VAL F 297 -22.96 -36.31 -39.46
N ALA F 298 -22.41 -35.84 -38.33
CA ALA F 298 -23.17 -35.28 -37.21
C ALA F 298 -23.96 -34.03 -37.61
N ILE F 299 -23.32 -33.12 -38.39
CA ILE F 299 -23.93 -31.91 -38.94
C ILE F 299 -25.17 -32.29 -39.78
N THR F 300 -24.99 -33.28 -40.67
CA THR F 300 -26.00 -33.82 -41.59
C THR F 300 -27.18 -34.44 -40.85
N LEU F 301 -26.93 -35.22 -39.78
CA LEU F 301 -27.98 -35.85 -38.98
C LEU F 301 -28.90 -34.81 -38.29
N ALA F 302 -28.31 -33.73 -37.76
CA ALA F 302 -29.06 -32.67 -37.10
C ALA F 302 -29.87 -31.86 -38.11
N CYS F 303 -29.44 -31.80 -39.41
CA CYS F 303 -30.18 -31.16 -40.51
C CYS F 303 -31.50 -31.90 -40.73
N PHE F 304 -31.53 -33.21 -40.43
CA PHE F 304 -32.70 -34.05 -40.65
C PHE F 304 -33.36 -34.60 -39.36
N GLY F 305 -33.29 -33.83 -38.27
CA GLY F 305 -34.00 -34.24 -37.07
C GLY F 305 -33.26 -34.47 -35.79
N LEU F 306 -32.10 -35.15 -35.84
CA LEU F 306 -31.32 -35.53 -34.66
C LEU F 306 -31.05 -34.35 -33.72
N ALA F 307 -31.67 -34.42 -32.52
CA ALA F 307 -31.55 -33.38 -31.49
C ALA F 307 -30.77 -33.85 -30.28
N ARG F 308 -29.92 -32.97 -29.74
CA ARG F 308 -29.09 -33.28 -28.57
C ARG F 308 -29.91 -33.57 -27.31
N GLU F 309 -31.09 -32.89 -27.15
CA GLU F 309 -32.00 -33.10 -26.03
C GLU F 309 -32.62 -34.52 -26.04
N GLY F 310 -32.58 -35.15 -27.22
CA GLY F 310 -33.12 -36.49 -27.45
C GLY F 310 -34.21 -36.48 -28.49
N ASN F 311 -34.61 -37.68 -28.93
CA ASN F 311 -35.68 -37.90 -29.90
C ASN F 311 -36.46 -39.13 -29.46
N HIS F 312 -37.77 -39.16 -29.75
CA HIS F 312 -38.64 -40.31 -29.47
C HIS F 312 -39.75 -40.44 -30.51
N LYS F 313 -40.20 -41.69 -30.76
CA LYS F 313 -41.28 -42.01 -31.71
C LYS F 313 -42.63 -41.64 -31.09
N PRO F 314 -43.69 -41.31 -31.89
CA PRO F 314 -44.98 -40.95 -31.27
C PRO F 314 -45.79 -42.14 -30.73
N ILE F 315 -45.25 -42.79 -29.68
CA ILE F 315 -45.78 -43.95 -28.96
C ILE F 315 -45.56 -43.72 -27.45
N ASP F 316 -46.32 -44.46 -26.62
CA ASP F 316 -46.19 -44.37 -25.16
C ASP F 316 -45.12 -45.35 -24.70
N TYR F 317 -43.95 -44.83 -24.32
CA TYR F 317 -42.80 -45.60 -23.87
C TYR F 317 -42.97 -46.17 -22.46
N LEU F 318 -43.79 -45.51 -21.62
CA LEU F 318 -44.06 -45.93 -20.23
C LEU F 318 -45.15 -47.00 -20.13
N ASN F 319 -45.90 -47.23 -21.23
CA ASN F 319 -46.95 -48.25 -21.31
C ASN F 319 -46.92 -48.89 -22.71
N PRO F 320 -45.96 -49.82 -22.96
CA PRO F 320 -45.89 -50.43 -24.30
C PRO F 320 -46.90 -51.57 -24.47
MN MN G . 29.91 9.69 14.42
MN MN H . 28.65 12.83 14.44
O2 QRJ I . 32.15 13.16 6.18
C8 QRJ I . 30.97 12.79 6.03
O3 QRJ I . 30.60 11.76 5.30
C7 QRJ I . 29.77 13.53 6.67
N QRJ I . 28.52 12.78 6.34
C6 QRJ I . 29.72 14.93 6.03
C5 QRJ I . 30.00 15.99 7.16
C11 QRJ I . 28.76 16.87 7.44
N1 QRJ I . 28.86 17.90 6.33
C10 QRJ I . 30.31 18.24 6.17
C9 QRJ I . 31.03 17.04 6.71
C4 QRJ I . 30.54 15.14 8.33
C3 QRJ I . 29.90 13.75 8.22
C2 QRJ I . 30.67 12.68 8.99
C1 QRJ I . 30.43 12.64 10.49
C QRJ I . 31.34 11.67 11.24
B QRJ I . 31.01 11.71 12.76
O4 QRJ I . 29.58 11.42 13.01
O1 QRJ I . 31.77 10.69 13.55
O QRJ I . 31.30 13.00 13.40
MN MN J . 5.09 40.19 16.25
MN MN K . 6.98 39.58 19.04
O2 QRJ L . 3.62 47.40 21.91
C8 QRJ L . 2.87 46.54 22.35
O3 QRJ L . 1.55 46.62 22.27
C7 QRJ L . 3.36 45.26 23.09
N QRJ L . 2.16 44.37 23.28
C6 QRJ L . 3.92 45.68 24.47
C5 QRJ L . 5.47 45.48 24.46
C11 QRJ L . 6.05 44.47 25.47
N1 QRJ L . 5.94 45.23 26.78
C10 QRJ L . 6.23 46.67 26.47
C9 QRJ L . 6.17 46.76 24.96
C4 QRJ L . 5.79 45.17 22.98
C3 QRJ L . 4.54 44.48 22.42
C2 QRJ L . 4.44 44.41 20.89
C1 QRJ L . 5.27 43.33 20.22
C QRJ L . 5.28 43.47 18.70
B QRJ L . 6.02 42.30 18.01
O4 QRJ L . 5.36 41.00 18.23
O1 QRJ L . 5.97 42.42 16.57
O QRJ L . 7.44 42.23 18.32
MN MN M . 0.77 -10.13 -16.53
MN MN N . -0.63 -13.18 -16.44
O2 QRJ O . 4.14 -13.66 -8.76
C8 QRJ O . 3.03 -13.29 -8.45
O3 QRJ O . 2.79 -12.25 -7.69
C7 QRJ O . 1.72 -13.99 -8.90
N QRJ O . 0.57 -13.20 -8.36
C6 QRJ O . 1.67 -15.43 -8.34
C5 QRJ O . 1.74 -16.42 -9.54
C11 QRJ O . 0.46 -17.24 -9.79
N1 QRJ O . 0.55 -18.22 -8.65
C10 QRJ O . 1.99 -18.62 -8.50
C9 QRJ O . 2.75 -17.56 -9.27
C4 QRJ O . 2.19 -15.53 -10.72
C3 QRJ O . 1.56 -14.16 -10.44
C2 QRJ O . 2.13 -13.01 -11.26
C1 QRJ O . 1.73 -13.02 -12.72
C QRJ O . 2.61 -12.13 -13.58
B QRJ O . 2.10 -12.17 -15.02
O4 QRJ O . 0.65 -11.80 -15.11
O1 QRJ O . 2.80 -11.13 -15.82
O QRJ O . 2.33 -13.50 -15.68
MN MN P . -24.59 -40.02 -15.02
MN MN Q . -23.29 -39.39 -18.14
O2 QRJ R . -27.14 -47.16 -20.17
C8 QRJ R . -27.94 -46.33 -20.54
O3 QRJ R . -29.20 -46.32 -20.18
C7 QRJ R . -27.58 -45.17 -21.49
N QRJ R . -28.82 -44.33 -21.63
C6 QRJ R . -27.18 -45.74 -22.87
C5 QRJ R . -25.71 -45.39 -23.18
C11 QRJ R . -25.57 -44.47 -24.40
N1 QRJ R . -25.60 -45.40 -25.61
C10 QRJ R . -25.25 -46.78 -25.14
C9 QRJ R . -24.93 -46.62 -23.67
C4 QRJ R . -25.17 -44.89 -21.82
C3 QRJ R . -26.34 -44.30 -21.02
C2 QRJ R . -26.12 -44.21 -19.51
C1 QRJ R . -25.17 -43.12 -19.02
C QRJ R . -24.80 -43.29 -17.55
B QRJ R . -23.99 -42.07 -17.02
O4 QRJ R . -24.55 -40.77 -17.31
O1 QRJ R . -23.96 -42.01 -15.56
O QRJ R . -22.61 -42.08 -17.49
MN MN S . 17.37 22.60 49.33
MN MN T . 19.46 22.33 46.81
O2 QRJ U . 24.90 18.61 52.59
C8 QRJ U . 24.19 17.74 52.10
O3 QRJ U . 23.38 16.98 52.79
C7 QRJ U . 24.10 17.48 50.58
N QRJ U . 23.25 16.27 50.38
C6 QRJ U . 25.51 17.22 50.01
C5 QRJ U . 25.92 18.39 49.08
C11 QRJ U . 26.11 18.00 47.60
N1 QRJ U . 27.52 17.50 47.59
C10 QRJ U . 28.32 18.39 48.48
C9 QRJ U . 27.32 18.93 49.46
C4 QRJ U . 24.83 19.45 49.32
C3 QRJ U . 23.56 18.71 49.75
C2 QRJ U . 22.57 19.62 50.50
C1 QRJ U . 22.19 20.90 49.76
C QRJ U . 21.23 21.79 50.54
B QRJ U . 20.24 22.42 49.54
O4 QRJ U . 19.60 21.40 48.73
O1 QRJ U . 19.13 23.09 50.21
O QRJ U . 20.82 23.46 48.66
MN MN V . -16.73 -22.69 -49.51
MN MN W . -14.32 -22.40 -47.15
O2 QRJ X . -9.53 -18.78 -53.79
C8 QRJ X . -10.04 -17.85 -53.17
O3 QRJ X . -10.65 -16.84 -53.73
C7 QRJ X . -9.97 -17.70 -51.62
N QRJ X . -10.77 -16.51 -51.23
C6 QRJ X . -8.49 -17.48 -51.23
C5 QRJ X . -7.98 -18.71 -50.43
C11 QRJ X . -7.57 -18.36 -48.99
N1 QRJ X . -6.24 -17.68 -49.26
C10 QRJ X . -5.53 -18.47 -50.32
C9 QRJ X . -6.65 -19.24 -51.01
C4 QRJ X . -9.12 -19.75 -50.57
C3 QRJ X . -10.41 -18.96 -50.75
C2 QRJ X . -11.54 -19.79 -51.33
C1 QRJ X . -12.23 -20.69 -50.33
C QRJ X . -13.03 -21.79 -51.02
B QRJ X . -13.80 -22.62 -50.00
O4 QRJ X . -14.60 -21.82 -49.06
O1 QRJ X . -14.75 -23.49 -50.70
O QRJ X . -12.95 -23.51 -49.20
#